data_7Q2X
#
_entry.id   7Q2X
#
_cell.length_a   1.00
_cell.length_b   1.00
_cell.length_c   1.00
_cell.angle_alpha   90.00
_cell.angle_beta   90.00
_cell.angle_gamma   90.00
#
_symmetry.space_group_name_H-M   'P 1'
#
loop_
_entity.id
_entity.type
_entity.pdbx_description
1 polymer 'Structural maintenance of chromosomes protein 2'
2 polymer 'Structural maintenance of chromosomes protein 4'
3 polymer 'Condensin complex subunit 2'
4 polymer 'Condensin complex subunit 1'
5 polymer 'DNA (36-MER)'
6 polymer 'DNA (36-MER)'
7 non-polymer "ADENOSINE-5'-DIPHOSPHATE"
8 non-polymer 'BERYLLIUM TRIFLUORIDE ION'
9 non-polymer 'MAGNESIUM ION'
#
loop_
_entity_poly.entity_id
_entity_poly.type
_entity_poly.pdbx_seq_one_letter_code
_entity_poly.pdbx_strand_id
1 'polypeptide(L)'
;MKVEELIIDGFKSYATRTVITDWDPQFNAITGLNGSGKSNILDAICFVLGIASMSTVRASSLQDLIYKRGQAGVTKASVT
IVFDNTDKSNSPIGFTNSPQISVTRQVVLGGTSKYLINGHRAPQQSVLQLFQSVQLNINNPNFLIMQGKITKVLNMKPSE
ILSLIEEAAGTKMFEDRREKAERTMSKKETKLQENRTLLTEEIEPKLEKLRNEKRMFLEFQSTQTDLEKTERIVVSYEYY
NIKHKHTSIRETLENGETRMKMLNEFVKKTSEEIDSLNEDVEEIKLQKEKELHKEGTISKLENKENGLLNEISRLKTSLS
IKVENLNDTTEKSKALESEIASSSAKLIEKKSAYANTEKDYKMVQEQLSKQRDLYKRKEELVSTLTTGISSTGAADGGYN
AQLAKAKTELNEVSLAIKKSSMKMELLKKELLTIEPKLKEATKDNELNVKHVKQCQETCDKLRARLVEYGFDPSRIKDLK
QREDKLKSHYYQTCKNSEYLKRRVTNLEFNYTKPYPNFEASFVHGVVGQLFQIDNDNIRYATALQTCAGGRLFNVVVQDS
QTATQLLERGRLRKRVTIIPLDKIYTRPISSQVLDLAKKIAPGKVELAINLIRFDESITKAMEFIFGNSLICEDPETAKK
ITFHPKIRARSITLQGDVYDPEGTLSGGSRNTSESLLVDIQKYNQIQKQIETIQADLNHVTEELQTQYATSQKTKTIQSD
LNLSLHKLDLAKRNLDANPSSQIIARNEEILRDIGECENEIKTKQMSLKKCQEEVSTIEKDMKEYDSDKGSKLNELKKEL
KLLAKELEEQESESERKYDLFQNLELETEQLSSELDSNKTLLHNHLKSIESLKLENSDLEGKIRGVEDDLVTVQTELNEE
KKRLMDIDDELNELETLIKKKQDEKKSSELELQKLVHDLNKYKSNTNNMEKIIEDLRQKHEFLEDFDLVRNIVKQNEGID
LDTYRERSKQLNEKFQELRKKVNPNIMNMIENVEKKEAALKTMIKTIEKDKMKIQETISKLNEYKRETLVKTWEKVTLDF
GNIFADLLPNSFAKLVPCEGKDVTQGLEVKVKLGNIWKESLIELSGGQRSLIALSLIMALLQFRPAPMYILDEVDAALDL
SHTQNIGHLIKTRFKGSQFIVVSLKEGMFANANRVFRTRFQDGTSVVSIM
;
A
2 'polypeptide(L)'
;MSDSPLSKRQKRKSAQEPELSLDQGDAEEDSQVENRVNLSENTPEPDLPALEASYSKSYTPRKLVLSSGENRYAFSQPTN
STTTSLHVPNLQPPKTSSRGRDHKSYSQSPPRSPGRSPTRRLELLQLSPVKNSRVELQKIYDRHQSSSKQQSRLFINELV
LENFKSYAGKQVVGPFHTSFSAVVGPNGSGKSNVIDSMLFVFGFRANKMRQDRLSDLIHKSEAFPSLQSCSVAVHFQYVI
DESSGTSRIDEEKPGLIITRKAFKNNSSKYYINEKESSYTEVTKLLKNEGIDLDHKRFLILQGEVENIAQMKPKAEKESD
DGLLEYLEDIIGTANYKPLIEERMGQIENLNEVCLEKENRFEIVDREKNSLESGKETALEFLEKEKQLTLLRSKLFQFKL
LQSNSKLASTLEKISSSNKDLEDEKMKFQESLKKVDEIKAQRKEIKDRISSCSSKEKTLVLERRELEGTRVSLEERTKNL
VSKMEKAEKTLKSTKHSISEAENMLEELRGQQTEHETEIKDLTQLLEKERSILDDIKLSLKDKTKNISAEIIRHEKELEP
WDLQLQEKESQIQLAESELSLLEETQAKLKKNVETLEEKILAKKTHKQELQDLILDLKKKLNSLKDERSQGEKNFTSAHL
KLKEMQKVLNAHRQRAMEARSSLSKAQNKSKVLTALSRLQKSGRINGFHGRLGDLGVIDDSFDVAISTACPRLDDVVVDT
VECAQHCIDYLRKNKLGYARFILLDRLRQFNLQPISTPENVPRLFDLVKPKNPKFSNAFYSVLRDTLVAQNLKQANNVAY
GKKRFRVVTVDGKLIDISGTMSGGGNHVAKGLMKLGTNQSDKVDDYTPEEVDKIERELSERENNFRVASDTVHEMEEELK
KLRDHEPDLESQISKAEMEADSLASELTLAEQQVKEAEMAYVKAVSDKAQLNVVMKNLERLRGEYNDLQSETKTKKEKIK
GLQDEIMKIGGIKLQMQNSKVESVCQKLDILVAKLKKVKSASKKSGGDVVKFQKLLQNSERDVELSSDELKVIEEQLKHT
KLALAENDTNMNETLNLKVELKEQSEQLKEQMEDMEESINEFKSIEIEMKNKLEKLNSLLTYIKSEITQQEKGLNELSIR
DVTHTLGMLDDNKMDSVKEDVKNNQELDQEYRSCETQDESEIKDAETSCDNYHPMNIDETSDEVSRGIPRLSEDELRELD
VELIESKINELSYYVEETNVDIGVLEEYARRLAEFKRRKLDLNNAVQKRDEVKEQLGILKKKRFDEFMAGFNIISMTLKE
MYQMITMGGNAELELVDSLDPFSEGVTFSVMPPKKSWRNITNLSGGEKTLSSLALVFALHKYKPTPLYVMDEIDAALDFR
NVSIVANYIKERTKNAQFIVISLRNNMFELAQQLVGVYKRDNRTKSTTIKNIDILNRT
;
B
3 'polypeptide(L)'
;MTTQLRYENNDDDERVEYNLFTNRSTMMANFEEWIKMATDNKINSRNSWNFALIDYFYDLDVLKDGENNINFQKASATLD
GCIKIYSSRVDSVTTETGKLLSGLAQRKTNGASNGDDSNGGNGEGLGGDSDEANIEIDPLTGMPISNDPDVNNTRRRVYN
RVLETTLVEFETIKMKELDQELIIDPLFKKALVDFDEGGAKSLLLNTLNIDNTARVIFDASIKDTQNVGQGKLQRKEEEL
IERDSLVDDENEPSQSLISTRNDSTVNDSVISAPSMEDEILSLGMDFIKFDQIAVCEISGSIEQLRNVVEDINQAKDFIE
NVNNRFDNFLTEEELQAAVPDNAEDDSDGFDMGMQQELCYPDENHDNTSHDEQDDDNVNSTTGSIFEKDLMAYFDENLNR
NWRGREHWKVRNFKKANLVNKESDLLEETRTTIGDTTDKNTTDDKSMDTKKKHKQKKVLEIDFFKTDDSFEDKVFASKGR
TKIDMPIKNRKNDTHYLLPDDFHFSTDRITRLFIKPGQKMSLFSHRKHTRGDVSSGLFEKSTVSANHSNNDIPTIADEHF
WADNYERKEQEEKEKEQSKEVGDVVGGALDNPFEDDMDGVDFNQAFEGTDDNEEASVKLDLQDDEDHKFPIRENKVTYSR
VSKKVDVRRLKKNVWRSINNLIQEHDSRKNREQSSNDSETHTEDESTKELKFSDIIQGISKMYSDDTLKDISTSFCFICL
LHLANEHGLQITHTENYNDLIVNYEDLATTQAAS
;
C
4 'polypeptide(L)'
;MSGFSLSEYLTKFQTTDRESYPRLQDPSRELNVIIDQLAVSPEQIDASPDSLEALIDLCHDFPHLTPKLQTQLSYLISSS
LSNLSKDIKANLSSNVNFTEIGGLIPQWKRHLEEYGYLIQVLLTFLQDELHKVSSQSTNLNRSAKNSKNDSANVELFKRD
CNQMENLLESITKLLEINLSKIFQTTPEKDLFIGLFTRPLFVLLEIEPVTKVSSLKMFIQRILAMCVKNHGQSSSIQSSL
MTNLTYFLHLSVFNAELLKLLNDEYNYPQLTEDILKEISTRVFNAKDTTGPKAISNFLIKLSELSPGIMLRQMNLVITLL
NNSSITLRCSVVEACGNIVAELAQDPQTMEHYKQQIAVLIELLEERFQDSNPYVRTKAIQGCSKICDLSSKFNKSKAKFT
SLAVRSLQDRSSLVRRNSVKLLSKLLLKHPFKAIHGSQLRLSEWEEYLKGSESQLNSTLKKVESQETLNDTIERSLIEEE
VEQDEGQCRTELEGSFNKSAELSRIENEVENINATNTSVLMKLKLMIVYYKDAISFIKEIHKSIELISNLLFSKNRNEVL
ESMDFLVLADAFDIELSEFGIKKMLHLVWMKGTNDEGTSISVHLIECYKQLFLTAPDSCNMQEKAAHIAKNLINLSIGAS
IADLASLEQLLGMMYEQKLIDQHVINILWAIYNSASKASMQKEQNVNNRDSEKGFSKEQIHGSIIILGMLSLADNEIALK
GLESLLNIGLGAVGLKDLTLCRYSCLALERMVPKRSTIITKAINQELEDVAVKKLYAIIINYTKDNEYYPMCEQALSALF
TISSKPDILATDLIREKTMMTFGKPEEEDSILSLEQSSRVVSLSQLLFIVGQVAIKTLVYLEKCEAEFKKRKIEAETRNG
KVKNQGADVTNTTQDNGGDKELEMIGGTNEDDFTDAIQFVKENELLFGEKSILGKFCPIVEEIVSNSSRFSDPMLQRTAT
LCLEKLMCLSSKYCEKSLPLLITVMEKSPDPTIRSNAVLGLGDMAVCFNNLVDENTDYLYRRLHDENLMVQRTCLMTVTF
LILAGQVKVKGQLGEMAKCLDNPDQGISDMCRLFFTELASKDNAIYNGFIDIFSNLSSDDLLGKESFKKIIKFLLTFIDK
ERHQKQLNEKLVGRLRKCETQKQWDDIAFVLNNLPYKNEDVTALLEQGFKVVSAKE
;
D
5 'polydeoxyribonucleotide'
;(DA)(DA)(DA)(DA)(DA)(DA)(DA)(DA)(DA)(DA)(DA)(DA)(DA)(DA)(DA)(DA)(DA)(DA)(DA)(DA)
(DA)(DA)(DA)(DA)(DA)(DA)(DA)(DA)(DA)(DA)(DA)(DA)(DA)(DA)(DA)(DA)
;
F
6 'polydeoxyribonucleotide'
;(DT)(DT)(DT)(DT)(DT)(DT)(DT)(DT)(DT)(DT)(DT)(DT)(DT)(DT)(DT)(DT)(DT)(DT)(DT)(DT)
(DT)(DT)(DT)(DT)(DT)(DT)(DT)(DT)(DT)(DT)(DT)(DT)(DT)(DT)(DT)(DT)
;
G
#
loop_
_chem_comp.id
_chem_comp.type
_chem_comp.name
_chem_comp.formula
ADP non-polymer ADENOSINE-5'-DIPHOSPHATE 'C10 H15 N5 O10 P2'
BEF non-polymer 'BERYLLIUM TRIFLUORIDE ION' 'Be F3 -1'
DA DNA linking 2'-DEOXYADENOSINE-5'-MONOPHOSPHATE 'C10 H14 N5 O6 P'
DT DNA linking THYMIDINE-5'-MONOPHOSPHATE 'C10 H15 N2 O8 P'
MG non-polymer 'MAGNESIUM ION' 'Mg 2'
#
# COMPACT_ATOMS: atom_id res chain seq x y z
N MET A 1 -8.51 -9.37 25.31
CA MET A 1 -8.64 -9.05 23.89
C MET A 1 -8.13 -10.20 23.03
N LYS A 2 -8.98 -10.69 22.12
CA LYS A 2 -8.64 -11.81 21.25
C LYS A 2 -9.22 -11.58 19.86
N VAL A 3 -8.54 -12.07 18.83
CA VAL A 3 -8.97 -11.82 17.46
C VAL A 3 -10.26 -12.59 17.19
N GLU A 4 -11.24 -11.90 16.58
CA GLU A 4 -12.49 -12.51 16.16
C GLU A 4 -12.50 -12.83 14.67
N GLU A 5 -12.18 -11.85 13.83
CA GLU A 5 -12.21 -12.02 12.38
C GLU A 5 -11.10 -11.19 11.76
N LEU A 6 -10.69 -11.59 10.56
CA LEU A 6 -9.63 -10.90 9.82
C LEU A 6 -10.08 -10.72 8.38
N ILE A 7 -9.95 -9.50 7.87
CA ILE A 7 -10.36 -9.16 6.51
C ILE A 7 -9.13 -8.72 5.73
N ILE A 8 -8.90 -9.36 4.58
CA ILE A 8 -7.75 -9.06 3.73
C ILE A 8 -8.27 -8.74 2.34
N ASP A 9 -7.91 -7.57 1.81
CA ASP A 9 -8.36 -7.14 0.49
C ASP A 9 -7.17 -6.59 -0.28
N GLY A 10 -6.86 -7.23 -1.41
CA GLY A 10 -5.83 -6.73 -2.30
C GLY A 10 -4.43 -6.80 -1.77
N PHE A 11 -4.16 -7.64 -0.78
CA PHE A 11 -2.86 -7.75 -0.14
C PHE A 11 -2.17 -9.02 -0.62
N LYS A 12 -1.08 -8.87 -1.35
CA LYS A 12 -0.23 -9.97 -1.82
C LYS A 12 -1.10 -10.94 -2.63
N SER A 13 -1.18 -12.22 -2.28
CA SER A 13 -1.95 -13.17 -3.07
C SER A 13 -3.45 -12.92 -2.97
N TYR A 14 -3.92 -12.41 -1.82
CA TYR A 14 -5.35 -12.20 -1.60
C TYR A 14 -5.81 -10.95 -2.36
N ALA A 15 -5.98 -11.13 -3.67
CA ALA A 15 -6.40 -10.02 -4.52
C ALA A 15 -7.80 -9.54 -4.17
N THR A 16 -8.73 -10.46 -3.95
CA THR A 16 -10.11 -10.11 -3.63
C THR A 16 -10.25 -9.86 -2.14
N ARG A 17 -11.48 -9.53 -1.72
CA ARG A 17 -11.78 -9.29 -0.32
C ARG A 17 -12.19 -10.61 0.32
N THR A 18 -11.32 -11.13 1.20
CA THR A 18 -11.57 -12.38 1.91
C THR A 18 -11.74 -12.09 3.39
N VAL A 19 -12.63 -12.84 4.04
CA VAL A 19 -12.89 -12.71 5.46
C VAL A 19 -12.69 -14.09 6.10
N ILE A 20 -11.97 -14.11 7.23
CA ILE A 20 -11.79 -15.32 8.01
C ILE A 20 -12.41 -15.07 9.38
N THR A 21 -13.41 -15.88 9.73
CA THR A 21 -14.14 -15.68 10.97
C THR A 21 -14.15 -16.95 11.80
N ASP A 22 -14.92 -16.94 12.89
CA ASP A 22 -15.03 -18.09 13.80
C ASP A 22 -13.67 -18.52 14.33
N TRP A 23 -12.83 -17.54 14.66
CA TRP A 23 -11.50 -17.81 15.19
C TRP A 23 -11.64 -18.38 16.60
N ASP A 24 -11.21 -19.61 16.80
CA ASP A 24 -11.30 -20.24 18.11
C ASP A 24 -10.21 -19.67 19.02
N PRO A 25 -10.55 -19.09 20.17
CA PRO A 25 -9.52 -18.54 21.05
C PRO A 25 -8.59 -19.59 21.66
N GLN A 26 -8.95 -20.87 21.58
CA GLN A 26 -8.14 -21.90 22.23
C GLN A 26 -6.86 -22.18 21.44
N PHE A 27 -7.00 -22.64 20.20
CA PHE A 27 -5.83 -23.02 19.41
C PHE A 27 -6.23 -23.05 17.94
N ASN A 28 -5.53 -22.26 17.13
CA ASN A 28 -5.79 -22.17 15.70
C ASN A 28 -4.55 -22.58 14.93
N ALA A 29 -4.74 -23.28 13.82
CA ALA A 29 -3.67 -23.70 12.94
C ALA A 29 -4.05 -23.42 11.49
N ILE A 30 -3.04 -23.20 10.66
CA ILE A 30 -3.21 -22.93 9.24
C ILE A 30 -2.40 -23.93 8.45
N THR A 31 -3.02 -24.55 7.45
CA THR A 31 -2.39 -25.55 6.62
C THR A 31 -2.67 -25.27 5.14
N GLY A 32 -1.96 -25.98 4.29
CA GLY A 32 -2.13 -25.83 2.86
C GLY A 32 -0.88 -26.23 2.11
N LEU A 33 -0.95 -26.10 0.79
CA LEU A 33 0.18 -26.38 -0.06
C LEU A 33 1.20 -25.24 0.02
N ASN A 34 2.39 -25.49 -0.54
CA ASN A 34 3.43 -24.47 -0.57
C ASN A 34 3.00 -23.32 -1.48
N GLY A 35 3.16 -22.09 -1.00
CA GLY A 35 2.78 -20.93 -1.76
C GLY A 35 1.30 -20.63 -1.77
N SER A 36 0.50 -21.33 -0.96
CA SER A 36 -0.94 -21.10 -0.94
C SER A 36 -1.27 -19.73 -0.39
N GLY A 37 -0.54 -19.27 0.63
CA GLY A 37 -0.83 -18.01 1.27
C GLY A 37 -0.90 -18.09 2.77
N LYS A 38 -0.39 -19.19 3.34
CA LYS A 38 -0.42 -19.36 4.79
C LYS A 38 0.39 -18.27 5.49
N SER A 39 1.59 -17.98 4.98
CA SER A 39 2.41 -16.92 5.57
C SER A 39 1.90 -15.54 5.21
N ASN A 40 1.05 -15.43 4.19
CA ASN A 40 0.49 -14.12 3.85
C ASN A 40 -0.46 -13.62 4.94
N ILE A 41 -1.15 -14.52 5.63
CA ILE A 41 -1.98 -14.11 6.75
C ILE A 41 -1.13 -13.50 7.86
N LEU A 42 0.00 -14.15 8.17
CA LEU A 42 0.89 -13.61 9.19
C LEU A 42 1.50 -12.28 8.73
N ASP A 43 1.81 -12.17 7.44
CA ASP A 43 2.31 -10.91 6.92
C ASP A 43 1.28 -9.80 7.06
N ALA A 44 0.00 -10.12 6.80
CA ALA A 44 -1.07 -9.15 6.98
C ALA A 44 -1.21 -8.74 8.45
N ILE A 45 -1.08 -9.70 9.35
CA ILE A 45 -1.15 -9.40 10.78
C ILE A 45 0.00 -8.48 11.18
N CYS A 46 1.20 -8.75 10.67
CA CYS A 46 2.33 -7.87 10.93
C CYS A 46 2.10 -6.48 10.37
N PHE A 47 1.52 -6.40 9.17
CA PHE A 47 1.28 -5.11 8.53
C PHE A 47 0.26 -4.28 9.32
N VAL A 48 -0.83 -4.91 9.78
CA VAL A 48 -1.88 -4.15 10.45
C VAL A 48 -1.41 -3.67 11.82
N LEU A 49 -0.37 -4.29 12.38
CA LEU A 49 0.21 -3.86 13.65
C LEU A 49 1.31 -2.81 13.48
N GLY A 50 1.54 -2.33 12.27
CA GLY A 50 2.52 -1.29 12.04
C GLY A 50 3.95 -1.78 11.91
N ILE A 51 4.19 -2.63 10.92
CA ILE A 51 5.54 -3.12 10.67
C ILE A 51 6.44 -1.96 10.24
N ALA A 52 7.66 -1.95 10.76
CA ALA A 52 8.66 -0.95 10.38
C ALA A 52 9.71 -1.52 9.44
N SER A 53 10.27 -2.67 9.79
CA SER A 53 11.23 -3.36 8.93
C SER A 53 10.47 -4.02 7.79
N MET A 54 10.49 -3.39 6.62
CA MET A 54 9.70 -3.90 5.48
C MET A 54 10.26 -5.23 4.98
N SER A 55 11.58 -5.43 5.10
CA SER A 55 12.18 -6.68 4.63
C SER A 55 11.63 -7.90 5.37
N THR A 56 11.00 -7.70 6.52
CA THR A 56 10.37 -8.80 7.23
C THR A 56 9.23 -9.42 6.43
N VAL A 57 8.53 -8.62 5.61
CA VAL A 57 7.42 -9.16 4.82
C VAL A 57 7.90 -9.44 3.41
N ARG A 58 9.22 -9.54 3.23
CA ARG A 58 9.83 -9.91 1.95
C ARG A 58 9.45 -8.94 0.84
N ALA A 59 9.40 -7.65 1.17
CA ALA A 59 9.07 -6.61 0.21
C ALA A 59 10.08 -5.48 0.29
N SER A 60 10.41 -4.91 -0.87
CA SER A 60 11.31 -3.77 -0.92
C SER A 60 10.65 -2.46 -0.48
N SER A 61 9.33 -2.36 -0.61
CA SER A 61 8.61 -1.15 -0.26
C SER A 61 7.13 -1.49 -0.15
N LEU A 62 6.34 -0.47 0.20
CA LEU A 62 4.89 -0.65 0.29
C LEU A 62 4.28 -0.99 -1.07
N GLN A 63 4.91 -0.54 -2.16
CA GLN A 63 4.40 -0.84 -3.50
C GLN A 63 4.33 -2.34 -3.75
N ASP A 64 5.29 -3.10 -3.24
CA ASP A 64 5.28 -4.54 -3.40
C ASP A 64 4.17 -5.21 -2.59
N LEU A 65 3.56 -4.48 -1.65
CA LEU A 65 2.48 -5.06 -0.84
C LEU A 65 1.17 -5.17 -1.59
N ILE A 66 1.01 -4.43 -2.69
CA ILE A 66 -0.19 -4.55 -3.51
C ILE A 66 -0.22 -5.92 -4.18
N TYR A 67 -1.39 -6.29 -4.71
CA TYR A 67 -1.56 -7.60 -5.33
C TYR A 67 -0.54 -7.84 -6.43
N LYS A 68 -0.35 -6.86 -7.31
CA LYS A 68 0.69 -6.94 -8.34
C LYS A 68 1.39 -5.60 -8.51
N ARG A 69 1.73 -4.97 -7.38
CA ARG A 69 2.39 -3.67 -7.38
C ARG A 69 1.56 -2.61 -8.09
N GLY A 70 0.24 -2.71 -7.95
CA GLY A 70 -0.66 -1.75 -8.58
C GLY A 70 -0.60 -1.73 -10.09
N GLN A 71 -0.51 -2.91 -10.71
CA GLN A 71 -0.40 -3.02 -12.16
C GLN A 71 -1.43 -3.94 -12.80
N ALA A 72 -2.29 -4.60 -12.02
CA ALA A 72 -3.23 -5.57 -12.55
C ALA A 72 -4.64 -5.27 -12.06
N GLY A 73 -5.04 -4.01 -12.11
CA GLY A 73 -6.37 -3.62 -11.73
C GLY A 73 -6.64 -3.58 -10.24
N VAL A 74 -5.60 -3.73 -9.41
CA VAL A 74 -5.74 -3.65 -7.96
C VAL A 74 -4.88 -2.49 -7.48
N THR A 75 -5.51 -1.55 -6.78
CA THR A 75 -4.82 -0.34 -6.31
C THR A 75 -4.84 -0.21 -4.80
N LYS A 76 -5.94 -0.54 -4.15
CA LYS A 76 -6.09 -0.39 -2.71
C LYS A 76 -5.91 -1.74 -2.03
N ALA A 77 -4.95 -1.80 -1.10
CA ALA A 77 -4.68 -3.00 -0.31
C ALA A 77 -5.03 -2.68 1.15
N SER A 78 -6.05 -3.34 1.67
CA SER A 78 -6.55 -3.08 3.02
C SER A 78 -6.52 -4.35 3.84
N VAL A 79 -6.09 -4.21 5.10
CA VAL A 79 -6.12 -5.30 6.07
C VAL A 79 -6.90 -4.83 7.29
N THR A 80 -7.88 -5.61 7.70
CA THR A 80 -8.73 -5.26 8.83
C THR A 80 -8.72 -6.41 9.84
N ILE A 81 -8.50 -6.08 11.11
CA ILE A 81 -8.48 -7.06 12.18
C ILE A 81 -9.42 -6.58 13.29
N VAL A 82 -10.29 -7.47 13.75
CA VAL A 82 -11.29 -7.16 14.77
C VAL A 82 -10.94 -7.91 16.04
N PHE A 83 -10.92 -7.21 17.16
CA PHE A 83 -10.60 -7.78 18.46
C PHE A 83 -11.81 -7.79 19.37
N ASP A 84 -11.75 -8.63 20.40
CA ASP A 84 -12.76 -8.74 21.43
C ASP A 84 -12.13 -8.36 22.76
N ASN A 85 -12.83 -7.50 23.51
CA ASN A 85 -12.34 -6.98 24.78
C ASN A 85 -13.25 -7.43 25.93
N THR A 86 -13.68 -8.70 25.91
CA THR A 86 -14.52 -9.21 26.98
C THR A 86 -13.78 -9.20 28.31
N ASP A 87 -12.51 -9.58 28.31
CA ASP A 87 -11.70 -9.61 29.52
C ASP A 87 -11.11 -8.23 29.78
N LYS A 88 -11.40 -7.68 30.96
CA LYS A 88 -10.90 -6.34 31.30
C LYS A 88 -9.43 -6.34 31.66
N SER A 89 -8.87 -7.50 32.03
CA SER A 89 -7.46 -7.56 32.41
C SER A 89 -6.55 -7.24 31.23
N ASN A 90 -6.89 -7.76 30.05
CA ASN A 90 -6.10 -7.53 28.85
C ASN A 90 -6.53 -6.30 28.07
N SER A 91 -7.48 -5.53 28.59
CA SER A 91 -7.97 -4.35 27.89
C SER A 91 -6.89 -3.28 27.81
N PRO A 92 -6.87 -2.51 26.72
CA PRO A 92 -5.91 -1.39 26.61
C PRO A 92 -6.23 -0.32 27.64
N ILE A 93 -5.28 0.62 27.77
CA ILE A 93 -5.39 1.66 28.78
C ILE A 93 -6.52 2.63 28.45
N GLY A 94 -6.70 2.95 27.17
CA GLY A 94 -7.69 3.93 26.76
C GLY A 94 -8.89 3.41 25.99
N PHE A 95 -9.06 2.10 25.86
CA PHE A 95 -10.17 1.54 25.11
C PHE A 95 -10.91 0.49 25.94
N THR A 96 -11.02 0.74 27.25
CA THR A 96 -11.71 -0.21 28.12
C THR A 96 -13.22 -0.19 27.90
N ASN A 97 -13.81 1.00 27.79
CA ASN A 97 -15.26 1.10 27.66
C ASN A 97 -15.73 0.63 26.29
N SER A 98 -14.99 0.96 25.24
CA SER A 98 -15.42 0.62 23.88
C SER A 98 -15.18 -0.86 23.61
N PRO A 99 -16.21 -1.64 23.26
CA PRO A 99 -16.01 -3.04 22.93
C PRO A 99 -15.82 -3.27 21.43
N GLN A 100 -15.26 -4.43 21.11
CA GLN A 100 -15.05 -4.87 19.73
C GLN A 100 -14.22 -3.85 18.95
N ILE A 101 -12.98 -3.66 19.40
CA ILE A 101 -12.06 -2.73 18.76
C ILE A 101 -11.55 -3.34 17.47
N SER A 102 -11.59 -2.54 16.39
CA SER A 102 -11.13 -2.98 15.08
C SER A 102 -10.10 -2.00 14.54
N VAL A 103 -9.06 -2.55 13.91
CA VAL A 103 -7.98 -1.76 13.34
C VAL A 103 -7.84 -2.09 11.87
N THR A 104 -7.82 -1.06 11.02
CA THR A 104 -7.69 -1.23 9.58
C THR A 104 -6.50 -0.42 9.08
N ARG A 105 -5.71 -1.02 8.20
CA ARG A 105 -4.61 -0.33 7.54
C ARG A 105 -4.77 -0.48 6.03
N GLN A 106 -4.72 0.65 5.33
CA GLN A 106 -4.91 0.68 3.89
C GLN A 106 -3.72 1.38 3.22
N VAL A 107 -3.14 0.72 2.23
CA VAL A 107 -2.07 1.28 1.43
C VAL A 107 -2.51 1.27 -0.02
N VAL A 108 -2.39 2.41 -0.69
CA VAL A 108 -2.79 2.55 -2.09
C VAL A 108 -1.55 2.86 -2.92
N LEU A 109 -1.75 3.00 -4.22
CA LEU A 109 -0.67 3.20 -5.17
C LEU A 109 0.16 4.44 -4.84
N GLY A 110 -0.51 5.53 -4.45
CA GLY A 110 0.19 6.76 -4.13
C GLY A 110 0.34 7.03 -2.65
N GLY A 111 -0.73 6.82 -1.89
CA GLY A 111 -0.71 7.03 -0.47
C GLY A 111 0.04 5.93 0.27
N THR A 112 0.32 6.19 1.54
CA THR A 112 1.12 5.28 2.35
C THR A 112 0.49 5.14 3.73
N SER A 113 -0.05 3.94 4.02
CA SER A 113 -0.40 3.53 5.38
C SER A 113 -1.40 4.45 6.06
N LYS A 114 -2.64 4.49 5.58
CA LYS A 114 -3.73 5.16 6.27
C LYS A 114 -4.32 4.20 7.30
N TYR A 115 -4.43 4.66 8.54
CA TYR A 115 -4.92 3.85 9.64
C TYR A 115 -6.32 4.29 10.05
N LEU A 116 -7.17 3.33 10.37
CA LEU A 116 -8.52 3.58 10.87
C LEU A 116 -8.74 2.74 12.12
N ILE A 117 -9.26 3.38 13.17
CA ILE A 117 -9.61 2.70 14.42
C ILE A 117 -11.11 2.84 14.61
N ASN A 118 -11.82 1.71 14.57
CA ASN A 118 -13.27 1.67 14.76
C ASN A 118 -13.99 2.61 13.78
N GLY A 119 -13.48 2.65 12.54
CA GLY A 119 -14.04 3.51 11.52
C GLY A 119 -13.60 4.95 11.58
N HIS A 120 -12.68 5.29 12.48
CA HIS A 120 -12.19 6.66 12.63
C HIS A 120 -10.70 6.70 12.31
N ARG A 121 -10.31 7.68 11.50
CA ARG A 121 -8.91 7.82 11.11
C ARG A 121 -8.04 8.12 12.32
N ALA A 122 -6.91 7.44 12.42
CA ALA A 122 -5.97 7.59 13.52
C ALA A 122 -4.56 7.59 12.98
N PRO A 123 -3.62 8.26 13.66
CA PRO A 123 -2.22 8.23 13.20
C PRO A 123 -1.55 6.92 13.56
N GLN A 124 -0.37 6.72 12.99
CA GLN A 124 0.40 5.51 13.26
C GLN A 124 0.83 5.42 14.72
N GLN A 125 1.05 6.57 15.36
CA GLN A 125 1.44 6.56 16.77
C GLN A 125 0.35 5.94 17.65
N SER A 126 -0.91 6.24 17.34
CA SER A 126 -2.01 5.73 18.16
C SER A 126 -2.01 4.20 18.15
N VAL A 127 -2.00 3.59 16.96
CA VAL A 127 -2.00 2.14 16.88
C VAL A 127 -0.69 1.57 17.43
N LEU A 128 0.43 2.27 17.26
CA LEU A 128 1.70 1.79 17.77
C LEU A 128 1.67 1.65 19.28
N GLN A 129 1.27 2.71 19.99
CA GLN A 129 1.16 2.61 21.45
C GLN A 129 0.04 1.66 21.87
N LEU A 130 -1.04 1.59 21.10
CA LEU A 130 -2.13 0.67 21.44
C LEU A 130 -1.65 -0.77 21.43
N PHE A 131 -0.85 -1.14 20.42
CA PHE A 131 -0.34 -2.50 20.35
C PHE A 131 0.81 -2.73 21.32
N GLN A 132 1.62 -1.70 21.58
CA GLN A 132 2.70 -1.85 22.57
C GLN A 132 2.16 -2.03 23.97
N SER A 133 1.00 -1.46 24.28
CA SER A 133 0.41 -1.60 25.60
C SER A 133 -0.03 -3.03 25.89
N VAL A 134 -0.20 -3.87 24.87
CA VAL A 134 -0.66 -5.24 25.06
C VAL A 134 0.40 -6.21 24.59
N GLN A 135 1.67 -5.83 24.71
CA GLN A 135 2.84 -6.64 24.36
C GLN A 135 2.94 -6.94 22.87
N LEU A 136 2.09 -6.35 22.04
CA LEU A 136 2.12 -6.61 20.61
C LEU A 136 3.00 -5.60 19.88
N ASN A 137 4.23 -5.50 20.35
CA ASN A 137 5.23 -4.60 19.76
C ASN A 137 5.92 -5.35 18.62
N ILE A 138 5.54 -5.02 17.39
CA ILE A 138 6.10 -5.72 16.23
C ILE A 138 7.54 -5.29 15.99
N ASN A 139 7.90 -4.06 16.37
CA ASN A 139 9.28 -3.61 16.18
C ASN A 139 10.24 -4.40 17.06
N ASN A 140 9.84 -4.72 18.29
CA ASN A 140 10.61 -5.55 19.21
C ASN A 140 9.72 -6.71 19.60
N PRO A 141 9.73 -7.80 18.83
CA PRO A 141 8.74 -8.86 19.00
C PRO A 141 9.02 -9.77 20.18
N ASN A 142 7.93 -10.31 20.73
CA ASN A 142 8.01 -11.30 21.79
C ASN A 142 7.01 -12.43 21.62
N PHE A 143 6.17 -12.41 20.59
CA PHE A 143 5.10 -13.38 20.43
C PHE A 143 5.08 -14.09 19.10
N LEU A 144 5.87 -13.65 18.11
CA LEU A 144 5.87 -14.26 16.79
C LEU A 144 7.30 -14.54 16.35
N ILE A 145 7.48 -15.67 15.67
CA ILE A 145 8.75 -16.05 15.05
C ILE A 145 8.47 -16.32 13.58
N MET A 146 9.19 -15.62 12.71
CA MET A 146 8.95 -15.72 11.28
C MET A 146 9.48 -17.05 10.74
N GLN A 147 9.06 -17.36 9.50
CA GLN A 147 9.51 -18.58 8.84
C GLN A 147 11.02 -18.56 8.63
N GLY A 148 11.66 -19.68 8.95
CA GLY A 148 13.10 -19.79 8.81
C GLY A 148 13.91 -19.08 9.87
N LYS A 149 13.26 -18.55 10.91
CA LYS A 149 13.95 -17.83 11.97
C LYS A 149 13.90 -18.56 13.31
N ILE A 150 13.33 -19.75 13.37
CA ILE A 150 13.31 -20.52 14.62
C ILE A 150 14.72 -20.92 15.03
N THR A 151 15.58 -21.23 14.06
CA THR A 151 16.95 -21.61 14.37
C THR A 151 17.85 -20.42 14.63
N LYS A 152 17.42 -19.21 14.26
CA LYS A 152 18.23 -18.01 14.43
C LYS A 152 17.89 -17.26 15.71
N VAL A 153 17.00 -17.80 16.56
CA VAL A 153 16.64 -17.11 17.80
C VAL A 153 17.85 -17.00 18.72
N LEU A 154 18.64 -18.06 18.83
CA LEU A 154 19.80 -18.05 19.71
C LEU A 154 20.96 -17.22 19.17
N ASN A 155 20.87 -16.76 17.92
CA ASN A 155 21.95 -16.00 17.30
C ASN A 155 21.85 -14.51 17.54
N MET A 156 20.79 -14.03 18.20
CA MET A 156 20.66 -12.60 18.43
C MET A 156 21.59 -12.16 19.56
N LYS A 157 21.91 -10.86 19.55
CA LYS A 157 22.87 -10.31 20.48
C LYS A 157 22.32 -10.27 21.90
N PRO A 158 23.17 -10.30 22.95
CA PRO A 158 22.68 -10.14 24.31
C PRO A 158 21.76 -8.93 24.53
N SER A 159 21.91 -7.82 23.79
CA SER A 159 20.95 -6.73 23.92
C SER A 159 19.57 -7.16 23.45
N GLU A 160 19.50 -7.94 22.37
CA GLU A 160 18.21 -8.45 21.91
C GLU A 160 17.58 -9.39 22.94
N ILE A 161 18.40 -10.22 23.59
CA ILE A 161 17.89 -11.08 24.65
C ILE A 161 17.34 -10.25 25.80
N LEU A 162 18.06 -9.18 26.18
CA LEU A 162 17.58 -8.31 27.25
C LEU A 162 16.27 -7.64 26.87
N SER A 163 16.16 -7.19 25.62
CA SER A 163 14.91 -6.60 25.14
C SER A 163 13.77 -7.61 25.19
N LEU A 164 14.04 -8.85 24.78
CA LEU A 164 13.01 -9.88 24.81
C LEU A 164 12.57 -10.17 26.23
N ILE A 165 13.51 -10.21 27.18
CA ILE A 165 13.16 -10.41 28.57
C ILE A 165 12.31 -9.25 29.10
N GLU A 166 12.70 -8.02 28.75
CA GLU A 166 11.93 -6.85 29.17
C GLU A 166 10.53 -6.84 28.57
N GLU A 167 10.35 -7.45 27.39
CA GLU A 167 9.03 -7.55 26.79
C GLU A 167 8.04 -8.25 27.71
N ALA A 168 8.49 -9.30 28.41
CA ALA A 168 7.57 -10.18 29.12
C ALA A 168 6.83 -9.43 30.23
N ALA A 169 7.54 -8.62 31.01
CA ALA A 169 6.95 -7.94 32.15
C ALA A 169 6.46 -6.54 31.83
N GLY A 170 6.49 -6.13 30.56
CA GLY A 170 6.12 -4.78 30.21
C GLY A 170 7.17 -3.74 30.48
N THR A 171 8.41 -4.15 30.73
CA THR A 171 9.49 -3.20 30.99
C THR A 171 9.77 -2.31 29.78
N LYS A 172 9.66 -2.85 28.57
CA LYS A 172 9.82 -2.04 27.38
C LYS A 172 8.56 -1.19 27.20
N MET A 173 8.47 -0.47 26.08
CA MET A 173 7.54 0.64 25.86
C MET A 173 7.94 1.85 26.71
N PHE A 174 8.93 1.69 27.59
CA PHE A 174 9.46 2.75 28.43
C PHE A 174 10.86 3.18 28.02
N GLU A 175 11.71 2.25 27.59
CA GLU A 175 13.06 2.62 27.17
C GLU A 175 13.05 3.47 25.91
N ASP A 176 12.33 3.00 24.88
CA ASP A 176 12.20 3.81 23.66
C ASP A 176 11.44 5.10 23.94
N ARG A 177 10.43 5.02 24.83
CA ARG A 177 9.73 6.24 25.24
C ARG A 177 10.67 7.18 25.98
N ARG A 178 11.57 6.64 26.80
CA ARG A 178 12.56 7.47 27.47
C ARG A 178 13.47 8.15 26.46
N GLU A 179 13.91 7.42 25.43
CA GLU A 179 14.77 8.02 24.42
C GLU A 179 14.04 9.12 23.65
N LYS A 180 12.78 8.87 23.29
CA LYS A 180 11.99 9.89 22.59
C LYS A 180 11.79 11.11 23.47
N ALA A 181 11.49 10.91 24.76
CA ALA A 181 11.31 12.03 25.67
C ALA A 181 12.61 12.81 25.84
N GLU A 182 13.74 12.13 25.92
CA GLU A 182 15.02 12.83 26.04
C GLU A 182 15.31 13.65 24.79
N ARG A 183 15.05 13.10 23.61
CA ARG A 183 15.24 13.85 22.38
C ARG A 183 14.33 15.07 22.33
N THR A 184 13.06 14.89 22.74
CA THR A 184 12.12 16.00 22.75
C THR A 184 12.56 17.10 23.72
N MET A 185 13.03 16.71 24.90
CA MET A 185 13.51 17.68 25.87
C MET A 185 14.76 18.39 25.37
N SER A 186 15.65 17.67 24.68
CA SER A 186 16.82 18.33 24.10
C SER A 186 16.42 19.37 23.07
N LYS A 187 15.49 19.01 22.17
CA LYS A 187 15.04 19.97 21.17
C LYS A 187 14.34 21.16 21.80
N LYS A 188 13.47 20.90 22.79
CA LYS A 188 12.75 21.99 23.44
C LYS A 188 13.69 22.88 24.25
N GLU A 189 14.72 22.30 24.87
CA GLU A 189 15.69 23.10 25.60
C GLU A 189 16.50 23.98 24.65
N THR A 190 16.88 23.44 23.48
CA THR A 190 17.56 24.27 22.49
C THR A 190 16.66 25.42 22.03
N LYS A 191 15.39 25.13 21.75
CA LYS A 191 14.46 26.16 21.32
C LYS A 191 14.26 27.21 22.41
N LEU A 192 14.14 26.76 23.66
CA LEU A 192 13.94 27.69 24.77
C LEU A 192 15.17 28.56 25.00
N GLN A 193 16.37 27.98 24.87
CA GLN A 193 17.58 28.78 25.01
C GLN A 193 17.68 29.82 23.91
N GLU A 194 17.36 29.44 22.68
CA GLU A 194 17.34 30.41 21.58
C GLU A 194 16.32 31.51 21.85
N ASN A 195 15.14 31.14 22.34
CA ASN A 195 14.12 32.14 22.65
C ASN A 195 14.57 33.09 23.73
N ARG A 196 15.21 32.57 24.80
CA ARG A 196 15.69 33.43 25.87
C ARG A 196 16.78 34.38 25.37
N THR A 197 17.73 33.86 24.58
CA THR A 197 18.79 34.72 24.07
C THR A 197 18.24 35.82 23.17
N LEU A 198 17.32 35.46 22.26
CA LEU A 198 16.73 36.46 21.38
C LEU A 198 15.91 37.48 22.17
N LEU A 199 15.13 37.00 23.15
CA LEU A 199 14.33 37.90 23.96
C LEU A 199 15.20 38.89 24.72
N THR A 200 16.29 38.41 25.32
CA THR A 200 17.23 39.31 25.98
C THR A 200 17.77 40.33 24.99
N GLU A 201 18.47 39.85 23.95
CA GLU A 201 19.16 40.74 23.03
C GLU A 201 18.23 41.72 22.33
N GLU A 202 16.94 41.42 22.25
CA GLU A 202 16.00 42.36 21.64
C GLU A 202 15.37 43.30 22.66
N ILE A 203 14.73 42.74 23.69
CA ILE A 203 13.95 43.56 24.62
C ILE A 203 14.85 44.44 25.48
N GLU A 204 15.94 43.87 26.02
CA GLU A 204 16.74 44.62 26.98
C GLU A 204 17.26 45.95 26.42
N PRO A 205 17.84 46.03 25.22
CA PRO A 205 18.14 47.35 24.66
C PRO A 205 16.87 48.20 24.46
N LYS A 206 15.80 47.59 23.97
CA LYS A 206 14.55 48.33 23.81
C LYS A 206 13.98 48.75 25.16
N LEU A 207 14.06 47.88 26.17
CA LEU A 207 13.56 48.23 27.50
C LEU A 207 14.34 49.39 28.09
N GLU A 208 15.67 49.37 27.96
CA GLU A 208 16.46 50.46 28.50
C GLU A 208 16.26 51.75 27.72
N LYS A 209 16.03 51.65 26.40
CA LYS A 209 15.70 52.84 25.62
C LYS A 209 14.38 53.45 26.07
N LEU A 210 13.37 52.61 26.31
CA LEU A 210 12.09 53.11 26.79
C LEU A 210 12.22 53.73 28.18
N ARG A 211 13.01 53.10 29.05
CA ARG A 211 13.25 53.66 30.38
C ARG A 211 13.94 55.02 30.29
N ASN A 212 14.91 55.15 29.38
CA ASN A 212 15.57 56.43 29.18
C ASN A 212 14.62 57.48 28.64
N GLU A 213 13.73 57.08 27.73
CA GLU A 213 12.76 58.02 27.17
C GLU A 213 11.64 58.37 28.15
N LYS A 214 11.49 57.58 29.22
CA LYS A 214 10.47 57.86 30.21
C LYS A 214 10.69 59.22 30.87
N ARG A 215 11.93 59.55 31.21
CA ARG A 215 12.20 60.84 31.84
C ARG A 215 11.94 61.99 30.87
N MET A 216 12.27 61.80 29.59
CA MET A 216 11.96 62.83 28.60
C MET A 216 10.45 63.03 28.46
N PHE A 217 9.69 61.92 28.49
CA PHE A 217 8.24 62.03 28.45
C PHE A 217 7.71 62.76 29.67
N LEU A 218 8.26 62.47 30.85
CA LEU A 218 7.83 63.16 32.06
C LEU A 218 8.14 64.66 31.99
N GLU A 219 9.31 65.00 31.46
CA GLU A 219 9.66 66.42 31.29
C GLU A 219 8.71 67.10 30.32
N PHE A 220 8.38 66.43 29.21
CA PHE A 220 7.43 66.99 28.26
C PHE A 220 6.06 67.20 28.90
N GLN A 221 5.61 66.23 29.69
CA GLN A 221 4.33 66.38 30.38
C GLN A 221 4.35 67.55 31.35
N SER A 222 5.47 67.70 32.09
CA SER A 222 5.59 68.82 33.02
C SER A 222 5.55 70.16 32.28
N THR A 223 6.26 70.26 31.16
CA THR A 223 6.23 71.50 30.38
C THR A 223 4.83 71.76 29.83
N GLN A 224 4.14 70.71 29.36
CA GLN A 224 2.79 70.89 28.85
C GLN A 224 1.84 71.37 29.94
N THR A 225 1.96 70.82 31.15
CA THR A 225 1.14 71.28 32.27
C THR A 225 1.46 72.71 32.63
N ASP A 226 2.74 73.07 32.63
CA ASP A 226 3.14 74.45 32.97
C ASP A 226 2.74 75.45 31.89
N LEU A 227 2.54 75.00 30.65
CA LEU A 227 2.16 75.92 29.59
C LEU A 227 0.80 76.55 29.86
N GLU A 228 -0.16 75.77 30.33
CA GLU A 228 -1.49 76.28 30.63
C GLU A 228 -1.57 76.80 32.06
N SER A 968 5.78 83.38 26.71
CA SER A 968 4.86 82.28 26.43
C SER A 968 5.38 81.40 25.30
N LYS A 969 6.00 82.04 24.30
CA LYS A 969 6.54 81.28 23.17
C LYS A 969 7.76 80.46 23.57
N GLN A 970 8.56 80.98 24.51
CA GLN A 970 9.80 80.32 24.88
C GLN A 970 9.57 78.88 25.28
N LEU A 971 8.47 78.61 25.98
CA LEU A 971 8.06 77.22 26.21
C LEU A 971 7.53 76.59 24.92
N ASN A 972 7.00 77.38 23.99
CA ASN A 972 6.38 76.82 22.80
C ASN A 972 7.39 76.19 21.86
N GLU A 973 8.57 76.79 21.68
CA GLU A 973 9.55 76.16 20.78
C GLU A 973 9.95 74.78 21.29
N LYS A 974 10.24 74.67 22.60
CA LYS A 974 10.64 73.38 23.14
C LYS A 974 9.46 72.40 23.14
N PHE A 975 8.25 72.87 23.40
CA PHE A 975 7.09 71.99 23.36
C PHE A 975 6.87 71.43 21.97
N GLN A 976 7.02 72.26 20.94
CA GLN A 976 6.81 71.80 19.58
C GLN A 976 7.96 70.94 19.07
N GLU A 977 9.19 71.19 19.53
CA GLU A 977 10.29 70.35 19.08
C GLU A 977 10.31 69.01 19.80
N LEU A 978 9.82 68.94 21.02
CA LEU A 978 9.75 67.68 21.76
C LEU A 978 8.46 66.91 21.50
N ARG A 979 7.54 67.46 20.71
CA ARG A 979 6.28 66.79 20.39
C ARG A 979 6.42 65.83 19.22
N LYS A 980 7.53 65.89 18.47
CA LYS A 980 7.68 65.04 17.29
C LYS A 980 7.66 63.56 17.67
N LYS A 981 8.48 63.17 18.64
CA LYS A 981 8.55 61.79 19.13
C LYS A 981 8.50 61.84 20.65
N VAL A 982 7.29 61.85 21.20
CA VAL A 982 7.11 61.89 22.65
C VAL A 982 6.24 60.72 23.10
N ASN A 983 5.37 60.24 22.19
CA ASN A 983 4.43 59.16 22.49
C ASN A 983 3.63 59.48 23.74
N PRO A 984 2.67 60.41 23.67
CA PRO A 984 1.96 60.85 24.88
C PRO A 984 1.29 59.73 25.64
N ASN A 985 0.88 58.66 24.96
CA ASN A 985 0.23 57.52 25.59
C ASN A 985 1.19 56.35 25.80
N ILE A 986 2.46 56.64 26.10
CA ILE A 986 3.47 55.60 26.29
C ILE A 986 3.22 54.77 27.55
N MET A 987 2.49 55.32 28.52
CA MET A 987 2.33 54.64 29.81
C MET A 987 1.61 53.31 29.66
N ASN A 988 0.55 53.28 28.87
CA ASN A 988 -0.21 52.04 28.69
C ASN A 988 0.64 50.95 28.07
N MET A 989 1.38 51.29 27.01
CA MET A 989 2.21 50.29 26.35
C MET A 989 3.35 49.83 27.24
N ILE A 990 3.93 50.76 28.03
CA ILE A 990 4.98 50.39 28.97
C ILE A 990 4.44 49.40 30.00
N GLU A 991 3.25 49.67 30.54
CA GLU A 991 2.67 48.77 31.53
C GLU A 991 2.36 47.41 30.91
N ASN A 992 1.83 47.40 29.69
CA ASN A 992 1.53 46.14 29.02
C ASN A 992 2.81 45.34 28.77
N VAL A 993 3.88 46.01 28.34
CA VAL A 993 5.15 45.33 28.09
C VAL A 993 5.70 44.76 29.39
N GLU A 994 5.62 45.52 30.48
CA GLU A 994 6.08 45.02 31.77
C GLU A 994 5.30 43.79 32.22
N LYS A 995 3.97 43.83 32.04
CA LYS A 995 3.14 42.68 32.40
C LYS A 995 3.49 41.46 31.56
N LYS A 996 3.70 41.65 30.26
CA LYS A 996 4.07 40.53 29.40
C LYS A 996 5.43 39.97 29.77
N GLU A 997 6.38 40.83 30.12
CA GLU A 997 7.70 40.37 30.52
C GLU A 997 7.62 39.57 31.82
N ALA A 998 6.84 40.05 32.78
CA ALA A 998 6.66 39.30 34.03
C ALA A 998 6.01 37.95 33.77
N ALA A 999 5.00 37.91 32.90
CA ALA A 999 4.35 36.65 32.56
C ALA A 999 5.33 35.68 31.90
N LEU A 1000 6.16 36.18 30.98
CA LEU A 1000 7.16 35.33 30.35
C LEU A 1000 8.16 34.79 31.35
N LYS A 1001 8.59 35.64 32.29
CA LYS A 1001 9.53 35.19 33.32
C LYS A 1001 8.91 34.09 34.17
N THR A 1002 7.65 34.25 34.57
CA THR A 1002 6.98 33.22 35.34
C THR A 1002 6.84 31.93 34.54
N MET A 1003 6.51 32.04 33.26
CA MET A 1003 6.38 30.87 32.40
C MET A 1003 7.72 30.13 32.29
N ILE A 1004 8.81 30.86 32.11
CA ILE A 1004 10.12 30.23 32.00
C ILE A 1004 10.51 29.55 33.31
N LYS A 1005 10.23 30.21 34.44
CA LYS A 1005 10.54 29.59 35.74
C LYS A 1005 9.75 28.31 35.94
N THR A 1006 8.46 28.32 35.60
CA THR A 1006 7.65 27.12 35.73
C THR A 1006 8.16 26.01 34.82
N ILE A 1007 8.55 26.36 33.58
CA ILE A 1007 9.07 25.37 32.65
C ILE A 1007 10.35 24.74 33.20
N GLU A 1008 11.26 25.56 33.74
CA GLU A 1008 12.49 25.01 34.30
C GLU A 1008 12.20 24.10 35.48
N LYS A 1009 11.33 24.52 36.40
CA LYS A 1009 11.00 23.69 37.55
C LYS A 1009 10.39 22.36 37.11
N ASP A 1010 9.50 22.40 36.11
CA ASP A 1010 8.90 21.18 35.60
C ASP A 1010 9.96 20.29 34.95
N LYS A 1011 10.93 20.90 34.28
CA LYS A 1011 12.04 20.15 33.69
C LYS A 1011 12.80 19.37 34.75
N MET A 1012 13.24 20.05 35.81
CA MET A 1012 13.97 19.33 36.86
C MET A 1012 13.08 18.28 37.51
N LYS A 1013 11.80 18.59 37.75
CA LYS A 1013 10.91 17.63 38.37
C LYS A 1013 10.79 16.35 37.53
N ILE A 1014 10.63 16.49 36.22
CA ILE A 1014 10.63 15.32 35.35
C ILE A 1014 11.96 14.60 35.43
N GLN A 1015 13.06 15.34 35.60
CA GLN A 1015 14.35 14.68 35.75
C GLN A 1015 14.35 13.72 36.95
N GLU A 1016 13.91 14.21 38.13
CA GLU A 1016 13.90 13.30 39.27
C GLU A 1016 12.88 12.18 39.09
N THR A 1017 11.73 12.46 38.46
CA THR A 1017 10.75 11.38 38.27
C THR A 1017 11.31 10.28 37.39
N ILE A 1018 12.01 10.65 36.30
CA ILE A 1018 12.62 9.64 35.43
C ILE A 1018 13.71 8.87 36.17
N SER A 1019 14.51 9.58 36.99
CA SER A 1019 15.54 8.89 37.75
C SER A 1019 14.95 7.85 38.69
N LYS A 1020 13.88 8.23 39.41
CA LYS A 1020 13.27 7.30 40.36
C LYS A 1020 12.58 6.15 39.64
N LEU A 1021 11.97 6.43 38.48
CA LEU A 1021 11.36 5.37 37.68
C LEU A 1021 12.41 4.37 37.21
N ASN A 1022 13.58 4.85 36.78
CA ASN A 1022 14.67 3.95 36.42
C ASN A 1022 15.15 3.14 37.62
N GLU A 1023 15.21 3.77 38.79
CA GLU A 1023 15.63 3.07 39.99
C GLU A 1023 14.67 1.91 40.31
N TYR A 1024 13.37 2.15 40.20
CA TYR A 1024 12.40 1.08 40.41
C TYR A 1024 12.49 0.02 39.31
N LYS A 1025 12.69 0.46 38.08
CA LYS A 1025 12.77 -0.46 36.95
C LYS A 1025 13.96 -1.39 37.07
N ARG A 1026 15.03 -0.96 37.74
CA ARG A 1026 16.18 -1.82 37.93
C ARG A 1026 15.78 -3.10 38.69
N GLU A 1027 15.14 -2.94 39.85
CA GLU A 1027 14.73 -4.11 40.62
C GLU A 1027 13.58 -4.85 39.95
N THR A 1028 12.71 -4.13 39.23
CA THR A 1028 11.66 -4.82 38.48
C THR A 1028 12.25 -5.76 37.44
N LEU A 1029 13.26 -5.29 36.70
CA LEU A 1029 13.94 -6.12 35.72
C LEU A 1029 14.73 -7.24 36.39
N VAL A 1030 15.29 -7.01 37.57
CA VAL A 1030 15.99 -8.07 38.29
C VAL A 1030 15.02 -9.21 38.61
N LYS A 1031 13.86 -8.87 39.17
CA LYS A 1031 12.86 -9.89 39.48
C LYS A 1031 12.37 -10.59 38.22
N THR A 1032 12.15 -9.82 37.15
CA THR A 1032 11.71 -10.41 35.88
C THR A 1032 12.74 -11.41 35.36
N TRP A 1033 14.03 -11.03 35.41
CA TRP A 1033 15.09 -11.93 34.97
C TRP A 1033 15.14 -13.19 35.81
N GLU A 1034 14.99 -13.07 37.13
CA GLU A 1034 15.02 -14.24 37.99
C GLU A 1034 13.88 -15.20 37.65
N LYS A 1035 12.66 -14.66 37.52
CA LYS A 1035 11.52 -15.51 37.20
C LYS A 1035 11.66 -16.16 35.83
N VAL A 1036 12.14 -15.38 34.84
CA VAL A 1036 12.31 -15.91 33.50
C VAL A 1036 13.35 -17.02 33.48
N THR A 1037 14.48 -16.83 34.16
CA THR A 1037 15.49 -17.88 34.22
C THR A 1037 14.93 -19.13 34.85
N LEU A 1038 14.22 -18.98 35.98
CA LEU A 1038 13.69 -20.14 36.68
C LEU A 1038 12.71 -20.93 35.82
N ASP A 1039 11.70 -20.24 35.26
CA ASP A 1039 10.68 -20.99 34.54
C ASP A 1039 11.19 -21.47 33.18
N PHE A 1040 12.12 -20.75 32.55
CA PHE A 1040 12.72 -21.24 31.32
C PHE A 1040 13.53 -22.51 31.57
N GLY A 1041 14.32 -22.53 32.65
CA GLY A 1041 15.03 -23.75 32.99
C GLY A 1041 14.10 -24.91 33.28
N ASN A 1042 13.02 -24.64 34.04
CA ASN A 1042 12.05 -25.69 34.33
C ASN A 1042 11.41 -26.24 33.05
N ILE A 1043 11.01 -25.34 32.15
CA ILE A 1043 10.37 -25.77 30.91
C ILE A 1043 11.33 -26.58 30.05
N PHE A 1044 12.58 -26.11 29.90
CA PHE A 1044 13.53 -26.86 29.09
C PHE A 1044 13.82 -28.23 29.69
N ALA A 1045 13.91 -28.31 31.02
CA ALA A 1045 14.08 -29.61 31.67
C ALA A 1045 12.88 -30.50 31.41
N ASP A 1046 11.68 -29.92 31.40
CA ASP A 1046 10.46 -30.72 31.17
C ASP A 1046 10.43 -31.29 29.76
N LEU A 1047 10.69 -30.46 28.74
CA LEU A 1047 10.66 -30.96 27.37
C LEU A 1047 11.78 -31.96 27.10
N LEU A 1048 13.01 -31.61 27.46
CA LEU A 1048 14.14 -32.51 27.23
C LEU A 1048 14.62 -33.07 28.57
N PRO A 1049 14.46 -34.37 28.81
CA PRO A 1049 14.74 -34.91 30.15
C PRO A 1049 16.20 -34.75 30.59
N ASN A 1050 17.15 -34.77 29.67
CA ASN A 1050 18.57 -34.77 30.01
C ASN A 1050 19.25 -33.49 29.54
N SER A 1051 18.59 -32.35 29.77
CA SER A 1051 19.17 -31.07 29.40
C SER A 1051 18.64 -29.99 30.33
N PHE A 1052 19.38 -28.89 30.39
CA PHE A 1052 18.99 -27.74 31.21
C PHE A 1052 19.55 -26.48 30.57
N ALA A 1053 18.93 -25.35 30.88
CA ALA A 1053 19.39 -24.07 30.39
C ALA A 1053 19.11 -22.99 31.43
N LYS A 1054 19.96 -21.96 31.43
CA LYS A 1054 19.81 -20.88 32.40
C LYS A 1054 20.52 -19.63 31.88
N LEU A 1055 20.09 -18.49 32.38
CA LEU A 1055 20.50 -17.19 31.86
C LEU A 1055 21.61 -16.59 32.72
N VAL A 1056 22.51 -15.87 32.07
CA VAL A 1056 23.64 -15.23 32.75
C VAL A 1056 23.78 -13.80 32.23
N PRO A 1057 24.36 -12.93 33.04
CA PRO A 1057 24.72 -11.60 32.53
C PRO A 1057 25.82 -11.70 31.48
N CYS A 1058 25.80 -10.75 30.54
CA CYS A 1058 26.80 -10.72 29.48
C CYS A 1058 28.18 -10.46 30.05
N GLU A 1059 29.05 -11.48 30.03
CA GLU A 1059 30.41 -11.42 30.57
C GLU A 1059 30.29 -11.08 32.05
N GLY A 1060 31.09 -10.16 32.59
CA GLY A 1060 31.08 -9.82 33.99
C GLY A 1060 30.40 -8.53 34.38
N LYS A 1061 29.75 -7.85 33.44
CA LYS A 1061 29.11 -6.57 33.75
C LYS A 1061 27.72 -6.84 34.33
N ASP A 1062 26.92 -5.77 34.45
CA ASP A 1062 25.63 -5.86 35.11
C ASP A 1062 24.63 -6.61 34.23
N VAL A 1063 23.50 -6.97 34.86
CA VAL A 1063 22.44 -7.70 34.15
C VAL A 1063 21.83 -6.84 33.05
N THR A 1064 21.61 -5.55 33.34
CA THR A 1064 20.96 -4.63 32.41
C THR A 1064 21.82 -4.27 31.21
N GLN A 1065 23.01 -4.87 31.02
CA GLN A 1065 23.87 -4.55 29.89
C GLN A 1065 24.02 -5.71 28.92
N GLY A 1066 23.12 -6.69 28.99
CA GLY A 1066 23.14 -7.84 28.10
C GLY A 1066 22.94 -9.14 28.83
N LEU A 1067 22.40 -10.14 28.13
CA LEU A 1067 22.15 -11.45 28.69
C LEU A 1067 22.57 -12.53 27.71
N GLU A 1068 22.97 -13.68 28.26
CA GLU A 1068 23.36 -14.84 27.46
C GLU A 1068 22.68 -16.07 28.03
N VAL A 1069 22.58 -17.10 27.20
CA VAL A 1069 21.96 -18.37 27.58
C VAL A 1069 23.05 -19.43 27.63
N LYS A 1070 23.06 -20.23 28.70
CA LYS A 1070 23.99 -21.33 28.86
C LYS A 1070 23.20 -22.62 29.00
N VAL A 1071 23.56 -23.62 28.21
CA VAL A 1071 22.84 -24.89 28.13
C VAL A 1071 23.80 -26.02 28.49
N LYS A 1072 23.31 -26.95 29.31
CA LYS A 1072 24.05 -28.16 29.66
C LYS A 1072 23.28 -29.37 29.17
N LEU A 1073 23.99 -30.33 28.59
CA LEU A 1073 23.43 -31.59 28.12
C LEU A 1073 23.97 -32.70 29.02
N GLY A 1074 23.11 -33.28 29.83
CA GLY A 1074 23.54 -34.29 30.78
C GLY A 1074 24.12 -33.69 32.04
N ASN A 1075 25.42 -33.82 32.25
CA ASN A 1075 26.10 -33.28 33.41
C ASN A 1075 27.25 -32.36 33.04
N ILE A 1076 27.31 -31.91 31.78
CA ILE A 1076 28.37 -31.04 31.31
C ILE A 1076 27.76 -29.88 30.53
N TRP A 1077 28.30 -28.69 30.73
CA TRP A 1077 27.82 -27.50 30.04
C TRP A 1077 28.53 -27.33 28.71
N LYS A 1078 27.83 -26.76 27.75
CA LYS A 1078 28.40 -26.52 26.43
C LYS A 1078 28.92 -25.09 26.32
N GLU A 1079 30.17 -24.94 25.90
CA GLU A 1079 30.78 -23.62 25.80
C GLU A 1079 30.22 -22.83 24.62
N SER A 1080 30.03 -23.49 23.48
CA SER A 1080 29.56 -22.84 22.26
C SER A 1080 28.13 -23.26 21.97
N LEU A 1081 27.28 -22.28 21.68
CA LEU A 1081 25.89 -22.56 21.33
C LEU A 1081 25.75 -23.05 19.89
N ILE A 1082 26.73 -22.75 19.03
CA ILE A 1082 26.61 -23.10 17.62
C ILE A 1082 26.64 -24.60 17.41
N GLU A 1083 27.35 -25.34 18.26
CA GLU A 1083 27.48 -26.78 18.07
C GLU A 1083 26.18 -27.53 18.34
N LEU A 1084 25.18 -26.86 18.91
CA LEU A 1084 23.91 -27.50 19.18
C LEU A 1084 23.18 -27.83 17.88
N SER A 1085 22.32 -28.85 17.97
CA SER A 1085 21.50 -29.24 16.83
C SER A 1085 20.46 -28.17 16.53
N GLY A 1086 20.07 -28.09 15.25
CA GLY A 1086 19.02 -27.16 14.88
C GLY A 1086 17.71 -27.44 15.59
N GLY A 1087 17.35 -28.71 15.73
CA GLY A 1087 16.20 -29.06 16.53
C GLY A 1087 16.37 -28.68 17.98
N GLN A 1088 17.59 -28.81 18.51
CA GLN A 1088 17.84 -28.40 19.88
C GLN A 1088 17.66 -26.89 20.05
N ARG A 1089 18.16 -26.10 19.09
CA ARG A 1089 17.97 -24.65 19.16
C ARG A 1089 16.49 -24.28 19.04
N SER A 1090 15.75 -24.99 18.17
CA SER A 1090 14.32 -24.75 18.06
C SER A 1090 13.61 -25.06 19.38
N LEU A 1091 14.00 -26.17 20.03
CA LEU A 1091 13.40 -26.52 21.31
C LEU A 1091 13.72 -25.49 22.37
N ILE A 1092 14.96 -24.98 22.39
CA ILE A 1092 15.33 -23.94 23.36
C ILE A 1092 14.51 -22.68 23.13
N ALA A 1093 14.36 -22.27 21.86
CA ALA A 1093 13.57 -21.09 21.56
C ALA A 1093 12.11 -21.27 21.97
N LEU A 1094 11.54 -22.45 21.68
CA LEU A 1094 10.17 -22.71 22.08
C LEU A 1094 10.01 -22.70 23.59
N SER A 1095 10.99 -23.27 24.30
CA SER A 1095 10.95 -23.26 25.76
C SER A 1095 11.00 -21.84 26.30
N LEU A 1096 11.84 -20.99 25.71
CA LEU A 1096 11.91 -19.60 26.15
C LEU A 1096 10.60 -18.87 25.88
N ILE A 1097 10.00 -19.10 24.71
CA ILE A 1097 8.72 -18.46 24.40
C ILE A 1097 7.65 -18.91 25.38
N MET A 1098 7.62 -20.21 25.70
CA MET A 1098 6.65 -20.71 26.67
C MET A 1098 6.92 -20.16 28.06
N ALA A 1099 8.19 -19.91 28.40
CA ALA A 1099 8.50 -19.32 29.69
C ALA A 1099 7.97 -17.90 29.80
N LEU A 1100 8.22 -17.07 28.77
CA LEU A 1100 7.64 -15.73 28.77
C LEU A 1100 6.12 -15.78 28.73
N LEU A 1101 5.55 -16.80 28.10
CA LEU A 1101 4.11 -16.99 28.15
C LEU A 1101 3.64 -17.25 29.57
N GLN A 1102 4.35 -18.11 30.30
CA GLN A 1102 3.95 -18.45 31.66
C GLN A 1102 4.10 -17.26 32.59
N PHE A 1103 5.15 -16.46 32.41
CA PHE A 1103 5.33 -15.30 33.28
C PHE A 1103 4.21 -14.28 33.07
N ARG A 1104 3.96 -13.91 31.82
CA ARG A 1104 2.88 -12.98 31.49
C ARG A 1104 2.45 -13.20 30.04
N PRO A 1105 1.37 -13.94 29.82
CA PRO A 1105 1.02 -14.32 28.44
C PRO A 1105 0.60 -13.14 27.60
N ALA A 1106 0.95 -13.20 26.32
CA ALA A 1106 0.49 -12.23 25.33
C ALA A 1106 -0.90 -12.60 24.84
N PRO A 1107 -1.68 -11.63 24.38
CA PRO A 1107 -3.03 -11.96 23.87
C PRO A 1107 -3.01 -12.93 22.70
N MET A 1108 -1.99 -12.87 21.85
CA MET A 1108 -1.91 -13.73 20.67
C MET A 1108 -0.45 -14.14 20.46
N TYR A 1109 -0.27 -15.42 20.10
CA TYR A 1109 1.05 -15.97 19.86
C TYR A 1109 1.09 -16.60 18.48
N ILE A 1110 2.02 -16.15 17.65
CA ILE A 1110 2.12 -16.55 16.25
C ILE A 1110 3.34 -17.45 16.09
N LEU A 1111 3.17 -18.57 15.40
CA LEU A 1111 4.26 -19.47 15.09
C LEU A 1111 4.24 -19.76 13.60
N ASP A 1112 5.39 -19.66 12.95
CA ASP A 1112 5.53 -19.84 11.50
C ASP A 1112 6.49 -21.00 11.25
N GLU A 1113 5.95 -22.21 11.18
CA GLU A 1113 6.72 -23.42 10.88
C GLU A 1113 7.89 -23.59 11.85
N VAL A 1114 7.56 -23.54 13.15
CA VAL A 1114 8.58 -23.76 14.19
C VAL A 1114 9.00 -25.22 14.29
N ASP A 1115 8.32 -26.12 13.61
CA ASP A 1115 8.62 -27.54 13.64
C ASP A 1115 9.40 -28.02 12.43
N ALA A 1116 9.94 -27.11 11.63
CA ALA A 1116 10.64 -27.50 10.41
C ALA A 1116 11.87 -28.34 10.73
N ALA A 1117 12.62 -27.97 11.76
CA ALA A 1117 13.83 -28.70 12.15
C ALA A 1117 13.56 -29.75 13.21
N LEU A 1118 12.31 -29.94 13.62
CA LEU A 1118 11.95 -30.88 14.66
C LEU A 1118 11.35 -32.14 14.05
N ASP A 1119 11.59 -33.28 14.70
CA ASP A 1119 11.07 -34.55 14.21
C ASP A 1119 9.60 -34.70 14.58
N LEU A 1120 9.01 -35.83 14.19
CA LEU A 1120 7.58 -36.05 14.39
C LEU A 1120 7.23 -36.12 15.87
N SER A 1121 8.04 -36.82 16.67
CA SER A 1121 7.74 -37.01 18.08
C SER A 1121 7.73 -35.67 18.81
N HIS A 1122 8.76 -34.85 18.59
CA HIS A 1122 8.83 -33.55 19.26
C HIS A 1122 7.71 -32.63 18.79
N THR A 1123 7.38 -32.66 17.49
CA THR A 1123 6.29 -31.83 16.99
C THR A 1123 4.97 -32.22 17.64
N GLN A 1124 4.70 -33.53 17.74
CA GLN A 1124 3.47 -33.99 18.37
C GLN A 1124 3.44 -33.61 19.86
N ASN A 1125 4.59 -33.75 20.54
CA ASN A 1125 4.65 -33.37 21.95
C ASN A 1125 4.39 -31.88 22.13
N ILE A 1126 4.97 -31.05 21.26
CA ILE A 1126 4.76 -29.61 21.34
C ILE A 1126 3.30 -29.27 21.12
N GLY A 1127 2.68 -29.88 20.10
CA GLY A 1127 1.27 -29.64 19.85
C GLY A 1127 0.39 -30.05 21.01
N HIS A 1128 0.66 -31.22 21.60
CA HIS A 1128 -0.13 -31.68 22.73
C HIS A 1128 0.05 -30.77 23.94
N LEU A 1129 1.28 -30.33 24.20
CA LEU A 1129 1.52 -29.43 25.32
C LEU A 1129 0.83 -28.09 25.12
N ILE A 1130 0.85 -27.57 23.89
CA ILE A 1130 0.17 -26.32 23.60
C ILE A 1130 -1.34 -26.47 23.79
N LYS A 1131 -1.90 -27.57 23.29
CA LYS A 1131 -3.35 -27.75 23.36
C LYS A 1131 -3.82 -27.96 24.80
N THR A 1132 -3.16 -28.85 25.54
CA THR A 1132 -3.67 -29.30 26.83
C THR A 1132 -2.99 -28.63 28.01
N ARG A 1133 -1.65 -28.72 28.09
CA ARG A 1133 -0.96 -28.34 29.32
C ARG A 1133 -1.04 -26.83 29.57
N PHE A 1134 -0.72 -26.03 28.55
CA PHE A 1134 -0.62 -24.59 28.75
C PHE A 1134 -1.97 -23.90 28.68
N LYS A 1135 -2.68 -24.03 27.56
CA LYS A 1135 -3.96 -23.34 27.33
C LYS A 1135 -3.69 -21.84 27.48
N GLY A 1136 -4.65 -21.07 28.01
CA GLY A 1136 -4.42 -19.67 28.28
C GLY A 1136 -4.52 -18.78 27.06
N SER A 1137 -3.37 -18.33 26.57
CA SER A 1137 -3.33 -17.42 25.44
C SER A 1137 -3.76 -18.11 24.15
N GLN A 1138 -4.12 -17.30 23.15
CA GLN A 1138 -4.51 -17.82 21.85
C GLN A 1138 -3.28 -18.05 20.99
N PHE A 1139 -3.26 -19.18 20.29
CA PHE A 1139 -2.16 -19.56 19.41
C PHE A 1139 -2.65 -19.64 17.97
N ILE A 1140 -1.87 -19.09 17.06
CA ILE A 1140 -2.03 -19.31 15.63
C ILE A 1140 -0.70 -19.82 15.08
N VAL A 1141 -0.74 -20.99 14.43
CA VAL A 1141 0.47 -21.66 13.98
C VAL A 1141 0.29 -22.08 12.52
N VAL A 1142 1.33 -21.89 11.73
CA VAL A 1142 1.39 -22.37 10.36
C VAL A 1142 2.37 -23.54 10.32
N SER A 1143 1.86 -24.73 9.99
CA SER A 1143 2.68 -25.93 9.98
C SER A 1143 2.29 -26.80 8.82
N LEU A 1144 3.28 -27.55 8.31
CA LEU A 1144 3.08 -28.49 7.22
C LEU A 1144 3.10 -29.94 7.66
N LYS A 1145 3.19 -30.20 8.96
CA LYS A 1145 3.29 -31.54 9.51
C LYS A 1145 1.99 -31.90 10.20
N GLU A 1146 1.50 -33.12 9.93
CA GLU A 1146 0.22 -33.55 10.50
C GLU A 1146 0.26 -33.61 12.02
N GLY A 1147 1.45 -33.84 12.60
CA GLY A 1147 1.55 -34.04 14.03
C GLY A 1147 1.23 -32.83 14.87
N MET A 1148 1.23 -31.63 14.28
CA MET A 1148 0.98 -30.42 15.05
C MET A 1148 -0.49 -30.01 15.04
N PHE A 1149 -1.13 -30.01 13.87
CA PHE A 1149 -2.50 -29.54 13.73
C PHE A 1149 -3.52 -30.66 13.75
N ALA A 1150 -3.10 -31.90 14.01
CA ALA A 1150 -4.05 -33.00 14.13
C ALA A 1150 -5.00 -32.77 15.31
N ASN A 1151 -4.46 -32.32 16.43
CA ASN A 1151 -5.25 -32.04 17.63
C ASN A 1151 -5.64 -30.58 17.75
N ALA A 1152 -5.33 -29.75 16.74
CA ALA A 1152 -5.68 -28.34 16.78
C ALA A 1152 -7.18 -28.17 16.86
N ASN A 1153 -7.63 -27.28 17.76
CA ASN A 1153 -9.05 -27.03 17.92
C ASN A 1153 -9.66 -26.42 16.67
N ARG A 1154 -8.97 -25.47 16.05
CA ARG A 1154 -9.45 -24.82 14.84
C ARG A 1154 -8.41 -25.01 13.75
N VAL A 1155 -8.85 -25.43 12.57
CA VAL A 1155 -7.96 -25.68 11.44
C VAL A 1155 -8.47 -24.90 10.23
N PHE A 1156 -7.58 -24.09 9.64
CA PHE A 1156 -7.86 -23.37 8.41
C PHE A 1156 -7.04 -23.97 7.29
N ARG A 1157 -7.58 -23.98 6.09
CA ARG A 1157 -6.88 -24.47 4.91
C ARG A 1157 -6.83 -23.38 3.85
N THR A 1158 -5.64 -23.15 3.30
CA THR A 1158 -5.42 -22.11 2.31
C THR A 1158 -5.19 -22.74 0.95
N ARG A 1159 -5.91 -22.26 -0.06
CA ARG A 1159 -5.83 -22.80 -1.41
C ARG A 1159 -5.62 -21.67 -2.41
N PHE A 1160 -5.06 -22.02 -3.56
CA PHE A 1160 -4.83 -21.08 -4.66
C PHE A 1160 -5.70 -21.52 -5.83
N GLN A 1161 -6.82 -20.81 -6.04
CA GLN A 1161 -7.79 -21.22 -7.06
C GLN A 1161 -7.55 -20.51 -8.39
N ASP A 1162 -7.67 -19.19 -8.41
CA ASP A 1162 -7.47 -18.39 -9.63
C ASP A 1162 -6.82 -17.07 -9.24
N GLY A 1163 -5.49 -17.04 -9.26
CA GLY A 1163 -4.75 -15.83 -8.94
C GLY A 1163 -5.02 -15.25 -7.56
N THR A 1164 -5.78 -15.96 -6.73
CA THR A 1164 -6.13 -15.48 -5.40
C THR A 1164 -5.98 -16.62 -4.40
N SER A 1165 -5.85 -16.25 -3.14
CA SER A 1165 -5.76 -17.21 -2.04
C SER A 1165 -7.07 -17.22 -1.28
N VAL A 1166 -7.60 -18.41 -1.03
CA VAL A 1166 -8.86 -18.58 -0.33
C VAL A 1166 -8.63 -19.40 0.93
N VAL A 1167 -9.26 -18.98 2.03
CA VAL A 1167 -9.15 -19.65 3.32
C VAL A 1167 -10.48 -20.29 3.64
N SER A 1168 -10.45 -21.59 3.95
CA SER A 1168 -11.66 -22.36 4.21
C SER A 1168 -11.54 -23.07 5.55
N ILE A 1169 -12.69 -23.39 6.13
CA ILE A 1169 -12.72 -24.06 7.43
C ILE A 1169 -12.36 -25.53 7.25
N MET A 1170 -11.81 -26.12 8.31
CA MET A 1170 -11.20 -27.45 8.24
C MET A 1170 -10.13 -27.52 7.16
N GLN B 126 10.32 -21.09 -46.52
CA GLN B 126 8.87 -21.27 -46.49
C GLN B 126 8.33 -21.08 -45.07
N LEU B 127 8.92 -21.78 -44.12
CA LEU B 127 8.52 -21.72 -42.72
C LEU B 127 9.64 -21.04 -41.92
N SER B 128 9.29 -19.99 -41.19
CA SER B 128 10.27 -19.27 -40.39
C SER B 128 10.71 -20.13 -39.22
N PRO B 129 11.99 -20.07 -38.83
CA PRO B 129 12.46 -20.88 -37.70
C PRO B 129 11.81 -20.43 -36.39
N VAL B 130 11.58 -21.40 -35.51
CA VAL B 130 11.01 -21.16 -34.19
C VAL B 130 11.84 -21.88 -33.16
N LYS B 131 11.83 -21.38 -31.93
CA LYS B 131 12.56 -21.99 -30.82
C LYS B 131 11.66 -22.98 -30.09
N ASN B 132 12.13 -24.21 -29.94
CA ASN B 132 11.35 -25.27 -29.31
C ASN B 132 11.77 -25.52 -27.87
N SER B 133 13.06 -25.49 -27.58
CA SER B 133 13.67 -25.73 -26.26
C SER B 133 13.47 -27.16 -25.77
N ARG B 134 12.84 -28.03 -26.55
CA ARG B 134 12.66 -29.43 -26.21
C ARG B 134 13.34 -30.37 -27.19
N VAL B 135 13.19 -30.13 -28.49
CA VAL B 135 13.89 -30.94 -29.49
C VAL B 135 15.40 -30.71 -29.39
N GLU B 136 15.81 -29.48 -29.09
CA GLU B 136 17.23 -29.17 -28.95
C GLU B 136 17.85 -29.96 -27.80
N LEU B 137 17.13 -30.09 -26.68
CA LEU B 137 17.65 -30.88 -25.57
C LEU B 137 17.82 -32.34 -25.95
N GLN B 138 16.84 -32.90 -26.68
CA GLN B 138 16.95 -34.29 -27.13
C GLN B 138 18.12 -34.47 -28.08
N LYS B 139 18.31 -33.51 -29.00
CA LYS B 139 19.44 -33.59 -29.92
C LYS B 139 20.77 -33.51 -29.18
N ILE B 140 20.85 -32.66 -28.16
CA ILE B 140 22.10 -32.51 -27.41
C ILE B 140 22.39 -33.77 -26.59
N TYR B 141 21.38 -34.30 -25.90
CA TYR B 141 21.57 -35.43 -24.99
C TYR B 141 21.31 -36.78 -25.65
N ASP B 142 20.09 -36.99 -26.14
CA ASP B 142 19.71 -38.31 -26.65
C ASP B 142 20.43 -38.63 -27.96
N ARG B 143 20.44 -37.69 -28.90
CA ARG B 143 21.05 -37.94 -30.20
C ARG B 143 22.57 -38.08 -30.07
N HIS B 144 23.19 -37.25 -29.24
CA HIS B 144 24.64 -37.30 -29.05
C HIS B 144 25.01 -38.23 -27.90
N GLN B 151 30.93 -44.74 -16.33
CA GLN B 151 32.26 -45.31 -16.16
C GLN B 151 32.46 -45.78 -14.73
N SER B 152 33.53 -45.29 -14.10
CA SER B 152 33.85 -45.66 -12.72
C SER B 152 33.29 -44.59 -11.79
N ARG B 153 32.50 -45.02 -10.81
CA ARG B 153 31.86 -44.12 -9.86
C ARG B 153 32.45 -44.38 -8.47
N LEU B 154 32.90 -43.31 -7.82
CA LEU B 154 33.46 -43.41 -6.47
C LEU B 154 32.35 -43.15 -5.46
N PHE B 155 32.07 -44.14 -4.61
CA PHE B 155 31.01 -44.03 -3.62
C PHE B 155 31.53 -44.46 -2.26
N ILE B 156 30.94 -43.88 -1.22
CA ILE B 156 31.32 -44.17 0.16
C ILE B 156 30.60 -45.43 0.60
N ASN B 157 31.36 -46.47 0.94
CA ASN B 157 30.76 -47.72 1.41
C ASN B 157 30.42 -47.64 2.88
N GLU B 158 31.42 -47.48 3.75
CA GLU B 158 31.22 -47.42 5.18
C GLU B 158 32.15 -46.38 5.78
N LEU B 159 31.86 -45.99 7.02
CA LEU B 159 32.63 -44.96 7.70
C LEU B 159 33.15 -45.49 9.03
N VAL B 160 34.32 -44.99 9.44
CA VAL B 160 34.91 -45.33 10.72
C VAL B 160 35.18 -44.04 11.47
N LEU B 161 34.70 -43.96 12.71
CA LEU B 161 34.93 -42.79 13.56
C LEU B 161 35.58 -43.23 14.86
N GLU B 162 36.56 -42.46 15.31
CA GLU B 162 37.29 -42.73 16.54
C GLU B 162 37.23 -41.47 17.39
N ASN B 163 36.26 -41.44 18.30
CA ASN B 163 36.10 -40.36 19.28
C ASN B 163 35.96 -39.00 18.60
N PHE B 164 35.15 -38.96 17.55
CA PHE B 164 34.91 -37.73 16.79
C PHE B 164 33.53 -37.18 17.14
N LYS B 165 33.50 -35.98 17.70
CA LYS B 165 32.27 -35.26 18.05
C LYS B 165 31.46 -36.13 19.02
N SER B 166 30.19 -36.41 18.76
CA SER B 166 29.37 -37.14 19.72
C SER B 166 29.81 -38.60 19.84
N TYR B 167 30.28 -39.20 18.75
CA TYR B 167 30.71 -40.58 18.79
C TYR B 167 31.96 -40.74 19.66
N ALA B 168 31.98 -41.80 20.47
CA ALA B 168 33.10 -42.12 21.34
C ALA B 168 33.57 -43.54 21.04
N GLY B 169 34.89 -43.72 21.05
CA GLY B 169 35.43 -45.03 20.73
C GLY B 169 35.37 -45.31 19.24
N LYS B 170 35.54 -46.59 18.90
CA LYS B 170 35.53 -47.03 17.51
C LYS B 170 34.10 -47.34 17.11
N GLN B 171 33.51 -46.44 16.33
CA GLN B 171 32.16 -46.63 15.81
C GLN B 171 32.23 -46.78 14.29
N VAL B 172 31.34 -47.62 13.76
CA VAL B 172 31.27 -47.91 12.34
C VAL B 172 29.90 -47.52 11.82
N VAL B 173 29.88 -46.77 10.71
CA VAL B 173 28.66 -46.43 10.01
C VAL B 173 28.55 -47.36 8.81
N GLY B 174 27.44 -48.09 8.74
CA GLY B 174 27.31 -49.20 7.82
C GLY B 174 27.21 -48.81 6.36
N PRO B 175 26.85 -49.77 5.52
CA PRO B 175 26.85 -49.53 4.07
C PRO B 175 25.83 -48.47 3.67
N PHE B 176 26.17 -47.73 2.62
CA PHE B 176 25.24 -46.80 1.97
C PHE B 176 24.88 -47.37 0.60
N HIS B 177 23.60 -47.29 0.25
CA HIS B 177 23.15 -47.78 -1.05
C HIS B 177 23.77 -46.93 -2.16
N THR B 178 24.14 -47.60 -3.26
CA THR B 178 24.77 -46.91 -4.37
C THR B 178 23.83 -45.97 -5.11
N SER B 179 22.53 -46.06 -4.86
CA SER B 179 21.54 -45.21 -5.52
C SER B 179 20.95 -44.15 -4.60
N PHE B 180 20.44 -44.56 -3.44
CA PHE B 180 19.82 -43.61 -2.53
C PHE B 180 19.84 -44.18 -1.12
N SER B 181 20.40 -43.41 -0.18
CA SER B 181 20.44 -43.80 1.22
C SER B 181 19.93 -42.66 2.08
N ALA B 182 19.22 -43.01 3.14
CA ALA B 182 18.61 -42.05 4.04
C ALA B 182 19.13 -42.23 5.46
N VAL B 183 19.46 -41.12 6.12
CA VAL B 183 19.91 -41.11 7.50
C VAL B 183 18.81 -40.48 8.35
N VAL B 184 18.30 -41.24 9.31
CA VAL B 184 17.20 -40.80 10.15
C VAL B 184 17.57 -41.00 11.62
N GLY B 185 16.89 -40.25 12.47
CA GLY B 185 17.10 -40.33 13.91
C GLY B 185 16.52 -39.15 14.64
N PRO B 186 16.51 -39.23 15.98
CA PRO B 186 16.01 -38.11 16.78
C PRO B 186 16.91 -36.90 16.67
N ASN B 187 16.32 -35.74 16.95
CA ASN B 187 17.06 -34.49 16.90
C ASN B 187 18.18 -34.50 17.93
N GLY B 188 19.37 -34.06 17.51
CA GLY B 188 20.53 -34.02 18.37
C GLY B 188 21.28 -35.32 18.51
N SER B 189 20.80 -36.40 17.90
CA SER B 189 21.48 -37.69 18.03
C SER B 189 22.87 -37.65 17.41
N GLY B 190 23.02 -37.00 16.27
CA GLY B 190 24.32 -36.91 15.63
C GLY B 190 24.36 -37.42 14.21
N LYS B 191 23.21 -37.41 13.52
CA LYS B 191 23.20 -37.81 12.12
C LYS B 191 23.94 -36.79 11.26
N SER B 192 23.77 -35.50 11.56
CA SER B 192 24.53 -34.46 10.85
C SER B 192 26.01 -34.55 11.13
N ASN B 193 26.40 -35.18 12.25
CA ASN B 193 27.82 -35.40 12.51
C ASN B 193 28.45 -36.32 11.47
N VAL B 194 27.65 -37.16 10.80
CA VAL B 194 28.17 -37.94 9.68
C VAL B 194 28.60 -37.03 8.55
N ILE B 195 27.78 -36.03 8.23
CA ILE B 195 28.15 -35.03 7.23
C ILE B 195 29.37 -34.25 7.71
N ASP B 196 29.42 -33.95 9.01
CA ASP B 196 30.58 -33.25 9.56
C ASP B 196 31.86 -34.07 9.38
N SER B 197 31.77 -35.38 9.59
CA SER B 197 32.92 -36.25 9.38
C SER B 197 33.31 -36.29 7.90
N MET B 198 32.34 -36.33 7.00
CA MET B 198 32.66 -36.29 5.58
C MET B 198 33.36 -35.00 5.20
N LEU B 199 32.91 -33.88 5.76
CA LEU B 199 33.59 -32.61 5.49
C LEU B 199 34.98 -32.58 6.11
N PHE B 200 35.13 -33.17 7.30
CA PHE B 200 36.42 -33.18 7.98
C PHE B 200 37.45 -33.98 7.21
N VAL B 201 37.09 -35.20 6.76
CA VAL B 201 38.04 -36.01 6.01
C VAL B 201 38.39 -35.37 4.68
N PHE B 202 37.51 -34.51 4.15
CA PHE B 202 37.79 -33.78 2.93
C PHE B 202 38.68 -32.57 3.15
N GLY B 203 38.96 -32.22 4.40
CA GLY B 203 39.80 -31.07 4.70
C GLY B 203 39.07 -29.74 4.76
N PHE B 204 37.76 -29.75 4.99
CA PHE B 204 37.00 -28.52 5.04
C PHE B 204 37.35 -27.73 6.31
N ARG B 205 36.95 -26.45 6.30
CA ARG B 205 37.24 -25.57 7.41
C ARG B 205 36.48 -26.03 8.67
N ALA B 206 37.11 -25.81 9.82
CA ALA B 206 36.48 -26.19 11.08
C ALA B 206 35.27 -25.34 11.41
N ASN B 207 35.23 -24.09 10.94
CA ASN B 207 34.10 -23.22 11.21
C ASN B 207 32.79 -23.78 10.63
N LYS B 208 32.89 -24.54 9.54
CA LYS B 208 31.71 -25.17 8.96
C LYS B 208 31.17 -26.32 9.81
N MET B 209 31.96 -26.82 10.77
CA MET B 209 31.51 -27.88 11.66
C MET B 209 30.93 -27.34 12.96
N ARG B 210 30.57 -26.06 12.99
CA ARG B 210 29.99 -25.42 14.18
C ARG B 210 30.93 -25.49 15.37
N GLN B 211 32.24 -25.49 15.12
CA GLN B 211 33.25 -25.48 16.17
C GLN B 211 34.30 -24.43 15.85
N ASP B 212 34.70 -23.67 16.87
CA ASP B 212 35.67 -22.60 16.67
C ASP B 212 37.11 -23.10 16.69
N ARG B 213 37.34 -24.37 17.02
CA ARG B 213 38.68 -24.89 17.17
C ARG B 213 38.68 -26.38 16.87
N LEU B 214 39.80 -26.87 16.33
CA LEU B 214 39.95 -28.30 16.09
C LEU B 214 39.96 -29.10 17.37
N SER B 215 40.35 -28.49 18.49
CA SER B 215 40.32 -29.20 19.77
C SER B 215 38.89 -29.53 20.18
N ASP B 216 37.94 -28.66 19.85
CA ASP B 216 36.55 -28.89 20.19
C ASP B 216 35.96 -30.08 19.45
N LEU B 217 36.53 -30.45 18.29
CA LEU B 217 36.06 -31.62 17.57
C LEU B 217 36.34 -32.92 18.32
N ILE B 218 37.28 -32.90 19.26
CA ILE B 218 37.57 -34.08 20.07
C ILE B 218 36.36 -34.37 20.96
N HIS B 219 35.99 -35.65 21.05
CA HIS B 219 34.85 -36.04 21.87
C HIS B 219 35.09 -35.68 23.33
N LYS B 220 34.08 -35.08 23.96
CA LYS B 220 34.14 -34.69 25.36
C LYS B 220 32.85 -35.10 26.05
N SER B 221 32.98 -35.79 27.17
CA SER B 221 31.83 -36.27 27.92
C SER B 221 32.24 -36.53 29.35
N GLU B 222 31.25 -36.85 30.18
CA GLU B 222 31.53 -37.14 31.60
C GLU B 222 32.43 -38.36 31.75
N ALA B 223 32.16 -39.42 30.99
CA ALA B 223 32.96 -40.63 31.06
C ALA B 223 34.30 -40.49 30.36
N PHE B 224 34.47 -39.47 29.53
CA PHE B 224 35.70 -39.23 28.78
C PHE B 224 36.13 -37.78 29.02
N PRO B 225 36.75 -37.50 30.16
CA PRO B 225 37.08 -36.08 30.47
C PRO B 225 37.99 -35.42 29.45
N SER B 226 39.17 -35.97 29.21
CA SER B 226 40.16 -35.35 28.33
C SER B 226 40.73 -36.38 27.38
N LEU B 227 40.72 -36.06 26.08
CA LEU B 227 41.29 -36.92 25.04
C LEU B 227 42.20 -36.10 24.16
N GLN B 228 43.11 -36.79 23.45
CA GLN B 228 44.12 -36.13 22.65
C GLN B 228 44.11 -36.54 21.18
N SER B 229 43.16 -37.36 20.75
CA SER B 229 43.16 -37.83 19.38
C SER B 229 41.76 -38.20 18.94
N CYS B 230 41.43 -37.87 17.69
CA CYS B 230 40.21 -38.30 17.04
C CYS B 230 40.52 -38.66 15.59
N SER B 231 39.75 -39.57 15.02
CA SER B 231 40.02 -40.05 13.66
C SER B 231 38.74 -40.21 12.88
N VAL B 232 38.80 -39.89 11.59
CA VAL B 232 37.69 -40.09 10.66
C VAL B 232 38.22 -40.77 9.41
N ALA B 233 37.68 -41.95 9.10
CA ALA B 233 38.13 -42.74 7.96
C ALA B 233 36.95 -43.04 7.05
N VAL B 234 37.15 -42.86 5.74
CA VAL B 234 36.15 -43.12 4.73
C VAL B 234 36.70 -44.15 3.75
N HIS B 235 35.84 -45.09 3.36
CA HIS B 235 36.21 -46.20 2.48
C HIS B 235 35.55 -45.96 1.13
N PHE B 236 36.28 -45.30 0.22
CA PHE B 236 35.78 -45.08 -1.12
C PHE B 236 35.94 -46.35 -1.95
N GLN B 237 34.87 -46.72 -2.66
CA GLN B 237 34.87 -47.90 -3.52
C GLN B 237 34.39 -47.53 -4.91
N TYR B 238 34.77 -48.33 -5.90
CA TYR B 238 34.45 -48.06 -7.30
C TYR B 238 33.31 -48.98 -7.72
N VAL B 239 32.26 -48.39 -8.27
CA VAL B 239 31.09 -49.11 -8.76
C VAL B 239 30.79 -48.66 -10.18
N ILE B 240 30.36 -49.60 -11.02
CA ILE B 240 30.04 -49.32 -12.42
C ILE B 240 28.58 -49.72 -12.66
N ASP B 241 27.87 -48.86 -13.38
CA ASP B 241 26.45 -49.09 -13.67
C ASP B 241 26.30 -49.88 -14.97
N GLU B 242 25.06 -50.26 -15.25
CA GLU B 242 24.71 -51.02 -16.45
C GLU B 242 23.50 -50.38 -17.12
N SER B 243 23.24 -50.83 -18.35
CA SER B 243 22.08 -50.31 -19.09
C SER B 243 20.78 -50.67 -18.41
N SER B 244 20.69 -51.85 -17.80
CA SER B 244 19.48 -52.28 -17.11
C SER B 244 19.26 -51.51 -15.81
N GLY B 245 20.24 -50.74 -15.34
CA GLY B 245 20.14 -49.97 -14.12
C GLY B 245 20.87 -50.58 -12.94
N THR B 246 21.25 -51.84 -13.01
CA THR B 246 21.98 -52.49 -11.93
C THR B 246 23.41 -51.96 -11.89
N SER B 247 23.96 -51.89 -10.68
CA SER B 247 25.32 -51.43 -10.45
C SER B 247 26.11 -52.50 -9.72
N ARG B 248 27.35 -52.71 -10.17
CA ARG B 248 28.21 -53.74 -9.59
C ARG B 248 29.55 -53.13 -9.20
N ILE B 249 30.10 -53.61 -8.09
CA ILE B 249 31.37 -53.10 -7.60
C ILE B 249 32.49 -53.56 -8.52
N ASP B 250 33.32 -52.62 -8.96
CA ASP B 250 34.43 -52.93 -9.87
C ASP B 250 35.59 -53.48 -9.06
N GLU B 251 35.83 -54.78 -9.19
CA GLU B 251 36.92 -55.43 -8.45
C GLU B 251 38.28 -55.16 -9.07
N GLU B 252 38.33 -54.70 -10.33
CA GLU B 252 39.60 -54.42 -10.98
C GLU B 252 40.33 -53.28 -10.27
N LYS B 253 39.61 -52.22 -9.91
CA LYS B 253 40.21 -51.09 -9.22
C LYS B 253 40.19 -51.33 -7.72
N PRO B 254 41.34 -51.31 -7.05
CA PRO B 254 41.35 -51.55 -5.60
C PRO B 254 40.65 -50.44 -4.84
N GLY B 255 40.12 -50.79 -3.68
CA GLY B 255 39.44 -49.81 -2.85
C GLY B 255 40.39 -48.77 -2.29
N LEU B 256 39.84 -47.61 -1.98
CA LEU B 256 40.60 -46.47 -1.48
C LEU B 256 40.18 -46.15 -0.05
N ILE B 257 41.15 -45.82 0.79
CA ILE B 257 40.91 -45.50 2.19
C ILE B 257 41.50 -44.11 2.47
N ILE B 258 40.66 -43.18 2.91
CA ILE B 258 41.10 -41.82 3.20
C ILE B 258 40.75 -41.53 4.65
N THR B 259 41.77 -41.24 5.46
CA THR B 259 41.52 -40.96 6.87
C THR B 259 42.27 -39.71 7.32
N ARG B 260 41.66 -38.99 8.26
CA ARG B 260 42.23 -37.81 8.87
C ARG B 260 42.25 -37.99 10.38
N LYS B 261 43.39 -37.68 11.01
CA LYS B 261 43.55 -37.76 12.44
C LYS B 261 43.87 -36.38 12.99
N ALA B 262 43.14 -35.97 14.02
CA ALA B 262 43.28 -34.66 14.63
C ALA B 262 43.64 -34.80 16.10
N PHE B 263 44.59 -33.99 16.54
CA PHE B 263 45.08 -34.00 17.91
C PHE B 263 44.59 -32.76 18.66
N LYS B 264 45.04 -32.62 19.90
CA LYS B 264 44.61 -31.50 20.73
C LYS B 264 45.28 -30.20 20.32
N ASN B 265 46.48 -30.28 19.75
CA ASN B 265 47.24 -29.09 19.38
C ASN B 265 46.96 -28.60 17.96
N ASN B 266 45.76 -28.88 17.44
CA ASN B 266 45.35 -28.44 16.10
C ASN B 266 46.30 -28.96 15.02
N SER B 267 46.66 -30.23 15.12
CA SER B 267 47.50 -30.89 14.12
C SER B 267 46.67 -31.94 13.38
N SER B 268 46.68 -31.86 12.06
CA SER B 268 45.90 -32.77 11.21
C SER B 268 46.85 -33.61 10.39
N LYS B 269 46.63 -34.92 10.39
CA LYS B 269 47.43 -35.85 9.60
C LYS B 269 46.51 -36.61 8.65
N TYR B 270 46.93 -36.69 7.38
CA TYR B 270 46.15 -37.34 6.33
C TYR B 270 46.83 -38.63 5.92
N TYR B 271 46.05 -39.71 5.82
CA TYR B 271 46.55 -40.99 5.36
C TYR B 271 45.68 -41.47 4.20
N ILE B 272 46.31 -41.70 3.05
CA ILE B 272 45.68 -42.35 1.91
C ILE B 272 46.52 -43.56 1.56
N ASN B 273 45.87 -44.72 1.43
CA ASN B 273 46.56 -45.98 1.18
C ASN B 273 47.65 -46.25 2.22
N GLU B 274 47.39 -45.83 3.46
CA GLU B 274 48.29 -46.02 4.60
C GLU B 274 49.68 -45.45 4.32
N LYS B 275 49.72 -44.14 4.08
CA LYS B 275 50.99 -43.43 3.93
C LYS B 275 50.77 -41.95 4.18
N GLU B 276 51.84 -41.26 4.58
CA GLU B 276 51.75 -39.86 4.92
C GLU B 276 51.40 -39.02 3.70
N SER B 277 50.51 -38.04 3.88
CA SER B 277 50.07 -37.17 2.80
C SER B 277 49.93 -35.75 3.33
N SER B 278 49.59 -34.83 2.43
CA SER B 278 49.44 -33.42 2.76
C SER B 278 48.06 -32.94 2.32
N TYR B 279 47.69 -31.76 2.83
CA TYR B 279 46.39 -31.19 2.54
C TYR B 279 46.24 -30.89 1.04
N THR B 280 47.28 -30.32 0.43
CA THR B 280 47.25 -30.02 -1.00
C THR B 280 47.14 -31.29 -1.83
N GLU B 281 47.89 -32.32 -1.45
CA GLU B 281 47.82 -33.60 -2.18
C GLU B 281 46.44 -34.22 -2.04
N VAL B 282 45.85 -34.15 -0.85
CA VAL B 282 44.51 -34.67 -0.65
C VAL B 282 43.50 -33.93 -1.52
N THR B 283 43.60 -32.60 -1.57
CA THR B 283 42.69 -31.83 -2.41
C THR B 283 42.88 -32.18 -3.88
N LYS B 284 44.12 -32.34 -4.33
CA LYS B 284 44.37 -32.69 -5.73
C LYS B 284 43.79 -34.07 -6.05
N LEU B 285 43.97 -35.04 -5.15
CA LEU B 285 43.41 -36.36 -5.38
C LEU B 285 41.88 -36.33 -5.41
N LEU B 286 41.26 -35.55 -4.51
CA LEU B 286 39.82 -35.43 -4.51
C LEU B 286 39.31 -34.78 -5.79
N LYS B 287 40.01 -33.75 -6.27
CA LYS B 287 39.64 -33.12 -7.53
C LYS B 287 39.77 -34.08 -8.70
N ASN B 288 40.82 -34.90 -8.70
CA ASN B 288 41.01 -35.86 -9.78
C ASN B 288 39.92 -36.92 -9.80
N GLU B 289 39.31 -37.20 -8.65
CA GLU B 289 38.27 -38.22 -8.57
C GLU B 289 36.89 -37.70 -8.96
N GLY B 290 36.76 -36.42 -9.27
CA GLY B 290 35.49 -35.85 -9.67
C GLY B 290 34.75 -35.08 -8.61
N ILE B 291 35.35 -34.85 -7.45
CA ILE B 291 34.75 -34.08 -6.37
C ILE B 291 35.39 -32.69 -6.37
N ASP B 292 34.58 -31.66 -6.55
CA ASP B 292 35.05 -30.28 -6.60
C ASP B 292 34.94 -29.64 -5.22
N LEU B 293 36.09 -29.43 -4.57
CA LEU B 293 36.13 -28.83 -3.25
C LEU B 293 36.18 -27.30 -3.28
N ASP B 294 36.38 -26.71 -4.46
CA ASP B 294 36.42 -25.25 -4.54
C ASP B 294 35.08 -24.63 -4.19
N HIS B 295 33.99 -25.23 -4.66
CA HIS B 295 32.64 -24.76 -4.36
C HIS B 295 31.81 -25.92 -3.82
N LYS B 296 31.00 -25.61 -2.82
CA LYS B 296 30.15 -26.64 -2.18
C LYS B 296 29.00 -26.96 -3.11
N ARG B 297 29.18 -28.00 -3.93
CA ARG B 297 28.16 -28.47 -4.86
C ARG B 297 27.50 -29.75 -4.38
N PHE B 298 28.28 -30.75 -4.00
CA PHE B 298 27.76 -31.98 -3.41
C PHE B 298 27.22 -31.76 -2.00
N LEU B 299 27.51 -30.60 -1.40
CA LEU B 299 27.15 -30.32 -0.01
C LEU B 299 25.98 -29.35 0.03
N ILE B 300 24.92 -29.75 0.75
CA ILE B 300 23.84 -28.85 1.13
C ILE B 300 23.62 -29.01 2.62
N LEU B 301 23.81 -27.93 3.37
CA LEU B 301 23.74 -28.00 4.82
C LEU B 301 22.28 -27.96 5.28
N GLN B 302 22.08 -27.96 6.60
CA GLN B 302 20.73 -28.02 7.16
C GLN B 302 19.94 -26.76 6.83
N GLY B 303 20.51 -25.59 7.10
CA GLY B 303 19.84 -24.33 6.85
C GLY B 303 20.30 -23.57 5.63
N GLU B 304 21.06 -24.18 4.74
CA GLU B 304 21.58 -23.51 3.54
C GLU B 304 21.12 -24.23 2.28
N VAL B 305 19.84 -24.59 2.25
CA VAL B 305 19.23 -25.22 1.08
C VAL B 305 18.53 -24.19 0.21
N GLU B 306 17.94 -23.15 0.81
CA GLU B 306 17.26 -22.11 0.05
C GLU B 306 18.22 -21.07 -0.50
N ASN B 307 19.47 -21.05 -0.04
CA ASN B 307 20.42 -20.03 -0.45
C ASN B 307 20.98 -20.27 -1.85
N ILE B 308 20.78 -21.46 -2.42
CA ILE B 308 21.27 -21.73 -3.78
C ILE B 308 20.54 -20.84 -4.78
N ALA B 309 19.22 -20.73 -4.66
CA ALA B 309 18.44 -19.89 -5.55
C ALA B 309 18.53 -18.41 -5.21
N GLN B 310 19.08 -18.06 -4.04
CA GLN B 310 19.19 -16.68 -3.61
C GLN B 310 20.60 -16.11 -3.78
N MET B 311 21.47 -16.81 -4.50
CA MET B 311 22.83 -16.32 -4.69
C MET B 311 22.82 -15.03 -5.50
N LYS B 312 23.56 -14.03 -5.02
CA LYS B 312 23.62 -12.74 -5.69
C LYS B 312 24.40 -12.87 -7.01
N PRO B 313 24.05 -12.05 -8.01
CA PRO B 313 24.69 -12.18 -9.33
C PRO B 313 26.20 -12.10 -9.31
N LYS B 314 26.77 -11.21 -8.51
CA LYS B 314 28.23 -11.04 -8.45
C LYS B 314 28.68 -10.95 -7.00
N ALA B 315 29.87 -11.47 -6.73
CA ALA B 315 30.44 -11.44 -5.39
C ALA B 315 31.17 -10.13 -5.18
N GLU B 316 30.79 -9.40 -4.13
CA GLU B 316 31.44 -8.12 -3.84
C GLU B 316 32.91 -8.30 -3.51
N LYS B 317 33.24 -9.36 -2.76
CA LYS B 317 34.61 -9.66 -2.37
C LYS B 317 34.92 -11.11 -2.71
N GLU B 318 36.18 -11.49 -2.50
CA GLU B 318 36.60 -12.85 -2.80
C GLU B 318 35.95 -13.85 -1.84
N SER B 319 35.73 -13.46 -0.59
CA SER B 319 35.11 -14.36 0.38
C SER B 319 33.68 -14.70 -0.02
N ASP B 320 32.93 -13.71 -0.50
CA ASP B 320 31.55 -13.94 -0.90
C ASP B 320 31.49 -14.81 -2.15
N ASP B 321 30.36 -15.50 -2.30
CA ASP B 321 30.13 -16.39 -3.44
C ASP B 321 28.89 -15.94 -4.19
N GLY B 322 28.97 -15.99 -5.52
CA GLY B 322 27.88 -15.55 -6.38
C GLY B 322 27.57 -16.60 -7.44
N LEU B 323 26.47 -16.34 -8.15
CA LEU B 323 26.03 -17.26 -9.19
C LEU B 323 26.95 -17.23 -10.40
N LEU B 324 27.55 -16.08 -10.70
CA LEU B 324 28.45 -15.98 -11.84
C LEU B 324 29.68 -16.87 -11.64
N GLU B 325 30.25 -16.87 -10.43
CA GLU B 325 31.36 -17.76 -10.14
C GLU B 325 30.95 -19.21 -10.22
N TYR B 326 29.73 -19.53 -9.78
CA TYR B 326 29.23 -20.89 -9.88
C TYR B 326 29.16 -21.34 -11.33
N LEU B 327 28.61 -20.49 -12.20
CA LEU B 327 28.59 -20.81 -13.62
C LEU B 327 30.00 -20.95 -14.18
N GLU B 328 30.91 -20.06 -13.75
CA GLU B 328 32.27 -20.10 -14.25
C GLU B 328 32.97 -21.40 -13.89
N ASP B 329 32.79 -21.89 -12.67
CA ASP B 329 33.44 -23.12 -12.28
C ASP B 329 32.64 -24.37 -12.66
N ILE B 330 31.44 -24.21 -13.21
CA ILE B 330 30.78 -25.32 -13.90
C ILE B 330 31.31 -25.45 -15.32
N ILE B 331 31.14 -24.43 -16.15
CA ILE B 331 31.60 -24.53 -17.53
C ILE B 331 33.13 -24.60 -17.58
N GLY B 332 33.82 -23.78 -16.80
CA GLY B 332 35.26 -23.86 -16.74
C GLY B 332 35.95 -22.59 -17.18
N THR B 333 35.27 -21.46 -17.09
CA THR B 333 35.83 -20.17 -17.43
C THR B 333 36.43 -19.45 -16.24
N ALA B 334 36.43 -20.07 -15.06
CA ALA B 334 37.01 -19.43 -13.88
C ALA B 334 38.52 -19.34 -13.97
N ASN B 335 39.18 -20.33 -14.59
CA ASN B 335 40.63 -20.33 -14.68
C ASN B 335 41.16 -19.21 -15.58
N TYR B 336 40.32 -18.68 -16.48
CA TYR B 336 40.76 -17.60 -17.34
C TYR B 336 40.75 -16.24 -16.65
N LYS B 337 40.08 -16.12 -15.51
CA LYS B 337 40.02 -14.84 -14.80
C LYS B 337 41.38 -14.34 -14.34
N PRO B 338 42.23 -15.16 -13.70
CA PRO B 338 43.58 -14.65 -13.36
C PRO B 338 44.40 -14.27 -14.59
N LEU B 339 44.26 -15.00 -15.69
CA LEU B 339 44.98 -14.63 -16.91
C LEU B 339 44.51 -13.29 -17.44
N ILE B 340 43.20 -13.06 -17.46
CA ILE B 340 42.68 -11.77 -17.91
C ILE B 340 43.14 -10.66 -16.98
N GLU B 341 43.15 -10.90 -15.67
CA GLU B 341 43.61 -9.89 -14.74
C GLU B 341 45.08 -9.56 -14.95
N GLU B 342 45.91 -10.57 -15.16
CA GLU B 342 47.32 -10.34 -15.41
C GLU B 342 47.54 -9.58 -16.72
N ARG B 343 46.78 -9.93 -17.76
CA ARG B 343 46.90 -9.22 -19.03
C ARG B 343 46.48 -7.77 -18.89
N MET B 344 45.40 -7.51 -18.15
CA MET B 344 44.97 -6.13 -17.93
C MET B 344 46.02 -5.35 -17.13
N GLY B 345 46.63 -6.00 -16.13
CA GLY B 345 47.69 -5.34 -15.38
C GLY B 345 48.89 -5.02 -16.24
N GLN B 346 49.26 -5.95 -17.13
CA GLN B 346 50.36 -5.69 -18.05
C GLN B 346 50.04 -4.55 -19.00
N ILE B 347 48.79 -4.50 -19.49
CA ILE B 347 48.37 -3.40 -20.36
C ILE B 347 48.44 -2.08 -19.63
N GLU B 348 47.96 -2.04 -18.38
CA GLU B 348 48.02 -0.82 -17.60
C GLU B 348 49.46 -0.40 -17.31
N ASN B 349 50.36 -1.38 -17.14
CA ASN B 349 51.77 -1.05 -16.92
C ASN B 349 52.36 -0.34 -18.13
N LEU B 350 52.02 -0.79 -19.34
CA LEU B 350 52.52 -0.17 -20.55
C LEU B 350 51.85 1.18 -20.80
N VAL B 1246 53.96 1.46 -30.27
CA VAL B 1246 54.50 0.15 -29.91
C VAL B 1246 53.54 -0.95 -30.35
N GLN B 1247 54.08 -1.97 -31.02
CA GLN B 1247 53.26 -3.09 -31.48
C GLN B 1247 53.11 -4.18 -30.43
N LYS B 1248 53.93 -4.17 -29.37
CA LYS B 1248 53.76 -5.12 -28.30
C LYS B 1248 52.41 -4.93 -27.60
N ARG B 1249 52.04 -3.67 -27.35
CA ARG B 1249 50.75 -3.40 -26.73
C ARG B 1249 49.60 -3.84 -27.63
N ASP B 1250 49.73 -3.60 -28.93
CA ASP B 1250 48.70 -4.03 -29.87
C ASP B 1250 48.56 -5.55 -29.89
N GLU B 1251 49.69 -6.26 -29.88
CA GLU B 1251 49.65 -7.72 -29.86
C GLU B 1251 49.02 -8.24 -28.58
N VAL B 1252 49.37 -7.63 -27.43
CA VAL B 1252 48.78 -8.05 -26.16
C VAL B 1252 47.28 -7.78 -26.16
N LYS B 1253 46.86 -6.64 -26.70
CA LYS B 1253 45.43 -6.34 -26.77
C LYS B 1253 44.70 -7.32 -27.67
N GLU B 1254 45.31 -7.69 -28.80
CA GLU B 1254 44.69 -8.66 -29.69
C GLU B 1254 44.55 -10.02 -29.02
N GLN B 1255 45.59 -10.45 -28.30
CA GLN B 1255 45.53 -11.72 -27.58
C GLN B 1255 44.46 -11.69 -26.50
N LEU B 1256 44.36 -10.57 -25.77
CA LEU B 1256 43.33 -10.43 -24.76
C LEU B 1256 41.94 -10.49 -25.38
N GLY B 1257 41.75 -9.82 -26.52
CA GLY B 1257 40.47 -9.86 -27.19
C GLY B 1257 40.09 -11.25 -27.66
N ILE B 1258 41.06 -11.99 -28.22
CA ILE B 1258 40.80 -13.35 -28.68
C ILE B 1258 40.41 -14.23 -27.50
N LEU B 1259 41.16 -14.14 -26.39
CA LEU B 1259 40.84 -14.93 -25.22
C LEU B 1259 39.48 -14.58 -24.66
N LYS B 1260 39.15 -13.28 -24.61
CA LYS B 1260 37.85 -12.85 -24.11
C LYS B 1260 36.72 -13.36 -25.00
N LYS B 1261 36.92 -13.32 -26.32
CA LYS B 1261 35.90 -13.83 -27.23
C LYS B 1261 35.69 -15.33 -27.06
N LYS B 1262 36.78 -16.08 -26.92
CA LYS B 1262 36.64 -17.53 -26.70
C LYS B 1262 35.92 -17.82 -25.39
N ARG B 1263 36.30 -17.11 -24.33
CA ARG B 1263 35.64 -17.29 -23.04
C ARG B 1263 34.16 -16.93 -23.13
N PHE B 1264 33.83 -15.84 -23.82
CA PHE B 1264 32.44 -15.44 -23.98
C PHE B 1264 31.64 -16.49 -24.74
N ASP B 1265 32.21 -17.04 -25.81
CA ASP B 1265 31.50 -18.06 -26.58
C ASP B 1265 31.26 -19.31 -25.74
N GLU B 1266 32.29 -19.77 -25.02
CA GLU B 1266 32.13 -20.96 -24.19
C GLU B 1266 31.10 -20.72 -23.09
N PHE B 1267 31.16 -19.55 -22.44
CA PHE B 1267 30.21 -19.23 -21.38
C PHE B 1267 28.79 -19.13 -21.92
N MET B 1268 28.62 -18.55 -23.10
CA MET B 1268 27.29 -18.44 -23.68
C MET B 1268 26.72 -19.83 -24.01
N ALA B 1269 27.55 -20.71 -24.57
CA ALA B 1269 27.06 -22.06 -24.87
C ALA B 1269 26.68 -22.79 -23.60
N GLY B 1270 27.54 -22.76 -22.58
CA GLY B 1270 27.22 -23.41 -21.33
C GLY B 1270 25.99 -22.82 -20.67
N PHE B 1271 25.85 -21.50 -20.72
CA PHE B 1271 24.69 -20.83 -20.14
C PHE B 1271 23.41 -21.24 -20.85
N ASN B 1272 23.43 -21.31 -22.18
CA ASN B 1272 22.24 -21.74 -22.91
C ASN B 1272 21.86 -23.15 -22.55
N ILE B 1273 22.83 -24.06 -22.49
CA ILE B 1273 22.53 -25.45 -22.15
C ILE B 1273 21.97 -25.54 -20.73
N ILE B 1274 22.59 -24.84 -19.78
CA ILE B 1274 22.17 -24.91 -18.39
C ILE B 1274 20.78 -24.29 -18.22
N SER B 1275 20.51 -23.18 -18.90
CA SER B 1275 19.19 -22.56 -18.83
C SER B 1275 18.12 -23.49 -19.39
N MET B 1276 18.40 -24.14 -20.52
CA MET B 1276 17.42 -25.06 -21.10
C MET B 1276 17.15 -26.23 -20.16
N THR B 1277 18.20 -26.84 -19.61
CA THR B 1277 17.98 -28.00 -18.75
C THR B 1277 17.32 -27.58 -17.43
N LEU B 1278 17.62 -26.38 -16.93
CA LEU B 1278 16.95 -25.89 -15.73
C LEU B 1278 15.47 -25.65 -15.97
N LYS B 1279 15.13 -25.06 -17.12
CA LYS B 1279 13.72 -24.85 -17.45
C LYS B 1279 13.00 -26.19 -17.55
N GLU B 1280 13.61 -27.16 -18.23
CA GLU B 1280 12.98 -28.48 -18.36
C GLU B 1280 12.80 -29.14 -17.00
N MET B 1281 13.82 -29.08 -16.15
CA MET B 1281 13.74 -29.71 -14.83
C MET B 1281 12.68 -29.05 -13.96
N TYR B 1282 12.62 -27.72 -13.97
CA TYR B 1282 11.60 -27.02 -13.18
C TYR B 1282 10.21 -27.36 -13.69
N GLN B 1283 10.03 -27.41 -15.01
CA GLN B 1283 8.73 -27.76 -15.57
C GLN B 1283 8.31 -29.17 -15.17
N MET B 1284 9.25 -30.13 -15.19
CA MET B 1284 8.87 -31.51 -14.91
C MET B 1284 8.67 -31.73 -13.41
N ILE B 1285 9.42 -31.02 -12.57
CA ILE B 1285 9.31 -31.27 -11.12
C ILE B 1285 8.16 -30.47 -10.53
N THR B 1286 7.75 -29.39 -11.19
CA THR B 1286 6.71 -28.52 -10.67
C THR B 1286 5.37 -28.72 -11.39
N MET B 1287 5.38 -29.33 -12.58
CA MET B 1287 4.18 -29.44 -13.42
C MET B 1287 3.61 -28.06 -13.73
N GLY B 1288 4.48 -27.13 -14.06
CA GLY B 1288 4.08 -25.77 -14.35
C GLY B 1288 5.18 -24.80 -13.98
N GLY B 1289 5.03 -23.57 -14.45
CA GLY B 1289 6.01 -22.53 -14.20
C GLY B 1289 7.23 -22.65 -15.08
N ASN B 1290 8.09 -21.65 -14.97
CA ASN B 1290 9.31 -21.58 -15.77
C ASN B 1290 10.49 -21.17 -14.90
N ALA B 1291 11.69 -21.56 -15.32
CA ALA B 1291 12.92 -21.14 -14.66
C ALA B 1291 13.84 -20.57 -15.72
N GLU B 1292 14.18 -19.29 -15.57
CA GLU B 1292 14.95 -18.58 -16.59
C GLU B 1292 16.21 -17.99 -15.97
N LEU B 1293 17.36 -18.24 -16.60
CA LEU B 1293 18.61 -17.60 -16.25
C LEU B 1293 18.94 -16.56 -17.32
N GLU B 1294 19.20 -15.33 -16.90
CA GLU B 1294 19.41 -14.23 -17.83
C GLU B 1294 20.63 -13.42 -17.40
N LEU B 1295 21.14 -12.63 -18.33
CA LEU B 1295 22.27 -11.75 -18.07
C LEU B 1295 21.76 -10.31 -18.02
N VAL B 1296 22.13 -9.59 -16.96
CA VAL B 1296 21.75 -8.18 -16.87
C VAL B 1296 22.37 -7.38 -18.01
N ASP B 1297 23.65 -7.65 -18.30
CA ASP B 1297 24.33 -7.08 -19.46
C ASP B 1297 24.67 -8.22 -20.40
N SER B 1298 23.89 -8.34 -21.49
CA SER B 1298 24.08 -9.46 -22.41
C SER B 1298 25.44 -9.41 -23.10
N LEU B 1299 25.86 -8.21 -23.54
CA LEU B 1299 27.13 -8.09 -24.24
C LEU B 1299 28.32 -8.25 -23.31
N ASP B 1300 28.14 -7.95 -22.02
CA ASP B 1300 29.20 -8.08 -21.01
C ASP B 1300 28.66 -8.93 -19.87
N PRO B 1301 28.72 -10.26 -20.01
CA PRO B 1301 28.15 -11.11 -18.96
C PRO B 1301 28.79 -10.94 -17.59
N PHE B 1302 30.09 -10.66 -17.55
CA PHE B 1302 30.81 -10.56 -16.29
C PHE B 1302 30.75 -9.17 -15.67
N SER B 1303 30.17 -8.19 -16.37
CA SER B 1303 30.11 -6.83 -15.84
C SER B 1303 29.05 -6.69 -14.75
N GLU B 1304 27.91 -7.37 -14.91
CA GLU B 1304 26.79 -7.21 -14.00
C GLU B 1304 26.50 -8.48 -13.20
N GLY B 1305 26.30 -9.61 -13.85
CA GLY B 1305 26.06 -10.86 -13.18
C GLY B 1305 24.96 -11.65 -13.85
N VAL B 1306 24.39 -12.60 -13.11
CA VAL B 1306 23.38 -13.52 -13.62
C VAL B 1306 22.15 -13.43 -12.74
N THR B 1307 20.98 -13.30 -13.36
CA THR B 1307 19.71 -13.19 -12.65
C THR B 1307 18.88 -14.45 -12.91
N PHE B 1308 18.33 -15.03 -11.85
CA PHE B 1308 17.53 -16.24 -11.93
C PHE B 1308 16.10 -15.86 -11.58
N SER B 1309 15.17 -16.12 -12.50
CA SER B 1309 13.77 -15.79 -12.35
C SER B 1309 12.92 -17.06 -12.38
N VAL B 1310 11.90 -17.08 -11.53
CA VAL B 1310 11.03 -18.24 -11.38
C VAL B 1310 9.59 -17.79 -11.57
N MET B 1311 8.86 -18.50 -12.43
CA MET B 1311 7.43 -18.28 -12.64
C MET B 1311 6.67 -19.47 -12.07
N PRO B 1312 6.05 -19.34 -10.91
CA PRO B 1312 5.32 -20.47 -10.32
C PRO B 1312 4.10 -20.82 -11.16
N PRO B 1313 3.64 -22.07 -11.09
CA PRO B 1313 2.45 -22.46 -11.87
C PRO B 1313 1.24 -21.67 -11.45
N LYS B 1314 0.42 -21.29 -12.46
CA LYS B 1314 -0.75 -20.45 -12.25
C LYS B 1314 -0.39 -19.15 -11.53
N LYS B 1315 0.79 -18.62 -11.84
CA LYS B 1315 1.28 -17.41 -11.20
C LYS B 1315 2.14 -16.64 -12.19
N SER B 1316 2.33 -15.36 -11.91
CA SER B 1316 3.10 -14.47 -12.77
C SER B 1316 4.60 -14.62 -12.48
N TRP B 1317 5.40 -13.92 -13.28
CA TRP B 1317 6.85 -13.94 -13.08
C TRP B 1317 7.21 -13.21 -11.79
N ARG B 1318 7.99 -13.87 -10.94
CA ARG B 1318 8.41 -13.30 -9.66
C ARG B 1318 9.89 -13.56 -9.44
N ASN B 1319 10.50 -12.70 -8.63
CA ASN B 1319 11.88 -12.92 -8.24
C ASN B 1319 11.97 -13.90 -7.07
N ILE B 1320 13.20 -14.33 -6.78
CA ILE B 1320 13.40 -15.38 -5.78
C ILE B 1320 13.01 -14.89 -4.40
N THR B 1321 13.35 -13.64 -4.07
CA THR B 1321 13.15 -13.15 -2.70
C THR B 1321 11.68 -13.09 -2.32
N ASN B 1322 10.79 -12.82 -3.29
CA ASN B 1322 9.37 -12.75 -2.99
C ASN B 1322 8.74 -14.12 -2.81
N LEU B 1323 9.37 -15.17 -3.35
CA LEU B 1323 8.81 -16.51 -3.27
C LEU B 1323 8.80 -17.02 -1.84
N SER B 1324 7.90 -17.96 -1.57
CA SER B 1324 7.83 -18.60 -0.27
C SER B 1324 9.01 -19.57 -0.09
N GLY B 1325 9.14 -20.11 1.13
CA GLY B 1325 10.21 -21.03 1.40
C GLY B 1325 10.16 -22.28 0.54
N GLY B 1326 8.95 -22.82 0.33
CA GLY B 1326 8.81 -23.97 -0.52
C GLY B 1326 9.23 -23.69 -1.96
N GLU B 1327 8.81 -22.55 -2.50
CA GLU B 1327 9.20 -22.21 -3.87
C GLU B 1327 10.71 -22.06 -3.98
N LYS B 1328 11.34 -21.42 -2.99
CA LYS B 1328 12.79 -21.27 -3.00
C LYS B 1328 13.48 -22.63 -2.96
N THR B 1329 12.99 -23.53 -2.10
CA THR B 1329 13.62 -24.85 -1.98
C THR B 1329 13.48 -25.65 -3.27
N LEU B 1330 12.29 -25.64 -3.88
CA LEU B 1330 12.11 -26.35 -5.15
C LEU B 1330 12.94 -25.72 -6.26
N SER B 1331 13.09 -24.39 -6.26
CA SER B 1331 13.94 -23.75 -7.25
C SER B 1331 15.40 -24.20 -7.09
N SER B 1332 15.88 -24.23 -5.84
CA SER B 1332 17.25 -24.68 -5.60
C SER B 1332 17.44 -26.13 -5.98
N LEU B 1333 16.46 -26.98 -5.67
CA LEU B 1333 16.55 -28.39 -6.03
C LEU B 1333 16.53 -28.58 -7.54
N ALA B 1334 15.70 -27.80 -8.25
CA ALA B 1334 15.69 -27.88 -9.70
C ALA B 1334 17.01 -27.45 -10.29
N LEU B 1335 17.62 -26.40 -9.74
CA LEU B 1335 18.95 -25.99 -10.21
C LEU B 1335 19.98 -27.07 -9.96
N VAL B 1336 19.94 -27.70 -8.77
CA VAL B 1336 20.89 -28.76 -8.46
C VAL B 1336 20.72 -29.94 -9.41
N PHE B 1337 19.47 -30.33 -9.68
CA PHE B 1337 19.21 -31.44 -10.60
C PHE B 1337 19.65 -31.10 -12.01
N ALA B 1338 19.43 -29.86 -12.45
CA ALA B 1338 19.88 -29.45 -13.78
C ALA B 1338 21.38 -29.52 -13.90
N LEU B 1339 22.10 -29.04 -12.88
CA LEU B 1339 23.56 -29.13 -12.91
C LEU B 1339 24.02 -30.58 -12.85
N HIS B 1340 23.32 -31.43 -12.10
CA HIS B 1340 23.67 -32.85 -12.04
C HIS B 1340 23.50 -33.52 -13.40
N LYS B 1341 22.41 -33.23 -14.10
CA LYS B 1341 22.23 -33.79 -15.45
C LYS B 1341 23.28 -33.24 -16.40
N TYR B 1342 23.59 -31.95 -16.31
CA TYR B 1342 24.63 -31.38 -17.16
C TYR B 1342 26.00 -31.97 -16.85
N LYS B 1343 26.30 -32.12 -15.56
CA LYS B 1343 27.57 -32.69 -15.11
C LYS B 1343 27.32 -33.60 -13.92
N PRO B 1344 27.32 -34.92 -14.14
CA PRO B 1344 27.07 -35.85 -13.03
C PRO B 1344 28.17 -35.77 -11.97
N THR B 1345 27.77 -36.03 -10.73
CA THR B 1345 28.68 -36.06 -9.60
C THR B 1345 28.58 -37.41 -8.90
N PRO B 1346 29.70 -38.03 -8.54
CA PRO B 1346 29.64 -39.37 -7.91
C PRO B 1346 28.77 -39.44 -6.67
N LEU B 1347 28.80 -38.42 -5.82
CA LEU B 1347 28.05 -38.44 -4.56
C LEU B 1347 27.35 -37.10 -4.35
N TYR B 1348 26.19 -37.16 -3.69
CA TYR B 1348 25.41 -35.96 -3.36
C TYR B 1348 24.94 -36.09 -1.92
N VAL B 1349 25.39 -35.17 -1.08
CA VAL B 1349 25.06 -35.17 0.35
C VAL B 1349 24.03 -34.07 0.60
N MET B 1350 22.87 -34.46 1.14
CA MET B 1350 21.76 -33.56 1.39
C MET B 1350 21.43 -33.56 2.86
N ASP B 1351 21.22 -32.37 3.43
CA ASP B 1351 20.90 -32.22 4.84
C ASP B 1351 19.61 -31.41 4.96
N GLU B 1352 18.51 -32.08 5.26
CA GLU B 1352 17.21 -31.44 5.49
C GLU B 1352 16.79 -30.56 4.30
N ILE B 1353 17.01 -31.06 3.09
CA ILE B 1353 16.56 -30.35 1.90
C ILE B 1353 15.04 -30.38 1.82
N ASP B 1354 14.41 -31.40 2.38
CA ASP B 1354 12.97 -31.58 2.34
C ASP B 1354 12.24 -30.85 3.47
N ALA B 1355 12.96 -30.14 4.33
CA ALA B 1355 12.32 -29.34 5.37
C ALA B 1355 11.58 -28.16 4.74
N ALA B 1356 10.55 -27.68 5.46
CA ALA B 1356 9.72 -26.56 5.01
C ALA B 1356 9.07 -26.86 3.67
N LEU B 1357 8.69 -28.12 3.46
CA LEU B 1357 7.99 -28.56 2.26
C LEU B 1357 6.76 -29.35 2.65
N ASP B 1358 5.71 -29.22 1.85
CA ASP B 1358 4.52 -30.02 2.07
C ASP B 1358 4.79 -31.46 1.62
N PHE B 1359 3.95 -32.39 2.08
CA PHE B 1359 4.19 -33.81 1.83
C PHE B 1359 4.21 -34.12 0.33
N ARG B 1360 3.44 -33.37 -0.47
CA ARG B 1360 3.41 -33.60 -1.91
C ARG B 1360 4.77 -33.33 -2.54
N ASN B 1361 5.39 -32.19 -2.20
CA ASN B 1361 6.69 -31.85 -2.76
C ASN B 1361 7.78 -32.79 -2.27
N VAL B 1362 7.71 -33.19 -1.00
CA VAL B 1362 8.67 -34.15 -0.47
C VAL B 1362 8.56 -35.47 -1.21
N SER B 1363 7.33 -35.93 -1.45
CA SER B 1363 7.15 -37.17 -2.21
C SER B 1363 7.66 -37.03 -3.63
N ILE B 1364 7.43 -35.86 -4.25
CA ILE B 1364 7.90 -35.64 -5.62
C ILE B 1364 9.42 -35.72 -5.67
N VAL B 1365 10.09 -35.06 -4.73
CA VAL B 1365 11.56 -35.07 -4.71
C VAL B 1365 12.07 -36.49 -4.44
N ALA B 1366 11.44 -37.20 -3.51
CA ALA B 1366 11.87 -38.56 -3.20
C ALA B 1366 11.70 -39.48 -4.41
N ASN B 1367 10.58 -39.35 -5.13
CA ASN B 1367 10.37 -40.18 -6.31
C ASN B 1367 11.34 -39.80 -7.42
N TYR B 1368 11.65 -38.52 -7.57
CA TYR B 1368 12.63 -38.11 -8.57
C TYR B 1368 14.00 -38.70 -8.28
N ILE B 1369 14.40 -38.70 -7.00
CA ILE B 1369 15.67 -39.33 -6.64
C ILE B 1369 15.61 -40.83 -6.85
N LYS B 1370 14.45 -41.43 -6.55
CA LYS B 1370 14.29 -42.88 -6.71
C LYS B 1370 14.42 -43.32 -8.16
N GLU B 1371 13.79 -42.59 -9.08
CA GLU B 1371 13.65 -43.05 -10.46
C GLU B 1371 14.64 -42.39 -11.42
N ARG B 1372 14.65 -41.06 -11.47
CA ARG B 1372 15.40 -40.35 -12.51
C ARG B 1372 16.88 -40.21 -12.19
N THR B 1373 17.31 -40.51 -10.97
CA THR B 1373 18.72 -40.42 -10.59
C THR B 1373 19.20 -41.82 -10.22
N LYS B 1374 19.85 -42.49 -11.19
CA LYS B 1374 20.44 -43.80 -10.95
C LYS B 1374 21.94 -43.83 -11.20
N ASN B 1375 22.54 -42.72 -11.59
CA ASN B 1375 23.97 -42.63 -11.88
C ASN B 1375 24.74 -41.89 -10.79
N ALA B 1376 24.20 -41.85 -9.57
CA ALA B 1376 24.88 -41.18 -8.46
C ALA B 1376 24.39 -41.77 -7.15
N GLN B 1377 25.17 -41.56 -6.10
CA GLN B 1377 24.82 -42.01 -4.75
C GLN B 1377 24.36 -40.80 -3.94
N PHE B 1378 23.14 -40.86 -3.42
CA PHE B 1378 22.58 -39.78 -2.63
C PHE B 1378 22.52 -40.20 -1.16
N ILE B 1379 23.14 -39.40 -0.30
CA ILE B 1379 23.08 -39.60 1.14
C ILE B 1379 22.29 -38.42 1.70
N VAL B 1380 21.08 -38.68 2.19
CA VAL B 1380 20.14 -37.64 2.57
C VAL B 1380 19.76 -37.81 4.04
N ILE B 1381 19.86 -36.73 4.80
CA ILE B 1381 19.37 -36.68 6.16
C ILE B 1381 18.03 -35.94 6.14
N SER B 1382 16.97 -36.62 6.56
CA SER B 1382 15.65 -36.05 6.49
C SER B 1382 14.82 -36.51 7.68
N LEU B 1383 13.79 -35.72 7.99
CA LEU B 1383 12.81 -36.07 8.99
C LEU B 1383 11.41 -36.27 8.44
N ARG B 1384 11.13 -35.74 7.24
CA ARG B 1384 9.79 -35.85 6.67
C ARG B 1384 9.50 -37.28 6.22
N ASN B 1385 8.23 -37.65 6.35
CA ASN B 1385 7.80 -39.05 6.21
C ASN B 1385 8.06 -39.60 4.81
N ASN B 1386 7.69 -38.84 3.78
CA ASN B 1386 7.73 -39.36 2.42
C ASN B 1386 9.16 -39.59 1.95
N MET B 1387 10.12 -38.87 2.53
CA MET B 1387 11.51 -39.03 2.11
C MET B 1387 12.04 -40.39 2.52
N PHE B 1388 11.80 -40.81 3.76
CA PHE B 1388 12.35 -42.09 4.19
C PHE B 1388 11.40 -43.27 3.99
N GLU B 1389 10.17 -43.07 3.51
CA GLU B 1389 9.47 -44.25 3.02
C GLU B 1389 9.98 -44.72 1.66
N LEU B 1390 10.69 -43.87 0.92
CA LEU B 1390 11.16 -44.24 -0.42
C LEU B 1390 12.66 -44.51 -0.45
N ALA B 1391 13.27 -44.83 0.68
CA ALA B 1391 14.66 -45.25 0.71
C ALA B 1391 14.77 -46.76 0.76
N GLN B 1392 15.94 -47.26 0.35
CA GLN B 1392 16.23 -48.69 0.43
C GLN B 1392 17.02 -49.07 1.67
N GLN B 1393 17.81 -48.15 2.23
CA GLN B 1393 18.69 -48.48 3.34
C GLN B 1393 18.76 -47.27 4.27
N LEU B 1394 18.38 -47.47 5.52
CA LEU B 1394 18.38 -46.40 6.52
C LEU B 1394 19.55 -46.58 7.48
N VAL B 1395 20.26 -45.49 7.72
CA VAL B 1395 21.32 -45.43 8.72
C VAL B 1395 20.78 -44.59 9.88
N GLY B 1396 20.66 -45.20 11.05
CA GLY B 1396 20.11 -44.54 12.22
C GLY B 1396 21.18 -44.33 13.28
N VAL B 1397 21.02 -43.28 14.08
CA VAL B 1397 21.93 -42.94 15.15
C VAL B 1397 21.15 -42.68 16.43
N TYR B 1398 21.63 -43.22 17.55
CA TYR B 1398 21.00 -43.03 18.84
C TYR B 1398 22.05 -42.65 19.87
N LYS B 1399 21.68 -41.72 20.77
CA LYS B 1399 22.61 -41.17 21.75
C LYS B 1399 22.22 -41.63 23.16
N ARG B 1400 23.19 -42.15 23.89
CA ARG B 1400 23.06 -42.42 25.31
C ARG B 1400 24.27 -41.85 26.03
N ASP B 1401 24.02 -41.07 27.08
CA ASP B 1401 25.09 -40.45 27.88
C ASP B 1401 26.05 -39.66 27.00
N ASN B 1402 25.48 -38.90 26.05
CA ASN B 1402 26.24 -38.09 25.10
C ASN B 1402 27.21 -38.93 24.27
N ARG B 1403 26.83 -40.19 24.00
CA ARG B 1403 27.59 -41.08 23.15
C ARG B 1403 26.68 -41.62 22.05
N THR B 1404 27.08 -41.44 20.80
CA THR B 1404 26.23 -41.77 19.66
C THR B 1404 26.68 -43.07 19.02
N LYS B 1405 25.72 -43.97 18.78
CA LYS B 1405 25.97 -45.24 18.11
C LYS B 1405 25.08 -45.34 16.88
N SER B 1406 25.62 -45.93 15.82
CA SER B 1406 24.95 -46.00 14.52
C SER B 1406 24.62 -47.45 14.17
N THR B 1407 23.54 -47.64 13.42
CA THR B 1407 23.10 -48.94 12.98
C THR B 1407 22.50 -48.80 11.58
N THR B 1408 22.43 -49.91 10.84
CA THR B 1408 22.02 -49.91 9.45
C THR B 1408 20.92 -50.93 9.23
N ILE B 1409 19.89 -50.56 8.46
CA ILE B 1409 18.77 -51.44 8.15
C ILE B 1409 18.48 -51.37 6.65
N LYS B 1410 18.12 -52.52 6.07
CA LYS B 1410 17.65 -52.55 4.69
C LYS B 1410 16.12 -52.52 4.66
N ASN B 1411 15.56 -51.78 3.71
CA ASN B 1411 14.12 -51.55 3.67
C ASN B 1411 13.42 -52.75 3.07
N ILE B 1412 12.71 -53.51 3.91
CA ILE B 1412 11.85 -54.60 3.49
C ILE B 1412 10.55 -54.51 4.28
N ASP B 1413 9.52 -55.16 3.74
CA ASP B 1413 8.26 -55.26 4.47
C ASP B 1413 8.33 -56.36 5.51
N ILE B 1414 8.07 -56.01 6.77
CA ILE B 1414 8.14 -56.97 7.85
C ILE B 1414 6.79 -57.10 8.53
N THR C 22 -13.69 10.19 48.09
CA THR C 22 -14.00 11.56 47.68
C THR C 22 -12.86 12.13 46.83
N ASN C 23 -11.78 12.54 47.50
CA ASN C 23 -10.64 13.10 46.77
C ASN C 23 -9.98 12.06 45.87
N ARG C 24 -9.91 10.81 46.33
CA ARG C 24 -9.29 9.76 45.53
C ARG C 24 -10.03 9.53 44.22
N SER C 25 -11.36 9.47 44.27
CA SER C 25 -12.14 9.23 43.05
C SER C 25 -12.00 10.40 42.08
N THR C 26 -12.05 11.63 42.58
CA THR C 26 -11.89 12.79 41.71
C THR C 26 -10.51 12.82 41.08
N MET C 27 -9.47 12.51 41.87
CA MET C 27 -8.12 12.47 41.33
C MET C 27 -7.98 11.40 40.27
N MET C 28 -8.56 10.22 40.50
CA MET C 28 -8.50 9.15 39.51
C MET C 28 -9.20 9.55 38.23
N ALA C 29 -10.39 10.17 38.34
CA ALA C 29 -11.12 10.60 37.17
C ALA C 29 -10.36 11.67 36.39
N ASN C 30 -9.76 12.63 37.11
CA ASN C 30 -8.97 13.68 36.45
C ASN C 30 -7.77 13.08 35.73
N PHE C 31 -7.07 12.15 36.38
CA PHE C 31 -5.92 11.51 35.74
C PHE C 31 -6.35 10.73 34.50
N GLU C 32 -7.46 9.98 34.59
CA GLU C 32 -7.92 9.20 33.45
C GLU C 32 -8.31 10.10 32.28
N GLU C 33 -9.04 11.19 32.56
CA GLU C 33 -9.46 12.06 31.47
C GLU C 33 -8.27 12.81 30.87
N TRP C 34 -7.28 13.18 31.69
CA TRP C 34 -6.09 13.82 31.15
C TRP C 34 -5.28 12.85 30.30
N ILE C 35 -5.18 11.59 30.71
CA ILE C 35 -4.51 10.58 29.90
C ILE C 35 -5.23 10.39 28.58
N LYS C 36 -6.56 10.34 28.61
CA LYS C 36 -7.34 10.19 27.39
C LYS C 36 -7.13 11.38 26.45
N MET C 37 -7.10 12.60 27.01
CA MET C 37 -6.84 13.77 26.19
C MET C 37 -5.45 13.72 25.57
N ALA C 38 -4.45 13.29 26.35
CA ALA C 38 -3.09 13.19 25.82
C ALA C 38 -3.01 12.15 24.72
N THR C 39 -3.73 11.03 24.86
CA THR C 39 -3.70 9.98 23.85
C THR C 39 -4.28 10.48 22.52
N ASP C 40 -5.35 11.25 22.57
CA ASP C 40 -6.00 11.75 21.36
C ASP C 40 -5.32 12.99 20.79
N ASN C 41 -4.27 13.49 21.45
CA ASN C 41 -3.49 14.62 20.95
C ASN C 41 -4.34 15.87 20.76
N LYS C 42 -5.23 16.14 21.71
CA LYS C 42 -6.00 17.37 21.71
C LYS C 42 -5.39 18.46 22.59
N ILE C 43 -4.22 18.19 23.19
CA ILE C 43 -3.53 19.17 24.02
C ILE C 43 -2.70 20.07 23.12
N ASN C 44 -2.93 21.38 23.22
CA ASN C 44 -2.21 22.35 22.41
C ASN C 44 -1.80 23.51 23.32
N SER C 45 -1.34 24.61 22.70
CA SER C 45 -0.83 25.73 23.48
C SER C 45 -1.93 26.42 24.26
N ARG C 46 -3.16 26.42 23.74
CA ARG C 46 -4.25 27.11 24.42
C ARG C 46 -4.58 26.48 25.77
N ASN C 47 -4.58 25.15 25.85
CA ASN C 47 -4.91 24.46 27.10
C ASN C 47 -3.69 23.85 27.78
N SER C 48 -2.49 24.33 27.45
CA SER C 48 -1.28 23.77 28.05
C SER C 48 -1.24 23.99 29.56
N TRP C 49 -1.59 25.20 30.00
CA TRP C 49 -1.59 25.51 31.42
C TRP C 49 -2.91 25.11 32.07
N ASN C 50 -3.04 25.42 33.35
CA ASN C 50 -4.20 25.08 34.18
C ASN C 50 -4.41 23.59 34.33
N PHE C 51 -3.46 22.76 33.91
CA PHE C 51 -3.51 21.32 34.06
C PHE C 51 -2.37 20.88 34.98
N ALA C 52 -2.71 20.09 35.99
CA ALA C 52 -1.75 19.60 36.97
C ALA C 52 -1.37 18.15 36.70
N LEU C 53 -1.35 17.76 35.42
CA LEU C 53 -0.98 16.40 35.06
C LEU C 53 0.47 16.11 35.43
N ILE C 54 1.36 17.09 35.23
CA ILE C 54 2.76 16.87 35.55
C ILE C 54 2.96 16.80 37.07
N ASP C 55 2.21 17.59 37.83
CA ASP C 55 2.23 17.46 39.28
C ASP C 55 1.68 16.11 39.72
N TYR C 56 0.68 15.61 39.00
CA TYR C 56 0.20 14.25 39.24
C TYR C 56 1.30 13.22 38.95
N PHE C 57 2.11 13.47 37.92
CA PHE C 57 3.22 12.58 37.61
C PHE C 57 4.29 12.62 38.69
N TYR C 58 4.47 13.78 39.33
CA TYR C 58 5.45 13.89 40.41
C TYR C 58 5.12 12.94 41.56
N ASP C 59 3.83 12.86 41.93
CA ASP C 59 3.40 11.95 42.98
C ASP C 59 3.08 10.60 42.37
N LEU C 60 3.85 9.58 42.74
CA LEU C 60 3.70 8.26 42.14
C LEU C 60 2.56 7.46 42.73
N ASP C 61 1.83 8.01 43.70
CA ASP C 61 0.71 7.28 44.30
C ASP C 61 -0.36 6.94 43.27
N VAL C 62 -0.49 7.75 42.22
CA VAL C 62 -1.45 7.44 41.16
C VAL C 62 -1.02 6.21 40.39
N LEU C 63 0.29 6.07 40.13
CA LEU C 63 0.78 4.92 39.37
C LEU C 63 0.82 3.65 40.22
N LYS C 64 1.21 3.78 41.49
CA LYS C 64 1.32 2.61 42.35
C LYS C 64 -0.05 2.07 42.71
N ASP C 65 -0.22 0.75 42.62
CA ASP C 65 -1.47 0.09 42.93
C ASP C 65 -1.48 -0.34 44.40
N GLY C 66 -2.46 -1.17 44.76
CA GLY C 66 -2.54 -1.68 46.12
C GLY C 66 -1.42 -2.62 46.50
N GLU C 67 -0.72 -3.17 45.52
CA GLU C 67 0.41 -4.06 45.76
C GLU C 67 1.72 -3.30 45.92
N ASN C 68 1.67 -1.96 45.87
CA ASN C 68 2.84 -1.09 46.02
C ASN C 68 3.85 -1.34 44.90
N ASN C 69 3.35 -1.51 43.68
CA ASN C 69 4.19 -1.68 42.50
C ASN C 69 3.72 -0.70 41.43
N ILE C 70 4.67 -0.06 40.76
CA ILE C 70 4.35 0.90 39.71
C ILE C 70 3.90 0.16 38.46
N ASN C 71 3.09 0.83 37.65
CA ASN C 71 2.61 0.29 36.38
C ASN C 71 3.30 1.02 35.24
N PHE C 72 3.93 0.26 34.35
CA PHE C 72 4.67 0.88 33.25
C PHE C 72 3.73 1.43 32.19
N GLN C 73 2.53 0.87 32.04
CA GLN C 73 1.57 1.41 31.09
C GLN C 73 1.13 2.81 31.50
N LYS C 74 0.70 2.97 32.75
CA LYS C 74 0.28 4.28 33.24
C LYS C 74 1.46 5.24 33.27
N ALA C 75 2.65 4.75 33.62
CA ALA C 75 3.83 5.60 33.62
C ALA C 75 4.14 6.12 32.23
N SER C 76 4.06 5.25 31.21
CA SER C 76 4.31 5.68 29.84
C SER C 76 3.25 6.68 29.37
N ALA C 77 1.99 6.42 29.70
CA ALA C 77 0.93 7.35 29.31
C ALA C 77 1.12 8.71 29.96
N THR C 78 1.45 8.72 31.26
CA THR C 78 1.67 9.99 31.95
C THR C 78 2.90 10.72 31.41
N LEU C 79 3.95 9.97 31.06
CA LEU C 79 5.12 10.58 30.46
C LEU C 79 4.78 11.21 29.12
N ASP C 80 3.97 10.52 28.31
CA ASP C 80 3.54 11.09 27.04
C ASP C 80 2.75 12.37 27.26
N GLY C 81 1.83 12.37 28.23
CA GLY C 81 1.09 13.57 28.53
C GLY C 81 1.98 14.71 28.99
N CYS C 82 2.99 14.39 29.82
CA CYS C 82 3.92 15.42 30.29
C CYS C 82 4.74 16.00 29.14
N ILE C 83 5.19 15.15 28.21
CA ILE C 83 5.94 15.64 27.06
C ILE C 83 5.07 16.54 26.19
N LYS C 84 3.81 16.13 25.97
CA LYS C 84 2.91 16.96 25.17
C LYS C 84 2.66 18.31 25.85
N ILE C 85 2.44 18.31 27.17
CA ILE C 85 2.21 19.55 27.89
C ILE C 85 3.45 20.44 27.83
N TYR C 86 4.64 19.84 27.98
CA TYR C 86 5.88 20.60 27.94
C TYR C 86 6.09 21.23 26.56
N SER C 87 5.84 20.47 25.50
CA SER C 87 5.98 21.02 24.15
C SER C 87 4.98 22.14 23.92
N SER C 88 3.74 21.97 24.37
CA SER C 88 2.74 23.01 24.23
C SER C 88 3.14 24.26 25.00
N ARG C 89 3.73 24.10 26.19
CA ARG C 89 4.17 25.25 26.97
C ARG C 89 5.32 25.97 26.29
N VAL C 90 6.25 25.23 25.69
CA VAL C 90 7.34 25.87 24.94
C VAL C 90 6.79 26.64 23.76
N ASP C 91 5.82 26.05 23.05
CA ASP C 91 5.20 26.76 21.93
C ASP C 91 4.48 28.02 22.39
N SER C 92 3.81 27.95 23.55
CA SER C 92 3.14 29.11 24.10
C SER C 92 4.14 30.21 24.47
N VAL C 93 5.29 29.83 25.04
CA VAL C 93 6.32 30.81 25.32
C VAL C 93 6.82 31.45 24.04
N THR C 94 7.02 30.64 23.00
CA THR C 94 7.50 31.18 21.72
C THR C 94 6.50 32.17 21.14
N THR C 95 5.20 31.83 21.19
CA THR C 95 4.21 32.75 20.62
C THR C 95 4.04 34.01 21.48
N GLU C 96 4.20 33.89 22.80
CA GLU C 96 4.19 35.08 23.65
C GLU C 96 5.36 35.99 23.32
N THR C 97 6.55 35.41 23.11
CA THR C 97 7.71 36.21 22.72
C THR C 97 7.48 36.87 21.37
N GLY C 98 6.87 36.15 20.43
CA GLY C 98 6.54 36.74 19.14
C GLY C 98 5.59 37.91 19.26
N LYS C 99 4.55 37.76 20.09
CA LYS C 99 3.62 38.87 20.32
C LYS C 99 4.33 40.07 20.93
N LEU C 100 5.20 39.82 21.91
CA LEU C 100 5.91 40.93 22.56
C LEU C 100 6.83 41.64 21.58
N LEU C 101 7.52 40.87 20.73
CA LEU C 101 8.39 41.48 19.71
C LEU C 101 7.58 42.30 18.72
N SER C 102 6.42 41.79 18.31
CA SER C 102 5.56 42.55 17.40
C SER C 102 5.08 43.84 18.06
N GLY C 103 4.75 43.77 19.35
CA GLY C 103 4.36 44.98 20.06
C GLY C 103 5.48 45.98 20.18
N LEU C 104 6.72 45.50 20.34
CA LEU C 104 7.89 46.35 20.42
C LEU C 104 8.53 46.64 19.07
N ALA C 105 7.94 46.14 17.98
CA ALA C 105 8.49 46.37 16.65
C ALA C 105 8.37 47.82 16.21
N GLN C 106 7.46 48.59 16.81
CA GLN C 106 7.29 50.00 16.45
C GLN C 106 7.43 50.90 17.68
N LEU C 163 9.66 42.39 -3.32
CA LEU C 163 8.73 42.92 -4.30
C LEU C 163 8.61 41.98 -5.50
N GLU C 164 7.40 41.88 -6.06
CA GLU C 164 7.05 41.07 -7.22
C GLU C 164 7.22 39.58 -6.98
N THR C 165 7.54 39.15 -5.76
CA THR C 165 7.70 37.74 -5.49
C THR C 165 6.37 37.00 -5.59
N THR C 166 5.30 37.58 -5.06
CA THR C 166 3.99 36.93 -5.11
C THR C 166 3.47 36.84 -6.53
N LEU C 167 3.65 37.89 -7.33
CA LEU C 167 3.19 37.89 -8.71
C LEU C 167 4.13 37.06 -9.57
N VAL C 168 3.60 35.97 -10.13
CA VAL C 168 4.38 35.03 -10.93
C VAL C 168 3.66 34.80 -12.25
N GLU C 169 4.42 34.37 -13.24
CA GLU C 169 3.87 34.10 -14.56
C GLU C 169 2.90 32.93 -14.52
N PHE C 170 1.92 32.96 -15.42
CA PHE C 170 0.92 31.91 -15.47
C PHE C 170 1.50 30.59 -15.96
N GLU C 171 2.62 30.62 -16.69
CA GLU C 171 3.17 29.41 -17.26
C GLU C 171 3.71 28.44 -16.21
N THR C 172 4.04 28.92 -15.02
CA THR C 172 4.62 28.07 -13.99
C THR C 172 3.58 27.52 -13.01
N ILE C 173 2.30 27.88 -13.17
CA ILE C 173 1.24 27.39 -12.30
C ILE C 173 0.29 26.52 -13.11
N LYS C 174 0.78 25.96 -14.20
CA LYS C 174 -0.01 25.09 -15.06
C LYS C 174 0.40 23.64 -14.84
N MET C 175 -0.54 22.73 -15.09
CA MET C 175 -0.27 21.30 -14.89
C MET C 175 0.85 20.83 -15.82
N LYS C 176 0.81 21.26 -17.08
CA LYS C 176 1.82 20.93 -18.11
C LYS C 176 2.27 19.48 -18.07
N ILE C 184 -6.19 4.76 -14.42
CA ILE C 184 -7.24 5.76 -14.24
C ILE C 184 -8.41 5.46 -15.15
N ASP C 185 -8.15 4.70 -16.22
CA ASP C 185 -9.20 4.33 -17.16
C ASP C 185 -10.07 3.25 -16.54
N PRO C 186 -11.38 3.46 -16.39
CA PRO C 186 -12.21 2.43 -15.75
C PRO C 186 -12.44 1.21 -16.61
N LEU C 187 -12.71 1.38 -17.90
CA LEU C 187 -12.92 0.23 -18.77
C LEU C 187 -11.65 -0.56 -18.96
N PHE C 188 -10.50 0.12 -19.08
CA PHE C 188 -9.22 -0.58 -19.14
C PHE C 188 -8.96 -1.35 -17.85
N LYS C 189 -9.30 -0.77 -16.71
CA LYS C 189 -9.15 -1.46 -15.44
C LYS C 189 -10.02 -2.71 -15.38
N LYS C 190 -11.27 -2.61 -15.84
CA LYS C 190 -12.17 -3.76 -15.86
C LYS C 190 -11.64 -4.85 -16.79
N ALA C 191 -11.16 -4.46 -17.97
CA ALA C 191 -10.60 -5.44 -18.89
C ALA C 191 -9.37 -6.11 -18.30
N LEU C 192 -8.51 -5.33 -17.63
CA LEU C 192 -7.33 -5.91 -16.99
C LEU C 192 -7.72 -6.88 -15.89
N VAL C 193 -8.74 -6.54 -15.08
CA VAL C 193 -9.18 -7.45 -14.03
C VAL C 193 -9.72 -8.74 -14.63
N ASP C 194 -10.54 -8.63 -15.68
CA ASP C 194 -11.08 -9.82 -16.32
C ASP C 194 -9.96 -10.67 -16.92
N PHE C 195 -8.97 -10.05 -17.54
CA PHE C 195 -7.85 -10.78 -18.11
C PHE C 195 -7.04 -11.47 -17.03
N ASP C 196 -6.83 -10.81 -15.88
CA ASP C 196 -6.05 -11.39 -14.80
C ASP C 196 -6.86 -12.38 -13.96
N GLU C 197 -8.16 -12.51 -14.22
CA GLU C 197 -8.95 -13.53 -13.54
C GLU C 197 -8.36 -14.92 -13.77
N GLY C 198 -7.99 -15.21 -15.02
CA GLY C 198 -7.27 -16.43 -15.34
C GLY C 198 -8.00 -17.72 -15.04
N GLY C 199 -9.10 -17.97 -15.74
CA GLY C 199 -9.84 -19.21 -15.57
C GLY C 199 -10.28 -19.81 -16.89
N ALA C 200 -9.55 -19.48 -17.96
CA ALA C 200 -9.78 -19.90 -19.34
C ALA C 200 -11.05 -19.32 -19.92
N LYS C 201 -11.84 -18.58 -19.15
CA LYS C 201 -12.99 -17.85 -19.66
C LYS C 201 -12.62 -16.46 -20.16
N SER C 202 -11.38 -16.03 -19.93
CA SER C 202 -10.87 -14.74 -20.39
C SER C 202 -9.72 -14.96 -21.37
N LEU C 203 -9.90 -15.90 -22.29
CA LEU C 203 -8.88 -16.30 -23.24
C LEU C 203 -8.69 -15.30 -24.38
N LEU C 204 -9.24 -14.10 -24.24
CA LEU C 204 -9.11 -12.97 -25.17
C LEU C 204 -9.79 -13.24 -26.51
N LEU C 205 -10.36 -14.43 -26.71
CA LEU C 205 -11.12 -14.74 -27.90
C LEU C 205 -12.62 -14.92 -27.65
N ASN C 206 -13.02 -15.17 -26.41
CA ASN C 206 -14.41 -15.29 -26.03
C ASN C 206 -15.00 -13.99 -25.51
N THR C 207 -14.26 -13.28 -24.66
CA THR C 207 -14.77 -12.01 -24.11
C THR C 207 -14.93 -10.96 -25.20
N LEU C 208 -13.97 -10.86 -26.11
CA LEU C 208 -14.04 -9.88 -27.18
C LEU C 208 -15.05 -10.30 -28.25
N ASN C 209 -15.62 -9.31 -28.92
CA ASN C 209 -16.55 -9.54 -30.01
C ASN C 209 -15.82 -9.52 -31.35
N ILE C 210 -16.54 -9.88 -32.40
CA ILE C 210 -16.00 -9.92 -33.76
C ILE C 210 -16.76 -8.92 -34.61
N ASP C 211 -16.04 -8.21 -35.47
CA ASP C 211 -16.64 -7.28 -36.40
C ASP C 211 -17.17 -8.03 -37.62
N ASN C 212 -17.90 -7.30 -38.47
CA ASN C 212 -18.44 -7.89 -39.69
C ASN C 212 -17.37 -8.23 -40.72
N THR C 213 -16.14 -7.74 -40.55
CA THR C 213 -15.03 -8.12 -41.41
C THR C 213 -14.19 -9.25 -40.84
N ALA C 214 -14.79 -10.12 -40.02
CA ALA C 214 -14.09 -11.23 -39.36
C ALA C 214 -12.89 -10.72 -38.57
N ARG C 215 -13.06 -9.57 -37.91
CA ARG C 215 -12.01 -8.96 -37.11
C ARG C 215 -12.46 -8.93 -35.65
N VAL C 216 -11.60 -9.41 -34.77
CA VAL C 216 -11.90 -9.41 -33.34
C VAL C 216 -11.56 -8.03 -32.78
N ILE C 217 -12.59 -7.31 -32.32
CA ILE C 217 -12.39 -5.96 -31.82
C ILE C 217 -11.71 -6.02 -30.46
N PHE C 218 -10.57 -5.34 -30.34
CA PHE C 218 -9.77 -5.31 -29.10
C PHE C 218 -9.46 -3.85 -28.80
N ASP C 219 -10.35 -3.19 -28.07
CA ASP C 219 -10.15 -1.80 -27.68
C ASP C 219 -10.86 -1.58 -26.35
N ALA C 220 -10.10 -1.13 -25.35
CA ALA C 220 -10.62 -0.84 -24.02
C ALA C 220 -10.16 0.57 -23.64
N SER C 221 -10.94 1.56 -24.03
CA SER C 221 -10.61 2.95 -23.76
C SER C 221 -11.88 3.78 -23.83
N ILE C 222 -11.81 4.99 -23.27
CA ILE C 222 -12.95 5.89 -23.29
C ILE C 222 -13.27 6.31 -24.73
N LYS C 223 -12.24 6.67 -25.49
CA LYS C 223 -12.39 7.09 -26.89
C LYS C 223 -13.37 8.26 -27.03
N SER C 275 -13.89 -22.69 -60.90
CA SER C 275 -12.81 -23.56 -60.43
C SER C 275 -12.82 -23.65 -58.90
N MET C 276 -13.37 -22.62 -58.26
CA MET C 276 -13.44 -22.61 -56.80
C MET C 276 -14.32 -23.74 -56.28
N GLU C 277 -15.48 -23.94 -56.90
CA GLU C 277 -16.38 -25.01 -56.46
C GLU C 277 -15.73 -26.38 -56.63
N ASP C 278 -15.06 -26.61 -57.75
CA ASP C 278 -14.37 -27.88 -57.97
C ASP C 278 -13.30 -28.10 -56.91
N GLU C 279 -12.55 -27.05 -56.57
CA GLU C 279 -11.52 -27.17 -55.54
C GLU C 279 -12.13 -27.49 -54.19
N ILE C 280 -13.25 -26.84 -53.84
CA ILE C 280 -13.88 -27.10 -52.55
C ILE C 280 -14.39 -28.53 -52.48
N LEU C 281 -15.04 -29.00 -53.54
CA LEU C 281 -15.52 -30.39 -53.56
C LEU C 281 -14.35 -31.37 -53.50
N SER C 282 -13.25 -31.08 -54.20
CA SER C 282 -12.10 -31.96 -54.15
C SER C 282 -11.51 -32.04 -52.75
N LEU C 283 -11.37 -30.90 -52.07
CA LEU C 283 -10.85 -30.90 -50.71
C LEU C 283 -11.78 -31.67 -49.78
N GLY C 284 -13.09 -31.45 -49.91
CA GLY C 284 -14.03 -32.17 -49.07
C GLY C 284 -13.98 -33.67 -49.30
N MET C 285 -13.92 -34.09 -50.56
CA MET C 285 -13.81 -35.52 -50.85
C MET C 285 -12.51 -36.08 -50.30
N ASP C 286 -11.43 -35.31 -50.34
CA ASP C 286 -10.12 -35.81 -49.92
C ASP C 286 -10.06 -36.00 -48.41
N PHE C 287 -10.47 -34.98 -47.63
CA PHE C 287 -10.21 -35.00 -46.19
C PHE C 287 -11.47 -34.96 -45.33
N ILE C 288 -12.60 -35.47 -45.82
CA ILE C 288 -13.73 -35.76 -44.95
C ILE C 288 -14.67 -36.68 -45.71
N LYS C 289 -15.39 -37.53 -44.97
CA LYS C 289 -16.32 -38.48 -45.55
C LYS C 289 -17.69 -38.33 -44.89
N PHE C 290 -18.73 -38.72 -45.62
CA PHE C 290 -20.08 -38.63 -45.08
C PHE C 290 -20.26 -39.53 -43.87
N ASP C 291 -19.72 -40.75 -43.93
CA ASP C 291 -19.82 -41.65 -42.79
C ASP C 291 -18.84 -41.23 -41.69
N GLN C 292 -19.00 -41.86 -40.53
CA GLN C 292 -18.18 -41.57 -39.34
C GLN C 292 -18.29 -40.10 -38.93
N ILE C 293 -19.46 -39.51 -39.15
CA ILE C 293 -19.74 -38.12 -38.76
C ILE C 293 -20.95 -38.03 -37.85
N ALA C 294 -22.04 -38.72 -38.23
CA ALA C 294 -23.26 -38.70 -37.43
C ALA C 294 -23.15 -39.49 -36.13
N VAL C 295 -22.08 -40.25 -35.95
CA VAL C 295 -21.91 -41.06 -34.75
C VAL C 295 -20.66 -40.63 -34.00
N CYS C 296 -20.31 -39.34 -34.11
CA CYS C 296 -19.09 -38.85 -33.47
C CYS C 296 -19.31 -38.59 -31.98
N GLU C 297 -20.20 -37.66 -31.65
CA GLU C 297 -20.50 -37.29 -30.28
C GLU C 297 -19.23 -36.95 -29.51
N ILE C 298 -18.59 -35.86 -29.97
CA ILE C 298 -17.29 -35.48 -29.42
C ILE C 298 -17.41 -35.20 -27.93
N SER C 299 -16.37 -35.59 -27.19
CA SER C 299 -16.30 -35.41 -25.74
C SER C 299 -17.54 -36.01 -25.06
N GLY C 300 -17.75 -37.29 -25.32
CA GLY C 300 -18.88 -37.99 -24.72
C GLY C 300 -18.81 -38.09 -23.21
N SER C 301 -17.62 -38.00 -22.64
CA SER C 301 -17.47 -38.04 -21.19
C SER C 301 -18.22 -36.90 -20.51
N ILE C 302 -18.49 -35.82 -21.23
CA ILE C 302 -19.28 -34.73 -20.66
C ILE C 302 -20.66 -35.23 -20.27
N GLU C 303 -21.23 -36.14 -21.07
CA GLU C 303 -22.50 -36.76 -20.71
C GLU C 303 -22.40 -37.41 -19.33
N GLN C 304 -21.28 -38.07 -19.03
CA GLN C 304 -21.05 -38.55 -17.69
C GLN C 304 -20.63 -37.43 -16.75
N LEU C 305 -19.87 -36.46 -17.26
CA LEU C 305 -19.34 -35.39 -16.42
C LEU C 305 -20.47 -34.59 -15.78
N ARG C 306 -21.55 -34.35 -16.52
CA ARG C 306 -22.71 -33.68 -15.94
C ARG C 306 -23.28 -34.48 -14.77
N ASN C 307 -23.35 -35.81 -14.92
CA ASN C 307 -23.76 -36.65 -13.80
C ASN C 307 -22.79 -36.52 -12.63
N VAL C 308 -21.50 -36.27 -12.92
CA VAL C 308 -20.53 -36.01 -11.87
C VAL C 308 -20.96 -34.80 -11.06
N VAL C 309 -21.48 -33.76 -11.73
CA VAL C 309 -22.06 -32.63 -11.02
C VAL C 309 -23.29 -33.07 -10.24
N GLU C 310 -24.12 -33.92 -10.84
CA GLU C 310 -25.34 -34.36 -10.17
C GLU C 310 -25.04 -35.30 -9.01
N ASP C 311 -24.12 -36.25 -9.20
CA ASP C 311 -23.78 -37.24 -8.19
C ASP C 311 -22.28 -37.19 -7.91
N ILE C 312 -21.93 -36.92 -6.66
CA ILE C 312 -20.52 -36.88 -6.28
C ILE C 312 -19.93 -38.29 -6.28
N ASN C 313 -20.71 -39.29 -5.88
CA ASN C 313 -20.20 -40.65 -5.77
C ASN C 313 -19.77 -41.19 -7.12
N GLN C 314 -20.53 -40.91 -8.17
CA GLN C 314 -20.21 -41.42 -9.50
C GLN C 314 -18.95 -40.81 -10.09
N ALA C 315 -18.43 -39.72 -9.50
CA ALA C 315 -17.27 -39.05 -10.07
C ALA C 315 -16.07 -40.00 -10.15
N LYS C 316 -15.86 -40.82 -9.12
CA LYS C 316 -14.79 -41.80 -9.17
C LYS C 316 -14.96 -42.75 -10.34
N ASP C 317 -16.21 -43.16 -10.62
CA ASP C 317 -16.47 -44.00 -11.78
C ASP C 317 -16.06 -43.28 -13.06
N PHE C 318 -16.26 -41.96 -13.11
CA PHE C 318 -15.82 -41.19 -14.26
C PHE C 318 -14.32 -41.33 -14.47
N ILE C 319 -13.55 -41.40 -13.38
CA ILE C 319 -12.12 -41.65 -13.51
C ILE C 319 -11.88 -42.98 -14.20
N GLU C 320 -12.64 -44.00 -13.82
CA GLU C 320 -12.53 -45.30 -14.49
C GLU C 320 -12.86 -45.18 -15.98
N ASN C 321 -13.72 -44.23 -16.35
CA ASN C 321 -13.99 -43.98 -17.76
C ASN C 321 -12.78 -43.35 -18.46
N VAL C 322 -12.04 -42.49 -17.75
CA VAL C 322 -10.89 -41.85 -18.34
C VAL C 322 -9.75 -42.86 -18.55
N ASN C 323 -9.50 -43.69 -17.56
CA ASN C 323 -8.44 -44.69 -17.65
C ASN C 323 -8.92 -45.94 -18.37
N LYS C 635 3.80 -36.74 -14.43
CA LYS C 635 5.08 -37.28 -14.86
C LYS C 635 5.77 -38.02 -13.72
N VAL C 636 5.91 -37.33 -12.59
CA VAL C 636 6.55 -37.90 -11.40
C VAL C 636 5.48 -38.36 -10.43
N THR C 637 5.55 -39.61 -10.01
CA THR C 637 4.59 -40.15 -9.06
C THR C 637 4.75 -39.49 -7.70
N TYR C 638 3.63 -39.29 -7.01
CA TYR C 638 3.65 -38.72 -5.67
C TYR C 638 2.42 -39.17 -4.91
N SER C 639 2.48 -39.03 -3.59
CA SER C 639 1.36 -39.39 -2.73
C SER C 639 0.30 -38.30 -2.80
N ARG C 640 -0.91 -38.66 -3.22
CA ARG C 640 -2.00 -37.70 -3.31
C ARG C 640 -2.62 -37.36 -1.97
N VAL C 641 -2.53 -38.27 -0.99
CA VAL C 641 -3.16 -38.08 0.31
C VAL C 641 -2.08 -38.22 1.39
N SER C 642 -2.19 -37.38 2.42
CA SER C 642 -1.27 -37.45 3.55
C SER C 642 -1.56 -38.68 4.40
N LYS C 643 -0.60 -39.03 5.24
CA LYS C 643 -0.67 -40.22 6.08
C LYS C 643 -0.58 -39.81 7.54
N LYS C 644 -1.43 -40.41 8.37
CA LYS C 644 -1.42 -40.20 9.82
C LYS C 644 -0.76 -41.40 10.49
N VAL C 645 0.24 -41.14 11.32
CA VAL C 645 1.02 -42.19 11.94
C VAL C 645 0.79 -42.29 13.45
N ASP C 646 0.63 -41.17 14.15
CA ASP C 646 0.53 -41.14 15.61
C ASP C 646 1.75 -41.82 16.24
N VAL C 647 2.89 -41.17 16.02
CA VAL C 647 4.19 -41.76 16.39
C VAL C 647 4.26 -42.07 17.87
N ARG C 648 3.64 -41.24 18.72
CA ARG C 648 3.66 -41.52 20.16
C ARG C 648 2.92 -42.81 20.48
N ARG C 649 1.76 -43.04 19.86
CA ARG C 649 1.03 -44.27 20.10
C ARG C 649 1.81 -45.49 19.62
N LEU C 650 2.43 -45.40 18.45
CA LEU C 650 3.21 -46.50 17.92
C LEU C 650 4.40 -46.80 18.82
N LYS C 651 5.06 -45.75 19.33
CA LYS C 651 6.17 -45.94 20.25
C LYS C 651 5.71 -46.61 21.54
N LYS C 652 4.55 -46.20 22.05
CA LYS C 652 4.02 -46.81 23.28
C LYS C 652 3.71 -48.28 23.06
N ASN C 653 3.10 -48.62 21.92
CA ASN C 653 2.82 -50.02 21.61
C ASN C 653 4.11 -50.82 21.43
N VAL C 654 5.13 -50.21 20.83
CA VAL C 654 6.41 -50.89 20.66
C VAL C 654 7.03 -51.18 22.02
N TRP C 655 6.99 -50.20 22.93
CA TRP C 655 7.52 -50.42 24.28
C TRP C 655 6.74 -51.49 25.02
N ARG C 656 5.41 -51.50 24.85
CA ARG C 656 4.60 -52.55 25.46
C ARG C 656 4.98 -53.92 24.92
N SER C 657 5.21 -54.02 23.62
CA SER C 657 5.64 -55.28 23.03
C SER C 657 7.00 -55.70 23.56
N ILE C 658 7.92 -54.76 23.72
CA ILE C 658 9.23 -55.07 24.30
C ILE C 658 9.06 -55.62 25.71
N ASN C 659 8.25 -54.95 26.54
CA ASN C 659 8.06 -55.42 27.91
C ASN C 659 7.43 -56.80 27.95
N ASN C 660 6.43 -57.04 27.10
CA ASN C 660 5.77 -58.34 27.07
C ASN C 660 6.74 -59.43 26.63
N LEU C 661 7.58 -59.15 25.63
CA LEU C 661 8.51 -60.17 25.16
C LEU C 661 9.60 -60.43 26.19
N ILE C 662 10.04 -59.40 26.91
CA ILE C 662 10.99 -59.62 28.01
C ILE C 662 10.36 -60.49 29.09
N GLN C 663 9.10 -60.22 29.42
CA GLN C 663 8.42 -61.04 30.43
C GLN C 663 8.29 -62.49 29.97
N GLU C 664 7.96 -62.70 28.70
CA GLU C 664 7.86 -64.06 28.16
C GLU C 664 9.20 -64.77 28.20
N HIS C 665 10.28 -64.06 27.83
CA HIS C 665 11.61 -64.65 27.86
C HIS C 665 12.01 -65.01 29.29
N ASP C 666 11.70 -64.13 30.25
CA ASP C 666 12.00 -64.43 31.65
C ASP C 666 11.21 -65.65 32.14
N SER C 667 9.94 -65.74 31.76
CA SER C 667 9.14 -66.90 32.14
C SER C 667 9.57 -68.17 31.42
N ARG C 668 10.26 -68.05 30.29
CA ARG C 668 10.75 -69.22 29.57
C ARG C 668 11.76 -70.00 30.40
N LYS C 669 12.65 -69.28 31.09
CA LYS C 669 13.66 -69.92 31.92
C LYS C 669 13.03 -70.64 33.11
N SER C 686 20.56 -67.65 27.86
CA SER C 686 20.10 -66.26 27.85
C SER C 686 20.60 -65.53 26.62
N THR C 687 21.71 -64.80 26.78
CA THR C 687 22.42 -64.04 25.75
C THR C 687 21.60 -62.84 25.28
N LYS C 688 20.36 -62.69 25.74
CA LYS C 688 19.48 -61.58 25.36
C LYS C 688 19.30 -61.62 23.86
N GLU C 689 19.72 -60.61 23.10
CA GLU C 689 19.66 -60.60 21.64
C GLU C 689 18.23 -60.80 21.15
N LEU C 690 17.37 -59.85 21.52
CA LEU C 690 15.97 -59.91 21.13
C LEU C 690 15.79 -59.51 19.68
N LYS C 691 14.80 -60.13 19.03
CA LYS C 691 14.63 -60.03 17.58
C LYS C 691 13.63 -58.95 17.22
N PHE C 692 13.94 -58.19 16.15
CA PHE C 692 13.08 -57.09 15.71
C PHE C 692 11.80 -57.59 15.06
N SER C 693 11.87 -58.72 14.35
CA SER C 693 10.69 -59.26 13.70
C SER C 693 9.61 -59.65 14.71
N ASP C 694 10.03 -60.15 15.87
CA ASP C 694 9.07 -60.42 16.94
C ASP C 694 8.40 -59.14 17.40
N ILE C 695 9.15 -58.04 17.48
CA ILE C 695 8.56 -56.76 17.84
C ILE C 695 7.53 -56.33 16.80
N ILE C 696 7.87 -56.51 15.52
CA ILE C 696 6.95 -56.13 14.45
C ILE C 696 5.66 -56.93 14.55
N GLN C 697 5.78 -58.25 14.74
CA GLN C 697 4.59 -59.09 14.86
C GLN C 697 3.77 -58.71 16.09
N GLY C 698 4.43 -58.45 17.21
CA GLY C 698 3.71 -58.07 18.42
C GLY C 698 2.94 -56.77 18.27
N ILE C 699 3.56 -55.77 17.65
CA ILE C 699 2.87 -54.50 17.48
C ILE C 699 1.86 -54.54 16.33
N SER C 700 1.94 -55.54 15.45
CA SER C 700 0.94 -55.68 14.41
C SER C 700 -0.24 -56.53 14.83
N LYS C 701 -0.10 -57.31 15.91
CA LYS C 701 -1.17 -58.23 16.28
C LYS C 701 -2.46 -57.51 16.67
N MET C 702 -2.38 -56.31 17.25
CA MET C 702 -3.60 -55.64 17.69
C MET C 702 -4.08 -54.58 16.71
N TYR C 703 -3.18 -54.00 15.92
CA TYR C 703 -3.58 -52.97 14.97
C TYR C 703 -4.45 -53.55 13.87
N SER C 704 -5.39 -52.74 13.39
CA SER C 704 -6.26 -53.16 12.30
C SER C 704 -5.56 -53.00 10.95
N ASP C 705 -6.09 -53.70 9.95
CA ASP C 705 -5.45 -53.71 8.63
C ASP C 705 -5.31 -52.31 8.07
N ASP C 706 -6.25 -51.42 8.38
CA ASP C 706 -6.12 -50.02 7.98
C ASP C 706 -4.87 -49.40 8.59
N THR C 707 -4.60 -49.71 9.85
CA THR C 707 -3.37 -49.23 10.49
C THR C 707 -2.14 -49.92 9.92
N LEU C 708 -2.24 -51.20 9.55
CA LEU C 708 -1.09 -51.89 8.98
C LEU C 708 -0.68 -51.30 7.63
N LYS C 709 -1.64 -51.01 6.76
CA LYS C 709 -1.26 -50.58 5.42
C LYS C 709 -0.61 -49.20 5.42
N ASP C 710 -0.72 -48.45 6.53
CA ASP C 710 -0.07 -47.16 6.64
C ASP C 710 1.29 -47.26 7.31
N ILE C 711 1.45 -48.15 8.29
CA ILE C 711 2.71 -48.26 9.02
C ILE C 711 3.71 -49.08 8.22
N SER C 712 4.93 -48.58 8.10
CA SER C 712 6.03 -49.29 7.48
C SER C 712 7.12 -49.55 8.51
N THR C 713 8.19 -50.22 8.08
CA THR C 713 9.29 -50.54 8.97
C THR C 713 10.07 -49.30 9.42
N SER C 714 10.00 -48.22 8.65
CA SER C 714 10.73 -47.00 9.00
C SER C 714 10.20 -46.40 10.30
N PHE C 715 8.88 -46.43 10.49
CA PHE C 715 8.29 -45.90 11.72
C PHE C 715 8.78 -46.68 12.93
N CYS C 716 8.77 -48.00 12.83
CA CYS C 716 9.24 -48.84 13.92
C CYS C 716 10.71 -48.61 14.19
N PHE C 717 11.50 -48.43 13.12
CA PHE C 717 12.93 -48.16 13.28
C PHE C 717 13.14 -46.84 14.04
N ILE C 718 12.43 -45.79 13.64
CA ILE C 718 12.58 -44.49 14.29
C ILE C 718 12.15 -44.57 15.75
N CYS C 719 11.06 -45.28 16.03
CA CYS C 719 10.61 -45.45 17.41
C CYS C 719 11.63 -46.25 18.22
N LEU C 720 12.29 -47.23 17.61
CA LEU C 720 13.30 -47.99 18.30
C LEU C 720 14.52 -47.12 18.64
N LEU C 721 14.92 -46.26 17.70
CA LEU C 721 15.96 -45.28 18.00
C LEU C 721 15.54 -44.33 19.12
N HIS C 722 14.29 -43.88 19.12
CA HIS C 722 13.83 -43.01 20.19
C HIS C 722 13.88 -43.72 21.54
N LEU C 723 13.44 -44.99 21.58
CA LEU C 723 13.49 -45.75 22.83
C LEU C 723 14.93 -45.96 23.30
N ALA C 724 15.85 -46.22 22.36
CA ALA C 724 17.25 -46.31 22.72
C ALA C 724 17.77 -44.97 23.23
N ASN C 725 17.26 -43.87 22.68
CA ASN C 725 17.66 -42.55 23.14
C ASN C 725 17.23 -42.31 24.59
N GLU C 726 16.01 -42.70 24.93
CA GLU C 726 15.55 -42.50 26.31
C GLU C 726 15.99 -43.64 27.22
N HIS C 727 15.59 -44.87 26.90
CA HIS C 727 15.86 -46.03 27.74
C HIS C 727 17.20 -46.65 27.38
N GLY C 728 17.70 -47.49 28.27
CA GLY C 728 18.98 -48.15 28.08
C GLY C 728 18.87 -49.37 27.18
N LEU C 729 18.71 -49.14 25.88
CA LEU C 729 18.54 -50.21 24.91
C LEU C 729 19.63 -50.10 23.85
N GLN C 730 20.16 -51.25 23.45
CA GLN C 730 21.21 -51.32 22.43
C GLN C 730 20.69 -52.02 21.19
N ILE C 731 21.08 -51.51 20.02
CA ILE C 731 20.64 -52.02 18.74
C ILE C 731 21.87 -52.35 17.91
N THR C 732 21.92 -53.58 17.38
CA THR C 732 23.03 -53.97 16.51
C THR C 732 22.49 -54.71 15.30
N HIS C 733 23.32 -54.79 14.26
CA HIS C 733 22.93 -55.39 12.99
C HIS C 733 23.43 -56.82 12.88
N THR C 734 23.06 -57.47 11.79
CA THR C 734 23.47 -58.83 11.48
C THR C 734 24.47 -58.83 10.33
N GLU C 735 24.96 -60.03 9.99
CA GLU C 735 25.94 -60.15 8.92
C GLU C 735 25.35 -59.76 7.57
N ASN C 736 24.10 -60.17 7.31
CA ASN C 736 23.46 -59.93 6.02
C ASN C 736 22.78 -58.58 5.91
N TYR C 737 22.78 -57.78 6.98
CA TYR C 737 22.18 -56.44 6.98
C TYR C 737 20.71 -56.49 6.58
N ASN C 738 20.02 -57.53 7.01
CA ASN C 738 18.59 -57.70 6.72
C ASN C 738 17.71 -57.57 7.96
N ASP C 739 18.18 -58.04 9.11
CA ASP C 739 17.42 -57.91 10.35
C ASP C 739 18.35 -57.42 11.45
N LEU C 740 17.77 -56.79 12.46
CA LEU C 740 18.50 -56.19 13.57
C LEU C 740 18.16 -56.88 14.88
N ILE C 741 19.17 -57.04 15.73
CA ILE C 741 19.00 -57.64 17.05
C ILE C 741 19.08 -56.54 18.11
N VAL C 742 18.35 -56.75 19.20
CA VAL C 742 18.17 -55.77 20.25
C VAL C 742 18.65 -56.38 21.56
N ASN C 743 19.55 -55.67 22.24
CA ASN C 743 20.13 -56.10 23.50
C ASN C 743 19.64 -55.17 24.60
N TYR C 744 19.20 -55.74 25.72
CA TYR C 744 18.52 -54.99 26.77
C TYR C 744 19.16 -55.12 28.15
N GLU C 745 20.45 -55.43 28.22
CA GLU C 745 21.12 -55.39 29.51
C GLU C 745 21.31 -53.95 29.97
N ASP C 746 21.41 -53.78 31.29
CA ASP C 746 21.51 -52.47 31.92
C ASP C 746 20.32 -51.58 31.52
N LEU C 747 19.13 -52.16 31.56
CA LEU C 747 17.91 -51.44 31.23
C LEU C 747 17.23 -50.90 32.49
N PHE D 4 -7.03 64.06 46.76
CA PHE D 4 -5.70 63.50 46.98
C PHE D 4 -4.82 63.69 45.76
N SER D 5 -3.79 62.86 45.64
CA SER D 5 -2.81 62.95 44.56
C SER D 5 -3.02 61.81 43.57
N LEU D 6 -3.06 62.16 42.28
CA LEU D 6 -3.23 61.16 41.23
C LEU D 6 -2.04 60.20 41.19
N SER D 7 -0.83 60.76 41.10
CA SER D 7 0.37 59.94 40.91
C SER D 7 0.64 59.07 42.12
N GLU D 8 0.51 59.62 43.32
CA GLU D 8 0.81 58.85 44.53
C GLU D 8 -0.12 57.66 44.68
N TYR D 9 -1.43 57.90 44.55
CA TYR D 9 -2.39 56.81 44.68
C TYR D 9 -2.25 55.80 43.55
N LEU D 10 -2.00 56.27 42.33
CA LEU D 10 -1.82 55.36 41.21
C LEU D 10 -0.61 54.46 41.42
N THR D 11 0.50 55.03 41.88
CA THR D 11 1.70 54.22 42.14
C THR D 11 1.47 53.26 43.30
N LYS D 12 0.76 53.72 44.34
CA LYS D 12 0.50 52.85 45.49
C LYS D 12 -0.36 51.65 45.09
N PHE D 13 -1.39 51.88 44.26
CA PHE D 13 -2.24 50.77 43.86
C PHE D 13 -1.59 49.88 42.80
N GLN D 14 -0.72 50.45 41.95
CA GLN D 14 -0.07 49.64 40.93
C GLN D 14 0.86 48.60 41.53
N THR D 15 1.36 48.83 42.75
CA THR D 15 2.23 47.90 43.45
C THR D 15 1.54 47.55 44.78
N THR D 16 0.66 46.56 44.74
CA THR D 16 -0.06 46.11 45.92
C THR D 16 -0.31 44.62 45.82
N ASP D 17 -0.26 43.94 46.96
CA ASP D 17 -0.50 42.50 47.01
C ASP D 17 -1.96 42.17 46.74
N ASP D 26 -16.41 43.55 61.42
CA ASP D 26 -17.84 43.70 61.17
C ASP D 26 -18.12 44.73 60.08
N PRO D 27 -17.73 44.41 58.84
CA PRO D 27 -17.83 45.40 57.76
C PRO D 27 -19.25 45.85 57.47
N SER D 28 -20.25 45.04 57.83
CA SER D 28 -21.64 45.42 57.59
C SER D 28 -22.00 46.71 58.32
N ARG D 29 -21.46 46.90 59.52
CA ARG D 29 -21.75 48.12 60.27
C ARG D 29 -21.24 49.35 59.55
N GLU D 30 -19.98 49.32 59.08
CA GLU D 30 -19.45 50.46 58.34
C GLU D 30 -20.19 50.67 57.03
N LEU D 31 -20.57 49.58 56.36
CA LEU D 31 -21.34 49.75 55.12
C LEU D 31 -22.68 50.41 55.39
N ASN D 32 -23.36 50.01 56.47
CA ASN D 32 -24.63 50.63 56.83
C ASN D 32 -24.45 52.10 57.18
N VAL D 33 -23.37 52.42 57.90
CA VAL D 33 -23.10 53.81 58.25
C VAL D 33 -22.84 54.64 56.99
N ILE D 34 -22.08 54.08 56.04
CA ILE D 34 -21.81 54.77 54.78
C ILE D 34 -23.10 54.98 54.01
N ILE D 35 -23.97 53.97 53.97
CA ILE D 35 -25.25 54.10 53.29
C ILE D 35 -26.09 55.20 53.92
N ASP D 36 -26.12 55.24 55.27
CA ASP D 36 -26.90 56.27 55.95
C ASP D 36 -26.36 57.66 55.67
N GLN D 37 -25.04 57.82 55.69
CA GLN D 37 -24.46 59.14 55.42
C GLN D 37 -24.70 59.57 53.98
N LEU D 38 -24.54 58.66 53.03
CA LEU D 38 -24.68 58.99 51.62
C LEU D 38 -26.13 59.06 51.16
N ALA D 39 -27.08 58.63 52.01
CA ALA D 39 -28.49 58.69 51.62
C ALA D 39 -28.96 60.12 51.47
N VAL D 40 -28.52 61.02 52.36
CA VAL D 40 -28.94 62.42 52.29
C VAL D 40 -28.42 63.07 51.01
N SER D 41 -27.13 62.89 50.73
CA SER D 41 -26.52 63.49 49.54
C SER D 41 -25.20 62.80 49.25
N PRO D 42 -24.89 62.52 47.99
CA PRO D 42 -23.58 61.91 47.67
C PRO D 42 -22.41 62.82 48.00
N GLU D 43 -22.62 64.13 48.11
CA GLU D 43 -21.54 65.07 48.40
C GLU D 43 -21.02 64.97 49.83
N GLN D 44 -21.69 64.20 50.70
CA GLN D 44 -21.29 64.12 52.10
C GLN D 44 -19.94 63.42 52.28
N ILE D 45 -19.42 62.76 51.25
CA ILE D 45 -18.12 62.11 51.34
C ILE D 45 -17.01 63.14 51.57
N PRO D 49 -15.27 63.59 56.63
CA PRO D 49 -13.94 63.64 57.24
C PRO D 49 -13.20 62.30 57.15
N ASP D 50 -13.48 61.39 58.08
CA ASP D 50 -12.85 60.08 58.10
C ASP D 50 -13.64 59.03 57.32
N SER D 51 -14.76 59.41 56.70
CA SER D 51 -15.54 58.44 55.94
C SER D 51 -14.80 57.96 54.70
N LEU D 52 -13.99 58.82 54.09
CA LEU D 52 -13.26 58.44 52.88
C LEU D 52 -12.32 57.28 53.16
N GLU D 53 -11.65 57.29 54.32
CA GLU D 53 -10.79 56.17 54.67
C GLU D 53 -11.59 54.90 54.85
N ALA D 54 -12.79 54.99 55.42
CA ALA D 54 -13.65 53.82 55.56
C ALA D 54 -14.04 53.26 54.20
N LEU D 55 -14.41 54.14 53.26
CA LEU D 55 -14.74 53.66 51.92
C LEU D 55 -13.55 53.01 51.25
N ILE D 56 -12.36 53.60 51.39
CA ILE D 56 -11.17 53.03 50.78
C ILE D 56 -10.88 51.65 51.36
N ASP D 57 -10.98 51.51 52.69
CA ASP D 57 -10.74 50.22 53.32
C ASP D 57 -11.76 49.18 52.87
N LEU D 58 -13.04 49.58 52.80
CA LEU D 58 -14.07 48.65 52.37
C LEU D 58 -13.85 48.20 50.93
N CYS D 59 -13.45 49.13 50.05
CA CYS D 59 -13.14 48.75 48.68
C CYS D 59 -11.93 47.84 48.60
N HIS D 60 -10.91 48.10 49.43
CA HIS D 60 -9.75 47.22 49.47
C HIS D 60 -10.08 45.84 50.04
N ASP D 61 -11.14 45.73 50.83
CA ASP D 61 -11.58 44.46 51.37
C ASP D 61 -12.57 43.74 50.46
N PHE D 62 -12.80 44.26 49.26
CA PHE D 62 -13.78 43.70 48.33
C PHE D 62 -13.58 42.21 48.04
N PRO D 63 -12.37 41.72 47.75
CA PRO D 63 -12.23 40.28 47.49
C PRO D 63 -12.63 39.39 48.65
N HIS D 64 -12.45 39.85 49.89
CA HIS D 64 -12.72 39.04 51.07
C HIS D 64 -14.13 39.21 51.61
N LEU D 65 -14.96 40.05 50.99
CA LEU D 65 -16.32 40.23 51.46
C LEU D 65 -17.24 39.17 50.86
N THR D 66 -18.44 39.07 51.45
CA THR D 66 -19.45 38.15 50.97
C THR D 66 -20.11 38.69 49.71
N PRO D 67 -20.62 37.81 48.84
CA PRO D 67 -21.27 38.29 47.61
C PRO D 67 -22.44 39.22 47.86
N LYS D 68 -23.20 39.02 48.93
CA LYS D 68 -24.33 39.89 49.23
C LYS D 68 -23.87 41.28 49.66
N LEU D 69 -22.89 41.34 50.57
CA LEU D 69 -22.36 42.64 50.98
C LEU D 69 -21.74 43.35 49.79
N GLN D 70 -21.05 42.60 48.93
CA GLN D 70 -20.53 43.17 47.68
C GLN D 70 -21.65 43.73 46.82
N THR D 71 -22.78 43.02 46.74
CA THR D 71 -23.90 43.50 45.93
C THR D 71 -24.45 44.82 46.46
N GLN D 72 -24.67 44.92 47.77
CA GLN D 72 -25.14 46.20 48.32
C GLN D 72 -24.10 47.30 48.15
N LEU D 73 -22.82 46.98 48.32
CA LEU D 73 -21.78 47.99 48.10
C LEU D 73 -21.82 48.53 46.69
N SER D 74 -21.89 47.62 45.70
CA SER D 74 -21.94 48.05 44.31
C SER D 74 -23.18 48.85 44.01
N TYR D 75 -24.33 48.43 44.55
CA TYR D 75 -25.58 49.16 44.31
C TYR D 75 -25.51 50.56 44.90
N LEU D 76 -24.99 50.69 46.12
CA LEU D 76 -24.86 52.00 46.75
C LEU D 76 -23.93 52.91 45.95
N ILE D 77 -22.79 52.37 45.52
CA ILE D 77 -21.83 53.16 44.76
C ILE D 77 -22.43 53.63 43.44
N SER D 78 -23.12 52.72 42.74
CA SER D 78 -23.73 53.07 41.46
C SER D 78 -24.82 54.11 41.66
N SER D 79 -25.66 53.95 42.69
CA SER D 79 -26.73 54.92 42.92
C SER D 79 -26.18 56.29 43.26
N SER D 80 -25.17 56.36 44.13
CA SER D 80 -24.58 57.64 44.48
C SER D 80 -23.93 58.31 43.26
N LEU D 81 -23.21 57.52 42.45
CA LEU D 81 -22.57 58.09 41.28
C LEU D 81 -23.59 58.59 40.27
N SER D 82 -24.67 57.84 40.07
CA SER D 82 -25.73 58.26 39.16
C SER D 82 -26.40 59.54 39.66
N ASN D 83 -26.63 59.63 40.97
CA ASN D 83 -27.21 60.85 41.52
C ASN D 83 -26.28 62.05 41.31
N LEU D 84 -24.97 61.85 41.51
CA LEU D 84 -24.03 62.94 41.28
C LEU D 84 -24.03 63.36 39.81
N SER D 85 -24.06 62.40 38.89
CA SER D 85 -24.10 62.73 37.48
C SER D 85 -25.38 63.48 37.12
N LYS D 86 -26.51 63.06 37.67
CA LYS D 86 -27.77 63.77 37.43
C LYS D 86 -27.70 65.19 37.96
N ASP D 87 -27.09 65.38 39.13
CA ASP D 87 -26.92 66.73 39.67
C ASP D 87 -26.04 67.58 38.76
N ILE D 88 -24.96 66.99 38.23
CA ILE D 88 -24.08 67.74 37.33
C ILE D 88 -24.81 68.13 36.05
N LYS D 89 -25.69 67.24 35.56
CA LYS D 89 -26.55 67.63 34.45
C LYS D 89 -27.51 68.76 34.84
N ALA D 90 -28.06 68.69 36.06
CA ALA D 90 -29.11 69.63 36.44
C ALA D 90 -28.55 71.04 36.60
N ASN D 91 -27.46 71.20 37.34
CA ASN D 91 -26.97 72.54 37.63
C ASN D 91 -26.32 73.18 36.40
N LEU D 92 -25.65 72.39 35.58
CA LEU D 92 -25.01 72.91 34.37
C LEU D 92 -26.01 72.98 33.22
N GLY D 103 -15.55 78.91 43.48
CA GLY D 103 -14.91 78.15 44.53
C GLY D 103 -15.52 76.78 44.74
N LEU D 104 -16.65 76.53 44.07
CA LEU D 104 -17.35 75.27 44.15
C LEU D 104 -16.88 74.26 43.11
N ILE D 105 -16.15 74.70 42.09
CA ILE D 105 -15.59 73.77 41.11
C ILE D 105 -14.56 72.83 41.71
N PRO D 106 -13.58 73.29 42.51
CA PRO D 106 -12.56 72.35 43.00
C PRO D 106 -13.11 71.20 43.83
N GLN D 107 -14.16 71.41 44.61
CA GLN D 107 -14.69 70.30 45.41
C GLN D 107 -15.50 69.34 44.53
N TRP D 108 -16.13 69.84 43.47
CA TRP D 108 -16.63 68.93 42.44
C TRP D 108 -15.50 68.08 41.86
N LYS D 109 -14.36 68.71 41.55
CA LYS D 109 -13.22 67.97 41.01
C LYS D 109 -12.74 66.91 42.00
N ARG D 110 -12.65 67.28 43.27
CA ARG D 110 -12.19 66.32 44.29
C ARG D 110 -13.15 65.16 44.42
N HIS D 111 -14.46 65.43 44.45
CA HIS D 111 -15.44 64.36 44.53
C HIS D 111 -15.38 63.45 43.32
N LEU D 112 -15.25 64.03 42.13
CA LEU D 112 -15.14 63.23 40.91
C LEU D 112 -13.90 62.37 40.93
N GLU D 113 -12.77 62.91 41.38
CA GLU D 113 -11.54 62.14 41.43
C GLU D 113 -11.64 61.00 42.44
N GLU D 114 -12.22 61.27 43.61
CA GLU D 114 -12.39 60.21 44.61
C GLU D 114 -13.29 59.10 44.09
N TYR D 115 -14.41 59.46 43.46
CA TYR D 115 -15.30 58.45 42.92
C TYR D 115 -14.63 57.69 41.78
N GLY D 116 -13.83 58.36 40.96
CA GLY D 116 -13.15 57.67 39.88
C GLY D 116 -12.13 56.66 40.38
N TYR D 117 -11.35 57.04 41.40
CA TYR D 117 -10.41 56.11 41.99
C TYR D 117 -11.15 54.94 42.64
N LEU D 118 -12.28 55.22 43.29
CA LEU D 118 -13.06 54.16 43.91
C LEU D 118 -13.61 53.18 42.87
N ILE D 119 -14.09 53.71 41.74
CA ILE D 119 -14.54 52.85 40.64
C ILE D 119 -13.39 52.03 40.10
N GLN D 120 -12.22 52.64 39.93
CA GLN D 120 -11.05 51.88 39.48
C GLN D 120 -10.78 50.71 40.43
N VAL D 121 -10.78 50.98 41.73
CA VAL D 121 -10.46 49.94 42.71
C VAL D 121 -11.49 48.82 42.63
N LEU D 122 -12.78 49.16 42.66
CA LEU D 122 -13.80 48.14 42.68
C LEU D 122 -13.81 47.33 41.39
N LEU D 123 -13.59 47.97 40.25
CA LEU D 123 -13.66 47.25 38.99
C LEU D 123 -12.42 46.39 38.76
N THR D 124 -11.26 46.88 39.21
CA THR D 124 -10.05 46.04 39.15
C THR D 124 -10.19 44.83 40.06
N PHE D 125 -10.76 45.01 41.25
CA PHE D 125 -10.98 43.87 42.14
C PHE D 125 -12.01 42.90 41.56
N LEU D 126 -13.04 43.42 40.91
CA LEU D 126 -14.04 42.55 40.29
C LEU D 126 -13.47 41.80 39.10
N GLN D 127 -12.50 42.40 38.41
CA GLN D 127 -11.84 41.71 37.29
C GLN D 127 -11.14 40.45 37.77
N ASP D 128 -10.66 40.44 39.02
CA ASP D 128 -10.09 39.24 39.60
C ASP D 128 -11.18 38.19 39.79
N GLU D 129 -10.75 36.93 39.86
CA GLU D 129 -11.58 35.73 39.98
C GLU D 129 -12.44 35.48 38.74
N LEU D 130 -12.36 36.34 37.73
CA LEU D 130 -13.03 36.08 36.46
C LEU D 130 -12.14 35.34 35.48
N HIS D 131 -10.82 35.59 35.53
CA HIS D 131 -9.90 34.83 34.71
C HIS D 131 -9.79 33.38 35.21
N LYS D 132 -9.87 33.19 36.52
CA LYS D 132 -9.78 31.84 37.08
C LYS D 132 -10.94 30.97 36.64
N VAL D 133 -12.17 31.51 36.67
CA VAL D 133 -13.34 30.74 36.26
C VAL D 133 -13.37 30.64 34.74
N SER D 134 -13.78 29.48 34.24
CA SER D 134 -13.83 29.19 32.81
C SER D 134 -12.49 29.44 32.13
N SER D 135 -11.42 29.05 32.82
CA SER D 135 -10.07 29.24 32.30
C SER D 135 -9.70 28.13 31.32
N ASN D 153 -20.46 28.82 40.05
CA ASN D 153 -19.86 29.11 38.77
C ASN D 153 -20.83 29.87 37.87
N VAL D 154 -21.89 29.19 37.44
CA VAL D 154 -22.90 29.83 36.59
C VAL D 154 -23.60 30.95 37.34
N GLU D 155 -24.00 30.69 38.60
CA GLU D 155 -24.62 31.74 39.41
C GLU D 155 -23.65 32.88 39.67
N LEU D 156 -22.38 32.56 39.94
CA LEU D 156 -21.37 33.59 40.12
C LEU D 156 -21.18 34.39 38.83
N PHE D 157 -21.18 33.72 37.69
CA PHE D 157 -21.05 34.42 36.41
C PHE D 157 -22.23 35.36 36.17
N LYS D 158 -23.44 34.90 36.49
CA LYS D 158 -24.61 35.77 36.31
C LYS D 158 -24.56 36.97 37.25
N ARG D 159 -24.16 36.75 38.50
CA ARG D 159 -24.03 37.87 39.43
C ARG D 159 -22.98 38.86 38.98
N ASP D 160 -21.85 38.36 38.48
CA ASP D 160 -20.81 39.25 37.96
C ASP D 160 -21.29 40.02 36.74
N CYS D 161 -22.06 39.36 35.88
CA CYS D 161 -22.61 40.04 34.71
C CYS D 161 -23.58 41.14 35.11
N ASN D 162 -24.43 40.88 36.12
CA ASN D 162 -25.36 41.90 36.60
C ASN D 162 -24.61 43.08 37.22
N GLN D 163 -23.59 42.79 38.02
CA GLN D 163 -22.78 43.87 38.59
C GLN D 163 -22.09 44.68 37.49
N MET D 164 -21.59 43.98 36.47
CA MET D 164 -21.01 44.66 35.31
C MET D 164 -22.01 45.55 34.59
N GLU D 165 -23.24 45.07 34.42
CA GLU D 165 -24.27 45.89 33.77
C GLU D 165 -24.55 47.15 34.59
N ASN D 166 -24.67 46.99 35.91
CA ASN D 166 -24.92 48.16 36.77
C ASN D 166 -23.77 49.14 36.71
N LEU D 167 -22.52 48.64 36.78
CA LEU D 167 -21.36 49.52 36.74
C LEU D 167 -21.24 50.21 35.38
N LEU D 168 -21.55 49.50 34.29
CA LEU D 168 -21.52 50.12 32.97
C LEU D 168 -22.57 51.21 32.84
N GLU D 169 -23.77 50.97 33.39
CA GLU D 169 -24.78 52.03 33.40
C GLU D 169 -24.31 53.24 34.19
N SER D 170 -23.71 53.00 35.35
CA SER D 170 -23.22 54.12 36.17
C SER D 170 -22.12 54.90 35.46
N ILE D 171 -21.17 54.20 34.83
CA ILE D 171 -20.07 54.88 34.16
C ILE D 171 -20.54 55.58 32.90
N THR D 172 -21.55 55.03 32.21
CA THR D 172 -22.15 55.74 31.09
C THR D 172 -22.81 57.04 31.55
N LYS D 173 -23.52 56.98 32.68
CA LYS D 173 -24.11 58.21 33.23
C LYS D 173 -23.01 59.21 33.62
N LEU D 174 -21.90 58.71 34.17
CA LEU D 174 -20.79 59.60 34.53
C LEU D 174 -20.21 60.28 33.30
N LEU D 175 -19.95 59.52 32.24
CA LEU D 175 -19.32 60.10 31.05
C LEU D 175 -20.31 60.82 30.15
N GLU D 176 -21.61 60.77 30.47
CA GLU D 176 -22.58 61.52 29.68
C GLU D 176 -22.33 63.02 29.76
N ILE D 177 -21.86 63.50 30.91
CA ILE D 177 -21.50 64.91 31.06
C ILE D 177 -20.21 65.16 30.31
N ASN D 178 -19.83 66.43 30.17
CA ASN D 178 -18.57 66.80 29.55
C ASN D 178 -17.57 67.21 30.63
N LEU D 179 -16.35 66.69 30.53
CA LEU D 179 -15.29 66.99 31.49
C LEU D 179 -14.37 68.12 31.04
N SER D 180 -14.67 68.77 29.91
CA SER D 180 -13.76 69.78 29.37
C SER D 180 -13.67 70.99 30.29
N LYS D 181 -14.81 71.50 30.77
CA LYS D 181 -14.78 72.70 31.60
C LYS D 181 -14.18 72.42 32.97
N ILE D 182 -14.42 71.23 33.52
CA ILE D 182 -13.95 70.92 34.87
C ILE D 182 -12.42 70.90 34.91
N PHE D 183 -11.80 70.24 33.93
CA PHE D 183 -10.34 70.13 33.87
C PHE D 183 -9.83 71.07 32.78
N GLN D 184 -9.28 72.20 33.22
CA GLN D 184 -8.80 73.20 32.27
C GLN D 184 -7.63 72.68 31.44
N THR D 185 -6.69 71.99 32.08
CA THR D 185 -5.51 71.47 31.39
C THR D 185 -5.83 70.07 30.85
N THR D 186 -5.25 69.73 29.71
CA THR D 186 -5.55 68.46 29.04
C THR D 186 -4.89 67.23 29.66
N PRO D 187 -3.67 67.30 30.24
CA PRO D 187 -3.12 66.05 30.83
C PRO D 187 -3.97 65.49 31.96
N GLU D 188 -4.54 66.35 32.80
CA GLU D 188 -5.39 65.87 33.88
C GLU D 188 -6.66 65.22 33.33
N LYS D 189 -7.26 65.82 32.31
CA LYS D 189 -8.44 65.22 31.69
C LYS D 189 -8.10 63.87 31.06
N ASP D 190 -6.97 63.78 30.37
CA ASP D 190 -6.56 62.52 29.76
C ASP D 190 -6.33 61.45 30.81
N LEU D 191 -5.68 61.82 31.92
CA LEU D 191 -5.44 60.85 32.99
C LEU D 191 -6.75 60.41 33.64
N PHE D 192 -7.69 61.35 33.84
CA PHE D 192 -8.97 60.98 34.42
C PHE D 192 -9.75 60.04 33.50
N ILE D 193 -9.72 60.30 32.19
CA ILE D 193 -10.45 59.43 31.28
C ILE D 193 -9.78 58.06 31.18
N GLY D 194 -8.44 58.03 31.20
CA GLY D 194 -7.75 56.75 31.23
C GLY D 194 -8.06 55.96 32.50
N LEU D 195 -8.24 56.68 33.61
CA LEU D 195 -8.62 56.05 34.87
C LEU D 195 -9.84 55.17 34.72
N PHE D 196 -10.76 55.57 33.86
CA PHE D 196 -11.98 54.79 33.61
C PHE D 196 -11.83 53.82 32.45
N THR D 197 -11.09 54.18 31.41
CA THR D 197 -11.00 53.32 30.22
C THR D 197 -10.10 52.12 30.45
N ARG D 198 -9.00 52.29 31.17
CA ARG D 198 -8.04 51.19 31.33
C ARG D 198 -8.65 49.95 31.99
N PRO D 199 -9.39 50.04 33.11
CA PRO D 199 -9.91 48.80 33.71
C PRO D 199 -10.82 48.01 32.80
N LEU D 200 -11.65 48.67 31.99
CA LEU D 200 -12.52 47.93 31.08
C LEU D 200 -11.72 47.27 29.96
N PHE D 201 -10.65 47.94 29.51
CA PHE D 201 -9.77 47.31 28.53
C PHE D 201 -9.10 46.07 29.10
N VAL D 202 -8.68 46.13 30.37
CA VAL D 202 -8.10 44.95 31.00
C VAL D 202 -9.15 43.85 31.17
N LEU D 203 -10.38 44.20 31.52
CA LEU D 203 -11.41 43.19 31.72
C LEU D 203 -11.86 42.58 30.40
N LEU D 204 -11.69 43.28 29.29
CA LEU D 204 -12.04 42.75 27.98
C LEU D 204 -11.11 41.65 27.53
N GLU D 205 -10.01 41.40 28.24
CA GLU D 205 -9.04 40.40 27.83
C GLU D 205 -9.66 39.00 27.80
N ILE D 206 -10.46 38.66 28.81
CA ILE D 206 -11.00 37.31 28.92
C ILE D 206 -12.14 37.13 27.92
N GLU D 207 -12.17 35.95 27.29
CA GLU D 207 -13.13 35.70 26.21
C GLU D 207 -14.59 35.72 26.66
N PRO D 208 -14.99 35.06 27.76
CA PRO D 208 -16.44 34.95 28.04
C PRO D 208 -17.15 36.28 28.18
N VAL D 209 -16.48 37.34 28.62
CA VAL D 209 -17.12 38.65 28.71
C VAL D 209 -17.53 39.15 27.34
N THR D 210 -16.70 38.89 26.32
CA THR D 210 -17.01 39.37 24.97
C THR D 210 -18.25 38.69 24.41
N LYS D 211 -18.51 37.43 24.80
CA LYS D 211 -19.63 36.70 24.22
C LYS D 211 -20.99 37.30 24.55
N VAL D 212 -21.18 37.81 25.78
CA VAL D 212 -22.47 38.35 26.16
C VAL D 212 -22.73 39.65 25.39
N SER D 213 -23.97 39.84 24.94
CA SER D 213 -24.28 40.95 24.07
C SER D 213 -24.40 42.27 24.84
N SER D 214 -24.97 42.22 26.04
CA SER D 214 -25.25 43.45 26.77
C SER D 214 -23.96 44.17 27.17
N LEU D 215 -23.02 43.43 27.77
CA LEU D 215 -21.77 44.05 28.20
C LEU D 215 -20.94 44.52 27.00
N LYS D 216 -20.92 43.73 25.92
CA LYS D 216 -20.20 44.15 24.72
C LYS D 216 -20.78 45.43 24.15
N MET D 217 -22.12 45.53 24.09
CA MET D 217 -22.76 46.73 23.59
C MET D 217 -22.48 47.93 24.49
N PHE D 218 -22.52 47.74 25.81
CA PHE D 218 -22.23 48.84 26.71
C PHE D 218 -20.79 49.33 26.57
N ILE D 219 -19.84 48.40 26.45
CA ILE D 219 -18.45 48.78 26.26
C ILE D 219 -18.27 49.48 24.91
N GLN D 220 -18.98 49.02 23.89
CA GLN D 220 -18.89 49.68 22.59
C GLN D 220 -19.39 51.11 22.65
N ARG D 221 -20.54 51.35 23.30
CA ARG D 221 -21.05 52.71 23.37
C ARG D 221 -20.17 53.59 24.25
N ILE D 222 -19.61 53.05 25.33
CA ILE D 222 -18.75 53.89 26.18
C ILE D 222 -17.47 54.24 25.43
N LEU D 223 -16.91 53.30 24.66
CA LEU D 223 -15.73 53.62 23.87
C LEU D 223 -16.06 54.64 22.79
N ALA D 224 -17.24 54.53 22.17
CA ALA D 224 -17.64 55.51 21.17
C ALA D 224 -17.76 56.90 21.77
N MET D 225 -18.38 57.00 22.95
CA MET D 225 -18.51 58.30 23.60
C MET D 225 -17.14 58.84 24.02
N CYS D 226 -16.24 57.95 24.46
CA CYS D 226 -14.89 58.38 24.80
C CYS D 226 -14.17 58.94 23.59
N VAL D 227 -14.32 58.29 22.44
CA VAL D 227 -13.62 58.72 21.22
C VAL D 227 -14.21 60.04 20.72
N LYS D 228 -15.54 60.13 20.68
CA LYS D 228 -16.21 61.28 20.08
C LYS D 228 -16.33 62.47 21.03
N ASN D 229 -17.00 62.26 22.17
CA ASN D 229 -17.30 63.38 23.06
C ASN D 229 -16.05 63.95 23.75
N HIS D 230 -15.06 63.10 24.04
CA HIS D 230 -13.87 63.55 24.76
C HIS D 230 -12.61 63.48 23.91
N GLY D 231 -12.74 63.30 22.60
CA GLY D 231 -11.56 63.28 21.74
C GLY D 231 -10.64 62.11 22.07
N GLN D 232 -9.39 62.43 22.39
CA GLN D 232 -8.33 61.48 22.72
C GLN D 232 -8.36 60.26 21.77
N SER D 233 -8.32 60.56 20.48
CA SER D 233 -8.34 59.54 19.45
C SER D 233 -7.01 58.82 19.31
N SER D 234 -6.05 59.05 20.20
CA SER D 234 -4.73 58.43 20.14
C SER D 234 -4.56 57.30 21.14
N SER D 235 -5.03 57.48 22.37
CA SER D 235 -4.89 56.43 23.38
C SER D 235 -5.81 55.25 23.07
N ILE D 236 -7.05 55.55 22.68
CA ILE D 236 -8.01 54.48 22.39
C ILE D 236 -7.57 53.66 21.19
N GLN D 237 -7.08 54.31 20.13
CA GLN D 237 -6.64 53.57 18.96
C GLN D 237 -5.44 52.69 19.28
N SER D 238 -4.52 53.19 20.10
CA SER D 238 -3.38 52.38 20.52
C SER D 238 -3.81 51.19 21.35
N SER D 239 -4.78 51.39 22.26
CA SER D 239 -5.30 50.28 23.04
C SER D 239 -5.96 49.24 22.16
N LEU D 240 -6.75 49.67 21.17
CA LEU D 240 -7.39 48.74 20.26
C LEU D 240 -6.35 47.98 19.44
N MET D 241 -5.29 48.67 18.99
CA MET D 241 -4.22 48.00 18.26
C MET D 241 -3.52 46.96 19.13
N THR D 242 -3.26 47.31 20.39
CA THR D 242 -2.65 46.35 21.31
C THR D 242 -3.53 45.12 21.51
N ASN D 243 -4.83 45.34 21.73
CA ASN D 243 -5.74 44.22 21.92
C ASN D 243 -5.83 43.36 20.67
N LEU D 244 -5.82 43.98 19.49
CA LEU D 244 -5.94 43.22 18.26
C LEU D 244 -4.65 42.47 17.93
N THR D 245 -3.50 43.00 18.35
CA THR D 245 -2.25 42.29 18.14
C THR D 245 -2.10 41.11 19.10
N TYR D 246 -2.47 41.32 20.37
CA TYR D 246 -2.27 40.30 21.40
C TYR D 246 -3.40 39.28 21.49
N PHE D 247 -4.55 39.55 20.85
CA PHE D 247 -5.70 38.66 20.97
C PHE D 247 -6.37 38.49 19.62
N LEU D 248 -7.11 37.38 19.48
CA LEU D 248 -7.79 37.03 18.25
C LEU D 248 -9.29 37.28 18.29
N HIS D 249 -9.92 37.23 19.46
CA HIS D 249 -11.37 37.31 19.57
C HIS D 249 -11.90 38.73 19.60
N LEU D 250 -11.02 39.74 19.63
CA LEU D 250 -11.44 41.13 19.73
C LEU D 250 -11.51 41.84 18.38
N SER D 251 -11.26 41.12 17.27
CA SER D 251 -11.35 41.74 15.96
C SER D 251 -12.78 42.16 15.64
N VAL D 252 -13.75 41.28 15.93
CA VAL D 252 -15.15 41.61 15.71
C VAL D 252 -15.57 42.76 16.61
N PHE D 253 -15.05 42.80 17.84
CA PHE D 253 -15.34 43.92 18.73
C PHE D 253 -14.84 45.23 18.14
N ASN D 254 -13.61 45.23 17.61
CA ASN D 254 -13.06 46.45 17.01
C ASN D 254 -13.89 46.88 15.81
N ALA D 255 -14.28 45.93 14.95
CA ALA D 255 -15.07 46.27 13.78
C ALA D 255 -16.44 46.82 14.17
N GLU D 256 -17.07 46.22 15.18
CA GLU D 256 -18.39 46.71 15.62
C GLU D 256 -18.28 48.09 16.25
N LEU D 257 -17.22 48.34 17.02
CA LEU D 257 -17.02 49.67 17.58
C LEU D 257 -16.81 50.70 16.49
N LEU D 258 -16.02 50.37 15.47
CA LEU D 258 -15.81 51.29 14.36
C LEU D 258 -17.11 51.55 13.61
N LYS D 259 -17.91 50.51 13.40
CA LYS D 259 -19.19 50.68 12.71
C LYS D 259 -20.13 51.56 13.52
N LEU D 260 -20.18 51.36 14.84
CA LEU D 260 -21.02 52.19 15.69
C LEU D 260 -20.57 53.64 15.67
N LEU D 261 -19.26 53.87 15.68
CA LEU D 261 -18.74 55.24 15.58
C LEU D 261 -19.11 55.87 14.23
N ASN D 262 -19.00 55.10 13.15
CA ASN D 262 -19.30 55.64 11.83
C ASN D 262 -20.78 55.96 11.67
N ASP D 263 -21.66 55.11 12.20
CA ASP D 263 -23.09 55.28 11.96
C ASP D 263 -23.65 56.46 12.75
N GLU D 264 -23.59 56.39 14.08
CA GLU D 264 -24.22 57.41 14.92
C GLU D 264 -23.29 58.54 15.29
N TYR D 265 -22.03 58.22 15.62
CA TYR D 265 -21.09 59.23 16.09
C TYR D 265 -20.31 59.88 14.96
N ASN D 266 -20.55 59.47 13.71
CA ASN D 266 -20.05 60.10 12.48
C ASN D 266 -18.63 60.66 12.64
N TYR D 267 -17.73 59.77 13.06
CA TYR D 267 -16.33 60.12 13.29
C TYR D 267 -15.46 59.11 12.54
N PRO D 268 -15.31 59.29 11.22
CA PRO D 268 -14.52 58.32 10.43
C PRO D 268 -13.02 58.49 10.57
N GLN D 269 -12.55 59.52 11.29
CA GLN D 269 -11.10 59.76 11.39
C GLN D 269 -10.40 58.62 12.12
N LEU D 270 -11.03 58.06 13.16
CA LEU D 270 -10.43 56.97 13.90
C LEU D 270 -10.21 55.75 13.01
N THR D 271 -11.20 55.43 12.18
CA THR D 271 -11.04 54.31 11.24
C THR D 271 -9.93 54.59 10.24
N GLU D 272 -9.84 55.83 9.76
CA GLU D 272 -8.77 56.19 8.83
C GLU D 272 -7.40 55.98 9.47
N ASP D 273 -7.23 56.43 10.71
CA ASP D 273 -5.96 56.27 11.40
C ASP D 273 -5.66 54.80 11.66
N ILE D 274 -6.67 54.02 12.05
CA ILE D 274 -6.46 52.60 12.30
C ILE D 274 -6.01 51.89 11.02
N LEU D 275 -6.67 52.20 9.90
CA LEU D 275 -6.28 51.58 8.63
C LEU D 275 -4.88 52.00 8.22
N LYS D 276 -4.52 53.27 8.44
CA LYS D 276 -3.17 53.70 8.14
C LYS D 276 -2.14 52.97 8.98
N GLU D 277 -2.42 52.78 10.26
CA GLU D 277 -1.51 52.03 11.13
C GLU D 277 -1.41 50.58 10.69
N ILE D 278 -2.52 49.99 10.26
CA ILE D 278 -2.48 48.62 9.74
C ILE D 278 -1.59 48.55 8.50
N SER D 279 -1.72 49.54 7.61
CA SER D 279 -0.90 49.57 6.41
C SER D 279 0.58 49.69 6.75
N THR D 280 0.92 50.52 7.74
CA THR D 280 2.30 50.73 8.14
C THR D 280 2.78 49.73 9.18
N ARG D 281 1.93 48.82 9.64
CA ARG D 281 2.32 47.87 10.68
C ARG D 281 3.27 46.82 10.11
N VAL D 282 4.22 46.40 10.94
CA VAL D 282 5.20 45.38 10.58
C VAL D 282 5.06 44.22 11.56
N PHE D 283 5.19 43.00 11.05
CA PHE D 283 5.06 41.79 11.84
C PHE D 283 6.35 40.97 11.77
N ASN D 284 6.65 40.27 12.86
CA ASN D 284 7.82 39.40 12.89
C ASN D 284 7.55 38.10 12.15
N ALA D 285 8.63 37.37 11.86
CA ALA D 285 8.52 36.12 11.11
C ALA D 285 8.09 34.94 11.98
N LYS D 286 8.04 35.11 13.31
CA LYS D 286 7.67 34.03 14.21
C LYS D 286 6.20 34.02 14.58
N ASP D 287 5.63 35.16 14.93
CA ASP D 287 4.24 35.23 15.36
C ASP D 287 3.31 35.20 14.15
N THR D 288 2.19 34.48 14.30
CA THR D 288 1.18 34.40 13.26
C THR D 288 -0.21 34.77 13.76
N THR D 289 -0.44 34.86 15.07
CA THR D 289 -1.74 35.25 15.59
C THR D 289 -2.05 36.71 15.27
N GLY D 290 -1.03 37.57 15.24
CA GLY D 290 -1.21 38.96 14.94
C GLY D 290 -1.77 39.21 13.55
N PRO D 291 -1.11 38.68 12.51
CA PRO D 291 -1.67 38.80 11.16
C PRO D 291 -3.05 38.20 11.02
N LYS D 292 -3.32 37.08 11.68
CA LYS D 292 -4.65 36.47 11.60
C LYS D 292 -5.71 37.37 12.21
N ALA D 293 -5.41 37.98 13.36
CA ALA D 293 -6.36 38.88 13.99
C ALA D 293 -6.56 40.14 13.14
N ILE D 294 -5.48 40.67 12.56
CA ILE D 294 -5.62 41.81 11.66
C ILE D 294 -6.52 41.45 10.48
N SER D 295 -6.31 40.27 9.91
CA SER D 295 -7.11 39.81 8.77
C SER D 295 -8.58 39.70 9.15
N ASN D 296 -8.87 39.12 10.32
CA ASN D 296 -10.24 38.99 10.76
C ASN D 296 -10.88 40.36 10.98
N PHE D 297 -10.13 41.30 11.55
CA PHE D 297 -10.64 42.65 11.76
C PHE D 297 -10.97 43.33 10.44
N LEU D 298 -10.07 43.21 9.45
CA LEU D 298 -10.35 43.81 8.15
C LEU D 298 -11.56 43.17 7.48
N ILE D 299 -11.68 41.84 7.56
CA ILE D 299 -12.82 41.15 6.96
C ILE D 299 -14.12 41.63 7.59
N LYS D 300 -14.15 41.71 8.93
CA LYS D 300 -15.37 42.14 9.61
C LYS D 300 -15.69 43.60 9.29
N LEU D 301 -14.67 44.46 9.23
CA LEU D 301 -14.90 45.86 8.90
C LEU D 301 -15.44 46.02 7.50
N SER D 302 -14.90 45.26 6.54
CA SER D 302 -15.41 45.31 5.17
C SER D 302 -16.83 44.77 5.09
N GLU D 303 -17.16 43.78 5.92
CA GLU D 303 -18.53 43.30 5.97
C GLU D 303 -19.46 44.34 6.59
N LEU D 304 -18.94 45.18 7.48
CA LEU D 304 -19.76 46.13 8.23
C LEU D 304 -19.93 47.46 7.51
N SER D 305 -18.85 48.19 7.28
CA SER D 305 -18.89 49.52 6.68
C SER D 305 -17.92 49.62 5.51
N PRO D 306 -18.30 49.15 4.32
CA PRO D 306 -17.43 49.34 3.15
C PRO D 306 -17.05 50.79 2.89
N GLY D 307 -18.00 51.72 3.02
CA GLY D 307 -17.78 53.07 2.54
C GLY D 307 -16.71 53.82 3.32
N ILE D 308 -16.74 53.71 4.66
CA ILE D 308 -15.77 54.42 5.48
C ILE D 308 -14.35 53.88 5.22
N MET D 309 -14.22 52.56 5.15
CA MET D 309 -12.92 51.93 4.97
C MET D 309 -12.40 52.03 3.53
N LEU D 310 -13.27 52.29 2.56
CA LEU D 310 -12.83 52.41 1.17
C LEU D 310 -11.93 53.62 0.96
N ARG D 311 -12.07 54.67 1.77
CA ARG D 311 -11.33 55.90 1.53
C ARG D 311 -9.83 55.68 1.66
N GLN D 312 -9.40 54.87 2.64
CA GLN D 312 -7.98 54.62 2.88
C GLN D 312 -7.50 53.35 2.17
N MET D 313 -8.29 52.78 1.29
CA MET D 313 -7.88 51.55 0.60
C MET D 313 -6.65 51.75 -0.28
N ASN D 314 -6.38 52.99 -0.71
CA ASN D 314 -5.20 53.24 -1.53
C ASN D 314 -3.92 52.91 -0.78
N LEU D 315 -3.85 53.27 0.50
CA LEU D 315 -2.71 52.90 1.33
C LEU D 315 -2.79 51.45 1.81
N VAL D 316 -3.98 50.88 1.92
CA VAL D 316 -4.12 49.48 2.30
C VAL D 316 -3.57 48.57 1.20
N ILE D 317 -3.73 48.96 -0.06
CA ILE D 317 -3.24 48.15 -1.18
C ILE D 317 -1.73 47.95 -1.06
N THR D 318 -1.02 48.93 -0.52
CA THR D 318 0.42 48.80 -0.32
C THR D 318 0.77 47.65 0.62
N LEU D 319 -0.16 47.24 1.49
CA LEU D 319 0.09 46.12 2.39
C LEU D 319 0.05 44.78 1.65
N LEU D 320 -0.52 44.75 0.44
CA LEU D 320 -0.64 43.51 -0.32
C LEU D 320 0.71 42.95 -0.72
N ASN D 321 1.75 43.80 -0.79
CA ASN D 321 3.09 43.33 -1.13
C ASN D 321 3.72 42.45 -0.06
N ASN D 322 3.13 42.39 1.13
CA ASN D 322 3.69 41.61 2.21
C ASN D 322 3.62 40.12 1.88
N SER D 323 4.58 39.36 2.43
CA SER D 323 4.65 37.93 2.21
C SER D 323 3.62 37.15 3.02
N SER D 324 2.90 37.81 3.92
CA SER D 324 1.89 37.14 4.72
C SER D 324 0.75 36.65 3.85
N ILE D 325 0.23 35.46 4.18
CA ILE D 325 -0.84 34.83 3.41
C ILE D 325 -2.21 35.33 3.86
N THR D 326 -2.45 35.30 5.17
CA THR D 326 -3.77 35.64 5.69
C THR D 326 -4.10 37.11 5.43
N LEU D 327 -3.11 38.00 5.51
CA LEU D 327 -3.37 39.40 5.23
C LEU D 327 -3.72 39.63 3.77
N ARG D 328 -3.03 38.96 2.85
CA ARG D 328 -3.37 39.08 1.43
C ARG D 328 -4.78 38.56 1.17
N CYS D 329 -5.11 37.41 1.74
CA CYS D 329 -6.46 36.87 1.59
C CYS D 329 -7.50 37.82 2.14
N SER D 330 -7.22 38.43 3.30
CA SER D 330 -8.15 39.38 3.90
C SER D 330 -8.31 40.61 3.04
N VAL D 331 -7.23 41.11 2.44
CA VAL D 331 -7.33 42.28 1.57
C VAL D 331 -8.20 41.97 0.37
N VAL D 332 -8.00 40.79 -0.24
CA VAL D 332 -8.81 40.41 -1.40
C VAL D 332 -10.27 40.27 -1.01
N GLU D 333 -10.53 39.62 0.12
CA GLU D 333 -11.89 39.41 0.60
C GLU D 333 -12.57 40.73 0.92
N ALA D 334 -11.83 41.66 1.54
CA ALA D 334 -12.37 42.98 1.86
C ALA D 334 -12.69 43.76 0.59
N CYS D 335 -11.81 43.71 -0.41
CA CYS D 335 -12.09 44.39 -1.66
C CYS D 335 -13.35 43.83 -2.31
N GLY D 336 -13.47 42.50 -2.34
CA GLY D 336 -14.65 41.89 -2.93
C GLY D 336 -15.93 42.28 -2.22
N ASN D 337 -15.92 42.24 -0.89
CA ASN D 337 -17.13 42.59 -0.14
C ASN D 337 -17.47 44.07 -0.30
N ILE D 338 -16.45 44.93 -0.30
CA ILE D 338 -16.70 46.36 -0.46
C ILE D 338 -17.35 46.64 -1.81
N VAL D 339 -16.78 46.08 -2.89
CA VAL D 339 -17.34 46.34 -4.21
C VAL D 339 -18.68 45.65 -4.41
N ALA D 340 -18.94 44.54 -3.72
CA ALA D 340 -20.23 43.88 -3.85
C ALA D 340 -21.33 44.64 -3.12
N GLU D 341 -21.06 45.07 -1.89
CA GLU D 341 -22.11 45.72 -1.10
C GLU D 341 -22.33 47.16 -1.55
N LEU D 342 -21.28 47.83 -2.02
CA LEU D 342 -21.46 49.17 -2.55
C LEU D 342 -22.20 49.19 -3.89
N ALA D 343 -22.44 48.02 -4.48
CA ALA D 343 -23.13 47.96 -5.76
C ALA D 343 -24.60 48.37 -5.64
N GLN D 344 -25.18 48.22 -4.45
CA GLN D 344 -26.61 48.51 -4.30
C GLN D 344 -26.92 49.99 -4.46
N ASP D 345 -26.02 50.87 -4.03
CA ASP D 345 -26.26 52.30 -4.07
C ASP D 345 -25.64 52.88 -5.34
N PRO D 346 -26.45 53.38 -6.29
CA PRO D 346 -25.87 53.98 -7.50
C PRO D 346 -25.01 55.21 -7.21
N GLN D 347 -25.35 55.99 -6.19
CA GLN D 347 -24.57 57.19 -5.88
C GLN D 347 -23.15 56.84 -5.46
N THR D 348 -23.00 55.78 -4.67
CA THR D 348 -21.67 55.36 -4.24
C THR D 348 -20.81 54.94 -5.44
N MET D 349 -21.40 54.19 -6.37
CA MET D 349 -20.65 53.80 -7.56
C MET D 349 -20.28 55.02 -8.41
N GLU D 350 -21.23 55.94 -8.60
CA GLU D 350 -20.99 57.10 -9.44
C GLU D 350 -19.91 58.01 -8.85
N HIS D 351 -19.95 58.22 -7.53
CA HIS D 351 -19.00 59.14 -6.91
C HIS D 351 -17.60 58.56 -6.81
N TYR D 352 -17.47 57.23 -6.79
CA TYR D 352 -16.20 56.55 -6.57
C TYR D 352 -15.81 55.65 -7.73
N LYS D 353 -16.03 56.12 -8.97
CA LYS D 353 -15.78 55.28 -10.14
C LYS D 353 -14.30 54.92 -10.28
N GLN D 354 -13.41 55.89 -10.11
CA GLN D 354 -12.00 55.69 -10.40
C GLN D 354 -11.39 54.62 -9.50
N GLN D 355 -11.58 54.76 -8.18
CA GLN D 355 -10.95 53.82 -7.26
C GLN D 355 -11.60 52.44 -7.30
N ILE D 356 -12.90 52.36 -7.52
CA ILE D 356 -13.54 51.04 -7.63
C ILE D 356 -13.07 50.34 -8.90
N ALA D 357 -12.88 51.10 -9.99
CA ALA D 357 -12.34 50.51 -11.21
C ALA D 357 -10.91 50.04 -11.00
N VAL D 358 -10.09 50.83 -10.30
CA VAL D 358 -8.71 50.44 -10.02
C VAL D 358 -8.69 49.16 -9.17
N LEU D 359 -9.56 49.10 -8.17
CA LEU D 359 -9.64 47.93 -7.30
C LEU D 359 -10.07 46.70 -8.08
N ILE D 360 -11.05 46.83 -8.97
CA ILE D 360 -11.50 45.70 -9.78
C ILE D 360 -10.37 45.25 -10.72
N GLU D 361 -9.64 46.19 -11.31
CA GLU D 361 -8.52 45.81 -12.18
C GLU D 361 -7.45 45.09 -11.39
N LEU D 362 -7.15 45.55 -10.18
CA LEU D 362 -6.17 44.86 -9.34
C LEU D 362 -6.65 43.46 -8.97
N LEU D 363 -7.93 43.32 -8.66
CA LEU D 363 -8.48 42.01 -8.35
C LEU D 363 -8.38 41.07 -9.55
N GLU D 364 -8.66 41.58 -10.75
CA GLU D 364 -8.50 40.76 -11.95
C GLU D 364 -7.05 40.35 -12.17
N GLU D 365 -6.12 41.28 -11.96
CA GLU D 365 -4.71 40.96 -12.12
C GLU D 365 -4.25 39.95 -11.06
N ARG D 366 -4.88 39.96 -9.89
CA ARG D 366 -4.52 39.04 -8.80
C ARG D 366 -4.95 37.60 -9.07
N PHE D 367 -5.48 37.29 -10.25
CA PHE D 367 -5.86 35.93 -10.57
C PHE D 367 -4.68 34.99 -10.71
N GLN D 368 -3.45 35.52 -10.76
CA GLN D 368 -2.24 34.71 -10.79
C GLN D 368 -1.36 35.12 -9.62
N ASP D 369 -0.96 34.13 -8.81
CA ASP D 369 -0.13 34.38 -7.63
C ASP D 369 0.57 33.08 -7.26
N SER D 370 1.59 33.21 -6.42
CA SER D 370 2.25 32.03 -5.88
C SER D 370 1.32 31.25 -4.96
N ASN D 371 0.51 31.95 -4.17
CA ASN D 371 -0.42 31.30 -3.26
C ASN D 371 -1.70 30.94 -4.00
N PRO D 372 -2.09 29.66 -4.05
CA PRO D 372 -3.41 29.33 -4.60
C PRO D 372 -4.56 29.89 -3.79
N TYR D 373 -4.36 30.15 -2.49
CA TYR D 373 -5.45 30.64 -1.66
C TYR D 373 -5.83 32.08 -2.01
N VAL D 374 -4.84 32.90 -2.35
CA VAL D 374 -5.13 34.26 -2.82
C VAL D 374 -5.93 34.21 -4.11
N ARG D 375 -5.57 33.30 -5.02
CA ARG D 375 -6.32 33.14 -6.26
C ARG D 375 -7.75 32.69 -5.98
N THR D 376 -7.92 31.77 -5.03
CA THR D 376 -9.26 31.33 -4.65
C THR D 376 -10.07 32.48 -4.08
N LYS D 377 -9.46 33.30 -3.24
CA LYS D 377 -10.16 34.47 -2.69
C LYS D 377 -10.54 35.44 -3.80
N ALA D 378 -9.66 35.64 -4.77
CA ALA D 378 -9.97 36.51 -5.90
C ALA D 378 -11.14 35.98 -6.70
N ILE D 379 -11.17 34.67 -6.94
CA ILE D 379 -12.28 34.08 -7.69
C ILE D 379 -13.58 34.21 -6.91
N GLN D 380 -13.53 34.00 -5.59
CA GLN D 380 -14.74 34.16 -4.77
C GLN D 380 -15.22 35.61 -4.80
N GLY D 381 -14.30 36.57 -4.73
CA GLY D 381 -14.69 37.97 -4.83
C GLY D 381 -15.32 38.30 -6.17
N CYS D 382 -14.76 37.75 -7.26
CA CYS D 382 -15.35 37.98 -8.57
C CYS D 382 -16.74 37.35 -8.66
N SER D 383 -16.93 36.18 -8.05
CA SER D 383 -18.26 35.58 -8.01
C SER D 383 -19.25 36.46 -7.25
N LYS D 384 -18.81 37.01 -6.11
CA LYS D 384 -19.68 37.91 -5.36
C LYS D 384 -20.00 39.17 -6.16
N ILE D 385 -19.04 39.65 -6.96
CA ILE D 385 -19.29 40.79 -7.83
C ILE D 385 -20.33 40.45 -8.88
N CYS D 386 -20.20 39.27 -9.50
CA CYS D 386 -21.06 38.89 -10.62
C CYS D 386 -22.36 38.24 -10.17
N ASP D 387 -22.61 38.16 -8.86
CA ASP D 387 -23.89 37.61 -8.39
C ASP D 387 -25.07 38.40 -8.95
N LEU D 388 -24.87 39.67 -9.28
CA LEU D 388 -25.90 40.51 -9.91
C LEU D 388 -25.47 40.84 -11.33
N SER D 389 -26.44 40.80 -12.25
CA SER D 389 -26.18 41.04 -13.66
C SER D 389 -26.73 42.37 -14.14
N SER D 390 -27.14 43.26 -13.23
CA SER D 390 -27.73 44.53 -13.65
C SER D 390 -26.68 45.48 -14.22
N LYS D 391 -25.48 45.49 -13.63
CA LYS D 391 -24.45 46.46 -13.97
C LYS D 391 -23.11 45.75 -14.15
N PHE D 392 -22.13 46.52 -14.65
CA PHE D 392 -20.81 45.99 -15.00
C PHE D 392 -20.91 44.79 -15.93
N ASN D 393 -21.67 44.96 -17.02
CA ASN D 393 -21.77 43.90 -18.03
C ASN D 393 -20.45 43.73 -18.78
N LYS D 394 -19.70 44.82 -18.95
CA LYS D 394 -18.44 44.74 -19.69
C LYS D 394 -17.42 43.87 -18.96
N SER D 395 -17.35 43.98 -17.64
CA SER D 395 -16.40 43.19 -16.86
C SER D 395 -16.76 41.71 -16.81
N LYS D 396 -17.98 41.35 -17.22
CA LYS D 396 -18.37 39.94 -17.23
C LYS D 396 -17.49 39.14 -18.21
N ALA D 397 -17.22 39.71 -19.38
CA ALA D 397 -16.37 39.02 -20.35
C ALA D 397 -14.95 38.85 -19.81
N LYS D 398 -14.42 39.87 -19.14
CA LYS D 398 -13.10 39.76 -18.52
C LYS D 398 -13.07 38.68 -17.45
N PHE D 399 -14.11 38.63 -16.61
CA PHE D 399 -14.18 37.60 -15.58
C PHE D 399 -14.25 36.21 -16.21
N THR D 400 -15.02 36.07 -17.29
CA THR D 400 -15.10 34.79 -17.98
C THR D 400 -13.75 34.38 -18.55
N SER D 401 -13.04 35.32 -19.18
CA SER D 401 -11.74 35.00 -19.75
C SER D 401 -10.75 34.58 -18.68
N LEU D 402 -10.72 35.31 -17.55
CA LEU D 402 -9.82 34.94 -16.47
C LEU D 402 -10.20 33.59 -15.87
N ALA D 403 -11.49 33.30 -15.73
CA ALA D 403 -11.90 32.00 -15.19
C ALA D 403 -11.52 30.87 -16.13
N VAL D 404 -11.70 31.06 -17.44
CA VAL D 404 -11.30 30.04 -18.40
C VAL D 404 -9.80 29.82 -18.36
N ARG D 405 -9.02 30.90 -18.24
CA ARG D 405 -7.57 30.73 -18.12
C ARG D 405 -7.21 29.98 -16.83
N SER D 406 -7.84 30.34 -15.71
CA SER D 406 -7.55 29.71 -14.43
C SER D 406 -8.06 28.28 -14.35
N LEU D 407 -8.92 27.85 -15.29
CA LEU D 407 -9.35 26.47 -15.31
C LEU D 407 -8.19 25.49 -15.42
N GLN D 408 -7.07 25.91 -15.99
CA GLN D 408 -5.90 25.05 -16.17
C GLN D 408 -4.90 25.18 -15.03
N ASP D 409 -5.29 25.82 -13.93
CA ASP D 409 -4.37 26.03 -12.82
C ASP D 409 -4.01 24.71 -12.15
N ARG D 410 -2.79 24.65 -11.60
CA ARG D 410 -2.32 23.44 -10.94
C ARG D 410 -3.15 23.11 -9.70
N SER D 411 -3.51 24.13 -8.92
CA SER D 411 -4.26 23.91 -7.70
C SER D 411 -5.67 23.43 -7.99
N SER D 412 -6.14 22.45 -7.22
CA SER D 412 -7.48 21.91 -7.39
C SER D 412 -8.55 22.86 -6.88
N LEU D 413 -8.32 23.51 -5.73
CA LEU D 413 -9.30 24.43 -5.18
C LEU D 413 -9.54 25.60 -6.12
N VAL D 414 -8.48 26.12 -6.75
CA VAL D 414 -8.64 27.19 -7.72
C VAL D 414 -9.51 26.73 -8.88
N ARG D 415 -9.31 25.49 -9.34
CA ARG D 415 -10.10 24.96 -10.44
C ARG D 415 -11.57 24.83 -10.05
N ARG D 416 -11.84 24.34 -8.83
CA ARG D 416 -13.24 24.24 -8.39
C ARG D 416 -13.89 25.61 -8.28
N ASN D 417 -13.17 26.60 -7.74
CA ASN D 417 -13.72 27.94 -7.64
C ASN D 417 -13.95 28.56 -9.02
N SER D 418 -13.06 28.30 -9.97
CA SER D 418 -13.27 28.78 -11.34
C SER D 418 -14.50 28.14 -11.96
N VAL D 419 -14.70 26.84 -11.72
CA VAL D 419 -15.90 26.16 -12.21
C VAL D 419 -17.15 26.78 -11.58
N LYS D 420 -17.09 27.08 -10.28
CA LYS D 420 -18.21 27.74 -9.61
C LYS D 420 -18.48 29.10 -10.22
N LEU D 421 -17.43 29.87 -10.51
CA LEU D 421 -17.60 31.20 -11.09
C LEU D 421 -18.24 31.11 -12.47
N LEU D 422 -17.79 30.16 -13.29
CA LEU D 422 -18.38 29.98 -14.60
C LEU D 422 -19.84 29.54 -14.50
N SER D 423 -20.16 28.66 -13.55
CA SER D 423 -21.54 28.25 -13.35
C SER D 423 -22.43 29.42 -12.93
N LYS D 424 -21.92 30.27 -12.03
CA LYS D 424 -22.68 31.44 -11.61
C LYS D 424 -22.88 32.41 -12.78
N LEU D 425 -21.85 32.60 -13.59
CA LEU D 425 -21.96 33.50 -14.74
C LEU D 425 -22.95 32.96 -15.76
N LEU D 426 -22.95 31.65 -15.99
CA LEU D 426 -23.85 31.06 -16.96
C LEU D 426 -25.29 31.00 -16.45
N LEU D 427 -25.47 30.90 -15.13
CA LEU D 427 -26.82 30.84 -14.59
C LEU D 427 -27.60 32.11 -14.88
N LYS D 428 -26.96 33.27 -14.71
CA LYS D 428 -27.59 34.55 -15.01
C LYS D 428 -26.62 35.41 -15.79
N HIS D 429 -27.02 35.83 -16.99
CA HIS D 429 -26.21 36.67 -17.85
C HIS D 429 -27.09 37.79 -18.41
N PRO D 430 -26.50 38.93 -18.76
CA PRO D 430 -27.30 40.00 -19.38
C PRO D 430 -27.88 39.62 -20.72
N PHE D 431 -27.40 38.53 -21.33
CA PHE D 431 -27.82 38.11 -22.67
C PHE D 431 -29.19 37.41 -22.61
N LYS D 432 -30.17 38.15 -22.09
CA LYS D 432 -31.51 37.61 -21.89
C LYS D 432 -32.63 38.51 -22.40
N ALA D 433 -32.32 39.72 -22.89
CA ALA D 433 -33.37 40.62 -23.36
C ALA D 433 -34.13 40.02 -24.54
N ILE D 434 -33.40 39.44 -25.49
CA ILE D 434 -34.00 38.79 -26.66
C ILE D 434 -33.47 37.36 -26.74
N HIS D 435 -34.39 36.42 -26.97
CA HIS D 435 -34.06 34.99 -27.07
C HIS D 435 -33.26 34.52 -25.85
N GLY D 436 -33.77 34.85 -24.67
CA GLY D 436 -33.08 34.50 -23.44
C GLY D 436 -33.12 33.01 -23.15
N SER D 437 -32.20 32.58 -22.29
CA SER D 437 -32.06 31.20 -21.84
C SER D 437 -31.81 30.23 -22.99
N GLN D 438 -31.28 30.72 -24.11
CA GLN D 438 -30.95 29.87 -25.26
C GLN D 438 -29.64 30.37 -25.85
N LEU D 439 -28.58 29.56 -25.72
CA LEU D 439 -27.26 29.91 -26.21
C LEU D 439 -26.85 28.88 -27.27
N ARG D 440 -27.24 29.13 -28.51
CA ARG D 440 -26.88 28.27 -29.64
C ARG D 440 -25.90 29.02 -30.54
N LEU D 441 -24.74 28.41 -30.79
CA LEU D 441 -23.73 29.07 -31.62
C LEU D 441 -24.23 29.28 -33.04
N SER D 442 -24.89 28.26 -33.61
CA SER D 442 -25.37 28.37 -34.99
C SER D 442 -26.44 29.44 -35.12
N GLU D 443 -27.41 29.45 -34.19
CA GLU D 443 -28.48 30.43 -34.27
C GLU D 443 -27.96 31.85 -34.06
N TRP D 444 -27.06 32.04 -33.10
CA TRP D 444 -26.51 33.37 -32.87
C TRP D 444 -25.66 33.82 -34.05
N GLU D 445 -24.91 32.90 -34.67
CA GLU D 445 -24.15 33.24 -35.86
C GLU D 445 -25.06 33.64 -37.01
N GLU D 446 -26.16 32.91 -37.19
CA GLU D 446 -27.13 33.27 -38.24
C GLU D 446 -27.74 34.63 -37.97
N TYR D 447 -28.07 34.92 -36.71
CA TYR D 447 -28.60 36.23 -36.36
C TYR D 447 -27.59 37.34 -36.63
N LEU D 448 -26.32 37.11 -36.30
CA LEU D 448 -25.28 38.09 -36.57
C LEU D 448 -25.12 38.31 -38.07
N LYS D 449 -25.18 37.24 -38.86
CA LYS D 449 -25.10 37.38 -40.32
C LYS D 449 -26.29 38.17 -40.85
N GLY D 450 -27.48 37.92 -40.31
CA GLY D 450 -28.64 38.68 -40.72
C GLY D 450 -28.52 40.16 -40.38
N SER D 451 -27.99 40.47 -39.20
CA SER D 451 -27.77 41.86 -38.82
C SER D 451 -26.73 42.52 -39.74
N GLU D 452 -25.67 41.79 -40.07
CA GLU D 452 -24.67 42.32 -40.99
C GLU D 452 -25.27 42.59 -42.36
N SER D 453 -26.10 41.68 -42.86
CA SER D 453 -26.76 41.90 -44.15
C SER D 453 -27.71 43.10 -44.08
N GLN D 454 -28.44 43.24 -42.97
CA GLN D 454 -29.35 44.37 -42.83
C GLN D 454 -28.59 45.69 -42.83
N LEU D 455 -27.45 45.75 -42.14
CA LEU D 455 -26.64 46.97 -42.16
C LEU D 455 -26.07 47.22 -43.54
N ASN D 456 -25.64 46.16 -44.24
CA ASN D 456 -25.08 46.33 -45.57
C ASN D 456 -26.11 46.88 -46.55
N SER D 457 -27.34 46.38 -46.46
CA SER D 457 -28.41 46.85 -47.34
C SER D 457 -28.89 48.25 -46.95
N THR D 517 -31.65 58.07 -39.33
CA THR D 517 -30.55 58.51 -38.49
C THR D 517 -30.26 57.50 -37.38
N SER D 518 -31.32 57.05 -36.70
CA SER D 518 -31.17 56.08 -35.63
C SER D 518 -30.70 54.72 -36.15
N VAL D 519 -30.89 54.45 -37.45
CA VAL D 519 -30.59 53.13 -38.00
C VAL D 519 -29.11 52.82 -37.87
N LEU D 520 -28.24 53.79 -38.17
CA LEU D 520 -26.81 53.54 -38.20
C LEU D 520 -26.30 53.03 -36.85
N MET D 521 -26.40 53.86 -35.81
CA MET D 521 -25.89 53.43 -34.51
C MET D 521 -26.75 52.35 -33.87
N LYS D 522 -28.03 52.24 -34.23
CA LYS D 522 -28.83 51.15 -33.70
C LYS D 522 -28.29 49.80 -34.19
N LEU D 523 -28.04 49.70 -35.50
CA LEU D 523 -27.41 48.49 -36.03
C LEU D 523 -26.00 48.30 -35.52
N LYS D 524 -25.26 49.40 -35.29
CA LYS D 524 -23.91 49.27 -34.74
C LYS D 524 -23.96 48.64 -33.35
N LEU D 525 -24.86 49.11 -32.48
CA LEU D 525 -24.99 48.54 -31.15
C LEU D 525 -25.48 47.09 -31.21
N MET D 526 -26.42 46.80 -32.11
CA MET D 526 -26.88 45.42 -32.25
C MET D 526 -25.73 44.50 -32.68
N ILE D 527 -24.90 44.96 -33.62
CA ILE D 527 -23.80 44.13 -34.11
C ILE D 527 -22.76 43.93 -33.02
N VAL D 528 -22.44 44.98 -32.25
CA VAL D 528 -21.44 44.81 -31.20
C VAL D 528 -21.98 43.90 -30.09
N TYR D 529 -23.28 44.00 -29.79
CA TYR D 529 -23.90 43.11 -28.83
C TYR D 529 -23.85 41.66 -29.30
N TYR D 530 -24.13 41.43 -30.58
CA TYR D 530 -24.10 40.08 -31.11
C TYR D 530 -22.68 39.52 -31.13
N LYS D 531 -21.69 40.37 -31.43
CA LYS D 531 -20.31 39.95 -31.39
C LYS D 531 -19.87 39.58 -29.98
N ASP D 532 -20.30 40.38 -28.99
CA ASP D 532 -20.01 40.04 -27.59
C ASP D 532 -20.67 38.72 -27.21
N ALA D 533 -21.91 38.50 -27.66
CA ALA D 533 -22.58 37.23 -27.39
C ALA D 533 -21.84 36.06 -28.01
N ILE D 534 -21.36 36.23 -29.25
CA ILE D 534 -20.62 35.17 -29.92
C ILE D 534 -19.32 34.86 -29.17
N SER D 535 -18.62 35.90 -28.74
CA SER D 535 -17.38 35.71 -27.99
C SER D 535 -17.65 34.99 -26.67
N PHE D 536 -18.72 35.38 -25.96
CA PHE D 536 -19.07 34.72 -24.72
C PHE D 536 -19.43 33.26 -24.94
N ILE D 537 -20.17 32.96 -26.01
CA ILE D 537 -20.53 31.58 -26.31
C ILE D 537 -19.29 30.75 -26.63
N LYS D 538 -18.36 31.33 -27.38
CA LYS D 538 -17.11 30.62 -27.68
C LYS D 538 -16.31 30.36 -26.41
N GLU D 539 -16.26 31.34 -25.51
CA GLU D 539 -15.54 31.15 -24.24
C GLU D 539 -16.20 30.06 -23.41
N ILE D 540 -17.53 30.03 -23.36
CA ILE D 540 -18.23 28.99 -22.61
C ILE D 540 -18.00 27.62 -23.24
N HIS D 541 -17.95 27.57 -24.57
CA HIS D 541 -17.70 26.30 -25.25
C HIS D 541 -16.30 25.78 -24.93
N LYS D 542 -15.30 26.66 -24.97
CA LYS D 542 -13.94 26.26 -24.61
C LYS D 542 -13.86 25.82 -23.16
N SER D 543 -14.53 26.54 -22.25
CA SER D 543 -14.55 26.14 -20.85
C SER D 543 -15.22 24.79 -20.67
N ILE D 544 -16.29 24.54 -21.42
CA ILE D 544 -16.98 23.24 -21.34
C ILE D 544 -16.05 22.12 -21.80
N GLU D 545 -15.32 22.34 -22.89
CA GLU D 545 -14.36 21.34 -23.35
C GLU D 545 -13.27 21.09 -22.30
N LEU D 546 -12.74 22.17 -21.72
CA LEU D 546 -11.70 22.02 -20.69
C LEU D 546 -12.22 21.27 -19.48
N ILE D 547 -13.43 21.58 -19.03
CA ILE D 547 -14.00 20.91 -17.86
C ILE D 547 -14.30 19.45 -18.17
N SER D 548 -14.75 19.17 -19.41
CA SER D 548 -14.98 17.79 -19.80
C SER D 548 -13.68 16.99 -19.77
N ASN D 549 -12.58 17.58 -20.25
CA ASN D 549 -11.29 16.93 -20.11
C ASN D 549 -10.88 16.82 -18.64
N LEU D 550 -11.32 17.77 -17.82
CA LEU D 550 -10.96 17.85 -16.41
C LEU D 550 -11.82 16.96 -15.51
N LEU D 551 -12.85 16.31 -16.07
CA LEU D 551 -13.76 15.52 -15.25
C LEU D 551 -13.04 14.47 -14.42
N PHE D 552 -12.02 13.82 -14.99
CA PHE D 552 -11.27 12.79 -14.29
C PHE D 552 -10.24 13.46 -13.38
N SER D 553 -10.64 13.66 -12.13
CA SER D 553 -9.78 14.30 -11.14
C SER D 553 -9.78 13.47 -9.85
N LYS D 554 -8.67 13.55 -9.12
CA LYS D 554 -8.56 12.78 -7.88
C LYS D 554 -9.54 13.27 -6.83
N ASN D 555 -9.72 14.58 -6.71
CA ASN D 555 -10.60 15.15 -5.69
C ASN D 555 -12.06 15.02 -6.13
N ARG D 556 -12.91 14.62 -5.20
CA ARG D 556 -14.32 14.39 -5.52
C ARG D 556 -15.10 15.69 -5.65
N ASN D 557 -14.73 16.73 -4.90
CA ASN D 557 -15.44 18.00 -5.00
C ASN D 557 -15.30 18.62 -6.39
N GLU D 558 -14.10 18.53 -6.96
CA GLU D 558 -13.90 19.02 -8.33
C GLU D 558 -14.79 18.28 -9.31
N VAL D 559 -14.87 16.95 -9.17
CA VAL D 559 -15.72 16.15 -10.06
C VAL D 559 -17.18 16.55 -9.91
N LEU D 560 -17.64 16.72 -8.66
CA LEU D 560 -19.03 17.10 -8.43
C LEU D 560 -19.34 18.46 -9.03
N GLU D 561 -18.43 19.42 -8.86
CA GLU D 561 -18.68 20.75 -9.41
C GLU D 561 -18.64 20.74 -10.93
N SER D 562 -17.76 19.92 -11.52
CA SER D 562 -17.73 19.77 -12.97
C SER D 562 -19.03 19.18 -13.49
N MET D 563 -19.55 18.17 -12.79
CA MET D 563 -20.84 17.59 -13.18
C MET D 563 -21.95 18.61 -13.08
N ASP D 564 -21.96 19.41 -12.00
CA ASP D 564 -22.99 20.43 -11.86
C ASP D 564 -22.91 21.47 -12.98
N PHE D 565 -21.70 21.91 -13.33
CA PHE D 565 -21.55 22.88 -14.41
C PHE D 565 -21.99 22.28 -15.74
N LEU D 566 -21.64 21.02 -16.00
CA LEU D 566 -22.04 20.39 -17.25
C LEU D 566 -23.56 20.23 -17.33
N VAL D 567 -24.20 19.88 -16.21
CA VAL D 567 -25.66 19.79 -16.20
C VAL D 567 -26.28 21.15 -16.47
N LEU D 568 -25.75 22.21 -15.84
CA LEU D 568 -26.26 23.55 -16.08
C LEU D 568 -26.09 23.96 -17.54
N ALA D 569 -24.93 23.63 -18.13
CA ALA D 569 -24.70 23.94 -19.52
C ALA D 569 -25.58 23.12 -20.45
N ASP D 570 -25.97 21.92 -20.01
CA ASP D 570 -26.90 21.11 -20.79
C ASP D 570 -28.32 21.65 -20.70
N ALA D 571 -28.66 22.31 -19.58
CA ALA D 571 -30.00 22.87 -19.43
C ALA D 571 -30.29 23.88 -20.54
N PHE D 572 -29.33 24.74 -20.86
CA PHE D 572 -29.42 25.60 -22.02
C PHE D 572 -28.95 24.83 -23.24
N ASP D 573 -29.70 24.91 -24.34
CA ASP D 573 -29.37 24.14 -25.54
C ASP D 573 -27.99 24.51 -26.07
N ILE D 574 -27.04 23.58 -25.96
CA ILE D 574 -25.66 23.79 -26.39
C ILE D 574 -25.25 22.60 -27.26
N GLU D 575 -24.63 22.90 -28.41
CA GLU D 575 -24.28 21.83 -29.33
C GLU D 575 -23.21 20.90 -28.76
N LEU D 576 -22.30 21.44 -27.95
CA LEU D 576 -21.24 20.64 -27.35
C LEU D 576 -21.60 20.12 -25.97
N SER D 577 -22.81 20.38 -25.48
CA SER D 577 -23.22 19.84 -24.19
C SER D 577 -23.36 18.34 -24.23
N GLU D 578 -23.82 17.79 -25.36
CA GLU D 578 -23.96 16.34 -25.47
C GLU D 578 -22.61 15.64 -25.36
N PHE D 579 -21.55 16.26 -25.86
CA PHE D 579 -20.21 15.69 -25.68
C PHE D 579 -19.83 15.65 -24.21
N GLY D 580 -20.16 16.71 -23.46
CA GLY D 580 -19.90 16.71 -22.03
C GLY D 580 -20.69 15.64 -21.30
N ILE D 581 -21.95 15.43 -21.69
CA ILE D 581 -22.75 14.37 -21.07
C ILE D 581 -22.18 13.00 -21.41
N LYS D 582 -21.71 12.83 -22.64
CA LYS D 582 -21.10 11.56 -23.03
C LYS D 582 -19.85 11.29 -22.20
N LYS D 583 -19.01 12.31 -22.00
CA LYS D 583 -17.83 12.15 -21.15
C LYS D 583 -18.23 11.85 -19.71
N MET D 584 -19.27 12.51 -19.21
CA MET D 584 -19.76 12.25 -17.86
C MET D 584 -20.25 10.82 -17.71
N LEU D 585 -20.81 10.25 -18.78
CA LEU D 585 -21.36 8.90 -18.73
C LEU D 585 -20.31 7.86 -18.32
N HIS D 586 -19.03 8.15 -18.53
CA HIS D 586 -17.96 7.22 -18.18
C HIS D 586 -17.53 7.34 -16.72
N LEU D 587 -18.21 8.18 -15.92
CA LEU D 587 -17.87 8.32 -14.51
C LEU D 587 -18.25 7.10 -13.69
N VAL D 588 -18.97 6.14 -14.27
CA VAL D 588 -19.28 4.88 -13.59
C VAL D 588 -18.01 4.07 -13.44
N TRP D 589 -18.08 3.00 -12.64
CA TRP D 589 -16.99 2.09 -12.27
C TRP D 589 -16.06 2.72 -11.23
N MET D 590 -16.43 3.84 -10.63
CA MET D 590 -15.62 4.48 -9.61
C MET D 590 -16.05 4.12 -8.20
N LYS D 591 -17.01 3.21 -8.06
CA LYS D 591 -17.47 2.77 -6.74
C LYS D 591 -16.38 2.00 -6.00
N SER D 599 -20.06 8.91 -3.52
CA SER D 599 -20.84 10.13 -3.71
C SER D 599 -20.94 10.50 -5.18
N ILE D 600 -19.98 10.01 -5.97
CA ILE D 600 -19.98 10.31 -7.40
C ILE D 600 -21.11 9.57 -8.09
N SER D 601 -21.32 8.29 -7.75
CA SER D 601 -22.33 7.48 -8.44
C SER D 601 -23.73 7.98 -8.16
N VAL D 602 -24.03 8.32 -6.90
CA VAL D 602 -25.37 8.79 -6.56
C VAL D 602 -25.66 10.13 -7.23
N HIS D 603 -24.67 11.02 -7.25
CA HIS D 603 -24.85 12.29 -7.95
C HIS D 603 -25.04 12.08 -9.44
N LEU D 604 -24.31 11.13 -10.02
CA LEU D 604 -24.47 10.82 -11.44
C LEU D 604 -25.89 10.34 -11.73
N ILE D 605 -26.41 9.45 -10.87
CA ILE D 605 -27.78 8.96 -11.04
C ILE D 605 -28.76 10.12 -10.94
N GLU D 606 -28.55 11.01 -9.97
CA GLU D 606 -29.46 12.13 -9.79
C GLU D 606 -29.47 13.06 -11.01
N CYS D 607 -28.29 13.41 -11.51
CA CYS D 607 -28.23 14.30 -12.68
C CYS D 607 -28.80 13.64 -13.92
N TYR D 608 -28.53 12.36 -14.14
CA TYR D 608 -29.07 11.71 -15.32
C TYR D 608 -30.56 11.46 -15.21
N LYS D 609 -31.09 11.33 -13.99
CA LYS D 609 -32.54 11.34 -13.81
C LYS D 609 -33.12 12.70 -14.13
N GLN D 610 -32.45 13.77 -13.69
CA GLN D 610 -32.97 15.12 -13.91
C GLN D 610 -32.94 15.50 -15.39
N LEU D 611 -31.88 15.12 -16.10
CA LEU D 611 -31.72 15.58 -17.47
C LEU D 611 -32.70 14.90 -18.43
N PHE D 612 -32.86 13.58 -18.30
CA PHE D 612 -33.64 12.81 -19.25
C PHE D 612 -34.97 12.32 -18.68
N LEU D 613 -34.95 11.69 -17.52
CA LEU D 613 -36.15 11.04 -17.00
C LEU D 613 -37.22 12.05 -16.59
N THR D 614 -36.80 13.18 -16.00
CA THR D 614 -37.76 14.15 -15.52
C THR D 614 -38.48 14.83 -16.68
N ALA D 615 -39.71 15.26 -16.42
CA ALA D 615 -40.54 15.93 -17.40
C ALA D 615 -41.61 16.71 -16.68
N PRO D 616 -42.24 17.70 -17.33
CA PRO D 616 -43.31 18.45 -16.68
C PRO D 616 -44.44 17.54 -16.24
N ASP D 617 -45.02 17.85 -15.07
CA ASP D 617 -46.06 17.03 -14.47
C ASP D 617 -47.45 17.34 -14.99
N SER D 618 -47.60 18.32 -15.88
CA SER D 618 -48.92 18.64 -16.42
C SER D 618 -49.47 17.48 -17.24
N CYS D 619 -48.63 16.83 -18.02
CA CYS D 619 -49.07 15.71 -18.84
C CYS D 619 -49.28 14.46 -17.98
N ASN D 620 -49.94 13.48 -18.57
CA ASN D 620 -50.20 12.23 -17.86
C ASN D 620 -48.94 11.38 -17.78
N MET D 621 -48.99 10.35 -16.94
CA MET D 621 -47.85 9.49 -16.70
C MET D 621 -47.53 8.58 -17.89
N GLN D 622 -48.51 8.28 -18.73
CA GLN D 622 -48.22 7.52 -19.95
C GLN D 622 -47.27 8.29 -20.87
N GLU D 623 -47.51 9.58 -21.04
CA GLU D 623 -46.58 10.40 -21.81
C GLU D 623 -45.23 10.50 -21.10
N LYS D 624 -45.22 10.47 -19.77
CA LYS D 624 -43.96 10.46 -19.04
C LYS D 624 -43.14 9.22 -19.38
N ALA D 625 -43.79 8.05 -19.36
CA ALA D 625 -43.09 6.81 -19.70
C ALA D 625 -42.65 6.82 -21.17
N ALA D 626 -43.49 7.33 -22.06
CA ALA D 626 -43.12 7.41 -23.47
C ALA D 626 -41.91 8.31 -23.67
N HIS D 627 -41.88 9.46 -22.99
CA HIS D 627 -40.74 10.36 -23.09
C HIS D 627 -39.48 9.72 -22.53
N ILE D 628 -39.61 8.98 -21.42
CA ILE D 628 -38.45 8.29 -20.86
C ILE D 628 -37.91 7.26 -21.85
N ALA D 629 -38.80 6.49 -22.47
CA ALA D 629 -38.36 5.48 -23.44
C ALA D 629 -37.70 6.13 -24.65
N LYS D 630 -38.27 7.23 -25.15
CA LYS D 630 -37.67 7.92 -26.28
C LYS D 630 -36.30 8.48 -25.93
N ASN D 631 -36.17 9.06 -24.73
CA ASN D 631 -34.87 9.60 -24.32
C ASN D 631 -33.83 8.49 -24.20
N LEU D 632 -34.22 7.35 -23.63
CA LEU D 632 -33.29 6.23 -23.52
C LEU D 632 -32.88 5.72 -24.90
N ILE D 633 -33.83 5.61 -25.82
CA ILE D 633 -33.52 5.12 -27.16
C ILE D 633 -32.58 6.09 -27.87
N ASN D 634 -32.86 7.39 -27.78
CA ASN D 634 -32.02 8.38 -28.44
C ASN D 634 -30.62 8.40 -27.84
N LEU D 635 -30.50 8.25 -26.53
CA LEU D 635 -29.18 8.20 -25.91
C LEU D 635 -28.42 6.94 -26.28
N SER D 636 -29.14 5.82 -26.50
CA SER D 636 -28.47 4.58 -26.87
C SER D 636 -28.06 4.57 -28.35
N ILE D 637 -28.80 5.25 -29.22
CA ILE D 637 -28.50 5.20 -30.65
C ILE D 637 -27.15 5.84 -30.94
N GLY D 638 -26.89 7.03 -30.41
CA GLY D 638 -25.65 7.71 -30.67
C GLY D 638 -24.57 7.40 -29.65
N ALA D 639 -24.26 6.12 -29.47
CA ALA D 639 -23.31 5.68 -28.46
C ALA D 639 -22.33 4.68 -29.06
N SER D 640 -21.06 4.79 -28.67
CA SER D 640 -20.04 3.86 -29.10
C SER D 640 -19.94 2.70 -28.11
N ILE D 641 -19.00 1.79 -28.36
CA ILE D 641 -18.90 0.57 -27.54
C ILE D 641 -18.62 0.93 -26.09
N ALA D 642 -17.68 1.85 -25.86
CA ALA D 642 -17.43 2.33 -24.51
C ALA D 642 -18.67 3.00 -23.94
N ASP D 643 -19.36 3.80 -24.76
CA ASP D 643 -20.61 4.41 -24.33
C ASP D 643 -21.68 3.36 -24.10
N LEU D 644 -21.70 2.30 -24.92
CA LEU D 644 -22.64 1.20 -24.69
C LEU D 644 -22.43 0.57 -23.32
N ALA D 645 -21.18 0.26 -22.97
CA ALA D 645 -20.90 -0.34 -21.67
C ALA D 645 -21.24 0.61 -20.53
N SER D 646 -20.89 1.89 -20.67
CA SER D 646 -21.20 2.87 -19.64
C SER D 646 -22.70 3.02 -19.45
N LEU D 647 -23.47 3.06 -20.54
CA LEU D 647 -24.92 3.17 -20.44
C LEU D 647 -25.53 1.91 -19.85
N GLU D 648 -24.96 0.74 -20.16
CA GLU D 648 -25.44 -0.49 -19.54
C GLU D 648 -25.26 -0.45 -18.03
N GLN D 649 -24.08 -0.04 -17.57
CA GLN D 649 -23.84 0.06 -16.13
C GLN D 649 -24.77 1.10 -15.50
N LEU D 650 -24.96 2.24 -16.19
CA LEU D 650 -25.88 3.26 -15.71
C LEU D 650 -27.27 2.69 -15.51
N LEU D 651 -27.82 2.04 -16.54
CA LEU D 651 -29.18 1.53 -16.46
C LEU D 651 -29.30 0.44 -15.42
N GLY D 652 -28.28 -0.40 -15.28
CA GLY D 652 -28.27 -1.37 -14.19
C GLY D 652 -28.37 -0.72 -12.83
N MET D 653 -27.59 0.35 -12.62
CA MET D 653 -27.66 1.06 -11.34
C MET D 653 -29.04 1.69 -11.11
N MET D 654 -29.60 2.34 -12.13
CA MET D 654 -30.89 2.99 -11.97
C MET D 654 -31.99 1.96 -11.68
N TYR D 655 -31.95 0.81 -12.37
CA TYR D 655 -32.97 -0.20 -12.11
C TYR D 655 -32.77 -0.85 -10.75
N GLU D 656 -31.51 -0.99 -10.31
CA GLU D 656 -31.25 -1.50 -8.96
C GLU D 656 -31.76 -0.53 -7.91
N GLN D 657 -31.79 0.76 -8.22
CA GLN D 657 -32.42 1.74 -7.33
C GLN D 657 -33.94 1.77 -7.48
N LYS D 658 -34.51 0.91 -8.32
CA LYS D 658 -35.96 0.78 -8.49
C LYS D 658 -36.58 2.06 -9.02
N LEU D 659 -35.79 2.88 -9.72
CA LEU D 659 -36.32 4.10 -10.31
C LEU D 659 -37.16 3.80 -11.55
N ILE D 660 -36.70 2.88 -12.39
CA ILE D 660 -37.40 2.53 -13.62
C ILE D 660 -38.62 1.70 -13.29
N ASP D 661 -39.77 2.10 -13.82
CA ASP D 661 -41.02 1.39 -13.59
C ASP D 661 -41.26 0.36 -14.70
N GLN D 662 -42.45 -0.22 -14.71
CA GLN D 662 -42.75 -1.32 -15.63
C GLN D 662 -43.39 -0.83 -16.93
N HIS D 663 -44.07 0.32 -16.90
CA HIS D 663 -44.76 0.80 -18.09
C HIS D 663 -43.79 1.16 -19.21
N VAL D 664 -42.61 1.68 -18.87
CA VAL D 664 -41.61 1.97 -19.89
C VAL D 664 -41.15 0.67 -20.54
N ILE D 665 -41.08 -0.42 -19.76
CA ILE D 665 -40.73 -1.72 -20.33
C ILE D 665 -41.79 -2.16 -21.33
N ASN D 666 -43.06 -1.96 -21.01
CA ASN D 666 -44.13 -2.31 -21.94
C ASN D 666 -44.08 -1.46 -23.20
N ILE D 667 -43.77 -0.17 -23.05
CA ILE D 667 -43.65 0.70 -24.21
C ILE D 667 -42.50 0.25 -25.10
N LEU D 668 -41.37 -0.11 -24.50
CA LEU D 668 -40.23 -0.60 -25.27
C LEU D 668 -40.58 -1.91 -25.98
N TRP D 669 -41.30 -2.80 -25.31
CA TRP D 669 -41.72 -4.05 -25.93
C TRP D 669 -42.65 -3.78 -27.11
N ALA D 670 -43.57 -2.83 -26.96
CA ALA D 670 -44.47 -2.48 -28.06
C ALA D 670 -43.70 -1.91 -29.24
N ILE D 671 -42.72 -1.04 -28.97
CA ILE D 671 -41.90 -0.48 -30.04
C ILE D 671 -41.13 -1.59 -30.75
N TYR D 672 -40.58 -2.54 -29.97
CA TYR D 672 -39.85 -3.65 -30.56
C TYR D 672 -40.75 -4.51 -31.44
N ASN D 673 -41.98 -4.79 -30.97
CA ASN D 673 -42.90 -5.62 -31.74
C ASN D 673 -43.50 -4.87 -32.92
N SER D 674 -43.42 -3.54 -32.93
CA SER D 674 -43.94 -2.76 -34.05
C SER D 674 -43.16 -2.97 -35.34
N ALA D 675 -42.00 -3.63 -35.29
CA ALA D 675 -41.22 -3.86 -36.50
C ALA D 675 -41.99 -4.73 -37.49
N SER D 676 -42.67 -5.75 -37.01
CA SER D 676 -43.46 -6.63 -37.88
C SER D 676 -44.68 -5.90 -38.43
N GLY D 694 -42.57 4.60 -32.28
CA GLY D 694 -42.46 4.73 -33.71
C GLY D 694 -41.36 3.87 -34.31
N PHE D 695 -41.34 3.77 -35.63
CA PHE D 695 -40.35 2.98 -36.35
C PHE D 695 -39.56 3.89 -37.29
N SER D 696 -38.23 3.81 -37.21
CA SER D 696 -37.37 4.59 -38.09
C SER D 696 -36.17 3.80 -38.58
N LYS D 697 -36.24 2.46 -38.51
CA LYS D 697 -35.18 1.52 -38.89
C LYS D 697 -33.99 1.58 -37.92
N GLU D 698 -34.00 2.49 -36.95
CA GLU D 698 -32.96 2.58 -35.95
C GLU D 698 -33.47 2.70 -34.52
N GLN D 699 -34.72 3.13 -34.32
CA GLN D 699 -35.27 3.22 -32.96
C GLN D 699 -35.51 1.84 -32.37
N ILE D 700 -35.85 0.85 -33.20
CA ILE D 700 -36.05 -0.50 -32.71
C ILE D 700 -34.75 -1.08 -32.17
N HIS D 701 -33.64 -0.80 -32.84
CA HIS D 701 -32.34 -1.26 -32.35
C HIS D 701 -32.03 -0.66 -30.98
N GLY D 702 -32.27 0.64 -30.82
CA GLY D 702 -32.06 1.26 -29.52
C GLY D 702 -32.97 0.68 -28.45
N SER D 703 -34.23 0.41 -28.82
CA SER D 703 -35.18 -0.14 -27.87
C SER D 703 -34.73 -1.52 -27.39
N ILE D 704 -34.30 -2.38 -28.32
CA ILE D 704 -33.87 -3.72 -27.91
C ILE D 704 -32.54 -3.66 -27.16
N ILE D 705 -31.69 -2.68 -27.49
CA ILE D 705 -30.45 -2.50 -26.73
C ILE D 705 -30.76 -2.13 -25.29
N ILE D 706 -31.70 -1.20 -25.10
CA ILE D 706 -32.12 -0.81 -23.75
C ILE D 706 -32.75 -1.99 -23.03
N LEU D 707 -33.54 -2.79 -23.76
CA LEU D 707 -34.16 -3.97 -23.17
C LEU D 707 -33.10 -4.95 -22.67
N GLY D 708 -32.04 -5.16 -23.46
CA GLY D 708 -30.96 -6.04 -23.01
C GLY D 708 -30.21 -5.48 -21.81
N MET D 709 -29.99 -4.16 -21.80
CA MET D 709 -29.34 -3.53 -20.65
C MET D 709 -30.15 -3.74 -19.38
N LEU D 710 -31.48 -3.55 -19.46
CA LEU D 710 -32.32 -3.76 -18.29
C LEU D 710 -32.47 -5.24 -17.97
N SER D 711 -32.32 -6.10 -18.97
CA SER D 711 -32.42 -7.54 -18.78
C SER D 711 -31.22 -8.11 -18.04
N LEU D 712 -30.02 -7.55 -18.24
CA LEU D 712 -28.87 -8.07 -17.51
C LEU D 712 -29.06 -7.88 -16.00
N ALA D 713 -29.74 -6.80 -15.60
CA ALA D 713 -29.98 -6.56 -14.18
C ALA D 713 -31.03 -7.51 -13.62
N ASP D 714 -32.14 -7.71 -14.34
CA ASP D 714 -33.30 -8.41 -13.81
C ASP D 714 -33.67 -9.56 -14.73
N ASN D 715 -33.94 -10.73 -14.14
CA ASN D 715 -34.38 -11.88 -14.90
C ASN D 715 -35.78 -11.71 -15.47
N GLU D 716 -36.71 -11.19 -14.67
CA GLU D 716 -38.11 -11.15 -15.07
C GLU D 716 -38.37 -10.27 -16.28
N ILE D 717 -37.49 -9.29 -16.56
CA ILE D 717 -37.67 -8.47 -17.76
C ILE D 717 -37.49 -9.31 -19.01
N ALA D 718 -36.44 -10.14 -19.05
CA ALA D 718 -36.21 -11.00 -20.21
C ALA D 718 -37.13 -12.22 -20.21
N LEU D 719 -37.53 -12.69 -19.03
CA LEU D 719 -38.42 -13.85 -18.96
C LEU D 719 -39.75 -13.56 -19.65
N LYS D 720 -40.32 -12.39 -19.41
CA LYS D 720 -41.51 -11.96 -20.11
C LYS D 720 -41.16 -11.49 -21.51
N GLY D 721 -42.09 -11.69 -22.44
CA GLY D 721 -41.85 -11.31 -23.81
C GLY D 721 -40.96 -12.25 -24.58
N LEU D 722 -40.74 -13.47 -24.09
CA LEU D 722 -39.94 -14.45 -24.81
C LEU D 722 -40.58 -14.81 -26.14
N GLU D 723 -41.91 -14.94 -26.16
CA GLU D 723 -42.60 -15.21 -27.41
C GLU D 723 -42.40 -14.08 -28.41
N SER D 724 -42.45 -12.83 -27.93
CA SER D 724 -42.20 -11.69 -28.81
C SER D 724 -40.77 -11.72 -29.36
N LEU D 725 -39.80 -12.08 -28.51
CA LEU D 725 -38.42 -12.18 -28.97
C LEU D 725 -38.27 -13.27 -30.03
N LEU D 726 -38.94 -14.41 -29.84
CA LEU D 726 -38.88 -15.47 -30.83
C LEU D 726 -39.53 -15.06 -32.14
N ASN D 727 -40.68 -14.37 -32.06
CA ASN D 727 -41.42 -14.01 -33.27
C ASN D 727 -40.76 -12.88 -34.03
N ILE D 728 -40.08 -11.96 -33.35
CA ILE D 728 -39.49 -10.81 -34.01
C ILE D 728 -38.00 -11.06 -34.26
N GLY D 729 -37.25 -11.30 -33.19
CA GLY D 729 -35.80 -11.45 -33.33
C GLY D 729 -35.39 -12.63 -34.18
N LEU D 730 -36.01 -13.79 -33.94
CA LEU D 730 -35.72 -15.00 -34.70
C LEU D 730 -36.82 -15.36 -35.68
N GLY D 731 -37.70 -14.43 -36.01
CA GLY D 731 -38.77 -14.66 -36.95
C GLY D 731 -38.40 -14.22 -38.36
N ALA D 732 -39.43 -13.93 -39.16
CA ALA D 732 -39.20 -13.53 -40.55
C ALA D 732 -38.45 -12.22 -40.65
N VAL D 733 -38.81 -11.23 -39.83
CA VAL D 733 -38.14 -9.93 -39.89
C VAL D 733 -36.71 -10.05 -39.42
N GLY D 734 -36.44 -11.01 -38.53
CA GLY D 734 -35.07 -11.23 -38.06
C GLY D 734 -34.13 -11.75 -39.13
N LEU D 735 -34.66 -12.38 -40.17
CA LEU D 735 -33.81 -12.83 -41.27
C LEU D 735 -33.32 -11.65 -42.11
N LYS D 736 -34.17 -10.66 -42.33
CA LYS D 736 -33.79 -9.51 -43.16
C LYS D 736 -32.71 -8.69 -42.49
N ASP D 737 -32.87 -8.38 -41.20
CA ASP D 737 -31.91 -7.59 -40.44
C ASP D 737 -31.28 -8.49 -39.39
N LEU D 738 -29.96 -8.62 -39.45
CA LEU D 738 -29.24 -9.54 -38.57
C LEU D 738 -28.74 -8.87 -37.30
N THR D 739 -28.58 -7.54 -37.29
CA THR D 739 -28.22 -6.84 -36.07
C THR D 739 -29.33 -6.95 -35.03
N LEU D 740 -30.58 -6.82 -35.46
CA LEU D 740 -31.70 -7.00 -34.55
C LEU D 740 -31.73 -8.42 -33.99
N CYS D 741 -31.42 -9.41 -34.84
CA CYS D 741 -31.36 -10.79 -34.37
C CYS D 741 -30.21 -10.98 -33.37
N ARG D 742 -29.07 -10.33 -33.60
CA ARG D 742 -27.97 -10.42 -32.65
C ARG D 742 -28.36 -9.83 -31.29
N TYR D 743 -29.03 -8.68 -31.31
CA TYR D 743 -29.49 -8.09 -30.05
C TYR D 743 -30.53 -8.97 -29.37
N SER D 744 -31.42 -9.59 -30.17
CA SER D 744 -32.41 -10.50 -29.60
C SER D 744 -31.75 -11.71 -28.95
N CYS D 745 -30.72 -12.27 -29.60
CA CYS D 745 -29.99 -13.40 -29.01
C CYS D 745 -29.27 -12.98 -27.75
N LEU D 746 -28.71 -11.76 -27.75
CA LEU D 746 -28.09 -11.24 -26.53
C LEU D 746 -29.10 -11.18 -25.39
N ALA D 747 -30.27 -10.57 -25.63
CA ALA D 747 -31.29 -10.48 -24.60
C ALA D 747 -31.78 -11.85 -24.18
N LEU D 748 -31.80 -12.80 -25.12
CA LEU D 748 -32.28 -14.15 -24.81
C LEU D 748 -31.29 -14.90 -23.93
N GLU D 749 -29.99 -14.70 -24.15
CA GLU D 749 -29.02 -15.34 -23.28
C GLU D 749 -28.84 -14.60 -21.97
N ARG D 750 -29.27 -13.34 -21.88
CA ARG D 750 -29.16 -12.59 -20.64
C ARG D 750 -30.10 -13.08 -19.55
N MET D 751 -31.07 -13.96 -19.88
CA MET D 751 -32.00 -14.44 -18.86
C MET D 751 -31.27 -15.26 -17.79
N VAL D 752 -30.51 -16.25 -18.19
CA VAL D 752 -29.86 -17.14 -17.21
C VAL D 752 -28.74 -16.38 -16.51
N PRO D 753 -28.75 -16.30 -15.17
CA PRO D 753 -27.73 -15.61 -14.37
C PRO D 753 -26.30 -16.02 -14.72
N LYS D 761 -32.04 -25.17 -14.89
CA LYS D 761 -32.03 -25.01 -13.43
C LYS D 761 -33.36 -24.44 -12.94
N ALA D 762 -33.70 -23.25 -13.41
CA ALA D 762 -34.94 -22.58 -13.05
C ALA D 762 -35.67 -22.08 -14.29
N ILE D 763 -35.57 -22.84 -15.38
CA ILE D 763 -36.22 -22.51 -16.64
C ILE D 763 -37.06 -23.69 -17.09
N ASN D 764 -38.31 -23.42 -17.49
CA ASN D 764 -39.19 -24.48 -17.93
C ASN D 764 -38.75 -25.05 -19.28
N GLN D 765 -39.08 -26.32 -19.50
CA GLN D 765 -38.66 -27.01 -20.71
C GLN D 765 -39.50 -26.60 -21.91
N GLU D 766 -40.80 -26.33 -21.71
CA GLU D 766 -41.68 -26.05 -22.83
C GLU D 766 -41.32 -24.77 -23.56
N LEU D 767 -40.53 -23.89 -22.95
CA LEU D 767 -40.01 -22.70 -23.61
C LEU D 767 -38.54 -22.86 -24.00
N GLU D 768 -37.76 -23.58 -23.19
CA GLU D 768 -36.36 -23.79 -23.52
C GLU D 768 -36.20 -24.58 -24.82
N ASP D 769 -37.04 -25.60 -25.01
CA ASP D 769 -36.93 -26.41 -26.22
C ASP D 769 -37.21 -25.58 -27.47
N VAL D 770 -38.27 -24.77 -27.45
CA VAL D 770 -38.61 -23.98 -28.62
C VAL D 770 -37.56 -22.89 -28.85
N ALA D 771 -37.04 -22.29 -27.77
CA ALA D 771 -36.01 -21.27 -27.93
C ALA D 771 -34.74 -21.86 -28.54
N VAL D 772 -34.31 -23.03 -28.06
CA VAL D 772 -33.09 -23.63 -28.59
C VAL D 772 -33.31 -24.12 -30.01
N LYS D 773 -34.53 -24.59 -30.33
CA LYS D 773 -34.82 -24.98 -31.71
C LYS D 773 -34.77 -23.78 -32.64
N LYS D 774 -35.31 -22.64 -32.20
CA LYS D 774 -35.25 -21.43 -33.02
C LYS D 774 -33.81 -20.98 -33.21
N LEU D 775 -33.00 -21.03 -32.15
CA LEU D 775 -31.59 -20.66 -32.29
C LEU D 775 -30.87 -21.59 -33.26
N TYR D 776 -31.11 -22.89 -33.15
CA TYR D 776 -30.51 -23.85 -34.08
C TYR D 776 -30.93 -23.56 -35.52
N ALA D 777 -32.22 -23.32 -35.74
CA ALA D 777 -32.71 -23.08 -37.10
C ALA D 777 -32.13 -21.81 -37.67
N ILE D 778 -32.01 -20.75 -36.86
CA ILE D 778 -31.54 -19.48 -37.41
C ILE D 778 -30.02 -19.49 -37.59
N ILE D 779 -29.30 -20.30 -36.81
CA ILE D 779 -27.88 -20.51 -37.09
C ILE D 779 -27.71 -21.32 -38.37
N ILE D 780 -28.61 -22.28 -38.61
CA ILE D 780 -28.57 -23.09 -39.83
C ILE D 780 -28.74 -22.21 -41.07
N ASN D 781 -29.57 -21.18 -40.97
CA ASN D 781 -29.89 -20.35 -42.13
C ASN D 781 -28.63 -19.80 -42.78
N TYR D 782 -28.57 -19.91 -44.10
CA TYR D 782 -27.40 -19.50 -44.89
C TYR D 782 -27.62 -18.08 -45.40
N THR D 783 -26.73 -17.18 -45.01
CA THR D 783 -26.83 -15.77 -45.39
C THR D 783 -25.55 -15.35 -46.10
N LYS D 784 -25.69 -14.63 -47.21
CA LYS D 784 -24.53 -14.20 -47.98
C LYS D 784 -23.82 -13.01 -47.33
N ASP D 785 -24.54 -12.17 -46.59
CA ASP D 785 -23.93 -10.98 -46.02
C ASP D 785 -22.94 -11.35 -44.91
N ASN D 786 -22.05 -10.41 -44.61
CA ASN D 786 -20.98 -10.63 -43.64
C ASN D 786 -21.42 -10.38 -42.20
N GLU D 787 -22.66 -9.95 -41.98
CA GLU D 787 -23.16 -9.68 -40.65
C GLU D 787 -23.49 -10.97 -39.88
N TYR D 788 -23.45 -12.12 -40.56
CA TYR D 788 -23.72 -13.39 -39.88
C TYR D 788 -22.67 -13.69 -38.81
N TYR D 789 -21.41 -13.39 -39.09
CA TYR D 789 -20.34 -13.71 -38.14
C TYR D 789 -20.49 -12.99 -36.81
N PRO D 790 -20.76 -11.68 -36.74
CA PRO D 790 -20.98 -11.05 -35.43
C PRO D 790 -22.15 -11.63 -34.65
N MET D 791 -23.21 -12.07 -35.33
CA MET D 791 -24.40 -12.55 -34.62
C MET D 791 -24.29 -14.03 -34.28
N CYS D 792 -23.70 -14.82 -35.17
CA CYS D 792 -23.72 -16.29 -35.01
C CYS D 792 -23.15 -16.70 -33.66
N GLU D 793 -21.94 -16.25 -33.34
CA GLU D 793 -21.33 -16.60 -32.07
C GLU D 793 -22.23 -16.20 -30.92
N GLN D 794 -22.83 -15.02 -31.01
CA GLN D 794 -23.78 -14.57 -29.99
C GLN D 794 -24.87 -15.60 -29.81
N ALA D 795 -25.50 -16.01 -30.92
CA ALA D 795 -26.50 -17.06 -30.84
C ALA D 795 -25.90 -18.33 -30.26
N LEU D 796 -24.69 -18.69 -30.71
CA LEU D 796 -24.01 -19.85 -30.13
C LEU D 796 -23.81 -19.66 -28.64
N SER D 797 -23.42 -18.44 -28.23
CA SER D 797 -23.32 -18.16 -26.80
C SER D 797 -24.66 -18.41 -26.12
N ALA D 798 -25.74 -17.91 -26.72
CA ALA D 798 -27.06 -18.17 -26.19
C ALA D 798 -27.31 -19.66 -26.03
N LEU D 799 -26.87 -20.45 -27.02
CA LEU D 799 -26.98 -21.90 -26.90
C LEU D 799 -26.33 -22.39 -25.62
N PHE D 800 -25.07 -22.03 -25.40
CA PHE D 800 -24.36 -22.49 -24.22
C PHE D 800 -24.91 -21.87 -22.94
N THR D 801 -25.79 -20.87 -23.06
CA THR D 801 -26.46 -20.31 -21.91
C THR D 801 -27.79 -21.00 -21.61
N ILE D 802 -28.44 -21.58 -22.62
CA ILE D 802 -29.79 -22.11 -22.44
C ILE D 802 -29.84 -23.63 -22.58
N SER D 803 -28.96 -24.24 -23.37
CA SER D 803 -29.02 -25.68 -23.58
C SER D 803 -28.54 -26.41 -22.34
N SER D 804 -29.35 -27.38 -21.89
CA SER D 804 -28.92 -28.23 -20.79
C SER D 804 -27.82 -29.19 -21.22
N LYS D 805 -27.79 -29.58 -22.49
CA LYS D 805 -26.76 -30.44 -23.05
C LYS D 805 -26.24 -29.79 -24.33
N PRO D 806 -25.46 -28.70 -24.20
CA PRO D 806 -25.01 -27.97 -25.40
C PRO D 806 -24.12 -28.78 -26.31
N ASP D 807 -23.41 -29.78 -25.79
CA ASP D 807 -22.45 -30.53 -26.60
C ASP D 807 -23.14 -31.31 -27.71
N ILE D 808 -24.24 -32.01 -27.37
CA ILE D 808 -24.93 -32.84 -28.35
C ILE D 808 -25.51 -31.96 -29.46
N LEU D 809 -26.14 -30.84 -29.09
CA LEU D 809 -26.73 -29.98 -30.11
C LEU D 809 -25.65 -29.28 -30.95
N ALA D 810 -24.52 -28.93 -30.34
CA ALA D 810 -23.42 -28.37 -31.11
C ALA D 810 -22.88 -29.37 -32.12
N THR D 811 -22.75 -30.64 -31.70
CA THR D 811 -22.31 -31.68 -32.62
C THR D 811 -23.32 -31.86 -33.75
N ASP D 812 -24.61 -31.82 -33.43
CA ASP D 812 -25.64 -31.93 -34.47
C ASP D 812 -25.56 -30.76 -35.45
N LEU D 813 -25.34 -29.54 -34.93
CA LEU D 813 -25.18 -28.37 -35.80
C LEU D 813 -23.99 -28.53 -36.72
N ILE D 814 -22.85 -28.97 -36.18
CA ILE D 814 -21.65 -29.15 -37.00
C ILE D 814 -21.90 -30.22 -38.06
N ARG D 815 -22.54 -31.33 -37.66
CA ARG D 815 -22.84 -32.39 -38.62
C ARG D 815 -23.72 -31.87 -39.76
N GLU D 816 -24.77 -31.12 -39.43
CA GLU D 816 -25.68 -30.63 -40.46
C GLU D 816 -24.97 -29.66 -41.40
N LYS D 817 -24.20 -28.73 -40.83
CA LYS D 817 -23.47 -27.78 -41.66
C LYS D 817 -22.44 -28.49 -42.53
N THR D 818 -21.91 -29.62 -42.04
CA THR D 818 -21.00 -30.43 -42.85
C THR D 818 -21.75 -31.12 -43.98
N MET D 819 -22.98 -31.57 -43.72
CA MET D 819 -23.77 -32.18 -44.79
C MET D 819 -24.11 -31.18 -45.89
N MET D 820 -24.44 -29.94 -45.52
CA MET D 820 -24.72 -28.94 -46.55
C MET D 820 -23.50 -28.66 -47.41
N THR D 821 -22.31 -28.61 -46.79
CA THR D 821 -21.07 -28.39 -47.51
C THR D 821 -20.55 -29.71 -48.07
N PHE D 822 -19.73 -29.62 -49.11
CA PHE D 822 -19.00 -30.75 -49.68
C PHE D 822 -19.93 -31.84 -50.22
N GLY D 823 -21.19 -31.51 -50.47
CA GLY D 823 -22.12 -32.50 -50.99
C GLY D 823 -23.43 -31.85 -51.39
N LYS D 824 -24.19 -32.58 -52.19
CA LYS D 824 -25.49 -32.12 -52.64
C LYS D 824 -26.59 -32.70 -51.77
N PRO D 825 -27.38 -31.88 -51.08
CA PRO D 825 -28.46 -32.36 -50.21
C PRO D 825 -29.63 -32.94 -50.98
N SER D 837 -26.27 -21.04 -54.32
CA SER D 837 -25.60 -20.76 -53.06
C SER D 837 -24.08 -20.95 -53.19
N SER D 838 -23.33 -19.95 -52.74
CA SER D 838 -21.87 -20.01 -52.81
C SER D 838 -21.34 -20.93 -51.73
N ARG D 839 -20.56 -21.93 -52.12
CA ARG D 839 -20.06 -22.92 -51.17
C ARG D 839 -18.92 -22.37 -50.30
N VAL D 840 -18.22 -21.34 -50.78
CA VAL D 840 -17.17 -20.73 -49.97
C VAL D 840 -17.76 -20.09 -48.71
N VAL D 841 -18.89 -19.41 -48.86
CA VAL D 841 -19.56 -18.82 -47.71
C VAL D 841 -19.99 -19.89 -46.72
N SER D 842 -20.51 -21.01 -47.23
CA SER D 842 -20.90 -22.12 -46.36
C SER D 842 -19.70 -22.68 -45.62
N LEU D 843 -18.57 -22.85 -46.31
CA LEU D 843 -17.37 -23.35 -45.65
C LEU D 843 -16.87 -22.39 -44.58
N SER D 844 -16.90 -21.08 -44.87
CA SER D 844 -16.50 -20.10 -43.88
C SER D 844 -17.40 -20.13 -42.66
N GLN D 845 -18.71 -20.22 -42.89
CA GLN D 845 -19.65 -20.32 -41.76
C GLN D 845 -19.39 -21.56 -40.94
N LEU D 846 -19.12 -22.70 -41.61
CA LEU D 846 -18.84 -23.93 -40.90
C LEU D 846 -17.57 -23.82 -40.06
N LEU D 847 -16.52 -23.22 -40.62
CA LEU D 847 -15.28 -23.06 -39.87
C LEU D 847 -15.47 -22.14 -38.66
N PHE D 848 -16.19 -21.03 -38.85
CA PHE D 848 -16.47 -20.13 -37.73
C PHE D 848 -17.27 -20.83 -36.65
N ILE D 849 -18.27 -21.61 -37.04
CA ILE D 849 -19.07 -22.36 -36.06
C ILE D 849 -18.20 -23.36 -35.32
N VAL D 850 -17.31 -24.04 -36.04
CA VAL D 850 -16.45 -25.04 -35.40
C VAL D 850 -15.54 -24.38 -34.36
N GLY D 851 -14.92 -23.26 -34.73
CA GLY D 851 -14.05 -22.57 -33.79
C GLY D 851 -14.79 -22.04 -32.57
N GLN D 852 -15.95 -21.42 -32.80
CA GLN D 852 -16.73 -20.89 -31.68
C GLN D 852 -17.22 -22.01 -30.77
N VAL D 853 -17.64 -23.13 -31.35
CA VAL D 853 -18.08 -24.27 -30.56
C VAL D 853 -16.93 -24.83 -29.74
N ALA D 854 -15.74 -24.89 -30.31
CA ALA D 854 -14.58 -25.37 -29.56
C ALA D 854 -14.29 -24.46 -28.37
N ILE D 855 -14.32 -23.14 -28.59
CA ILE D 855 -14.05 -22.20 -27.50
C ILE D 855 -15.11 -22.33 -26.41
N LYS D 856 -16.38 -22.42 -26.81
CA LYS D 856 -17.47 -22.51 -25.83
C LYS D 856 -17.42 -23.83 -25.08
N THR D 857 -17.01 -24.92 -25.74
CA THR D 857 -16.87 -26.19 -25.03
C THR D 857 -15.73 -26.13 -24.02
N LEU D 858 -14.63 -25.45 -24.38
CA LEU D 858 -13.56 -25.25 -23.42
C LEU D 858 -14.05 -24.49 -22.19
N VAL D 859 -14.81 -23.41 -22.43
CA VAL D 859 -15.33 -22.61 -21.34
C VAL D 859 -16.31 -23.43 -20.49
N TYR D 860 -17.16 -24.23 -21.14
CA TYR D 860 -18.13 -25.04 -20.41
C TYR D 860 -17.44 -26.10 -19.56
N LEU D 861 -16.38 -26.73 -20.08
CA LEU D 861 -15.64 -27.69 -19.28
C LEU D 861 -14.98 -27.03 -18.07
N GLU D 862 -14.40 -25.84 -18.28
CA GLU D 862 -13.81 -25.13 -17.15
C GLU D 862 -14.85 -24.76 -16.11
N LYS D 863 -16.02 -24.32 -16.56
CA LYS D 863 -17.10 -23.97 -15.63
C LYS D 863 -17.59 -25.19 -14.88
N CYS D 864 -17.70 -26.34 -15.55
CA CYS D 864 -18.10 -27.56 -14.88
C CYS D 864 -17.08 -27.97 -13.82
N GLU D 865 -15.79 -27.86 -14.14
CA GLU D 865 -14.77 -28.16 -13.14
C GLU D 865 -14.87 -27.22 -11.94
N ALA D 866 -15.05 -25.92 -12.20
CA ALA D 866 -15.15 -24.96 -11.10
C ALA D 866 -16.36 -25.24 -10.23
N GLU D 867 -17.51 -25.55 -10.85
CA GLU D 867 -18.72 -25.85 -10.09
C GLU D 867 -18.55 -27.11 -9.26
N PHE D 868 -17.92 -28.15 -9.83
CA PHE D 868 -17.73 -29.38 -9.07
C PHE D 868 -16.79 -29.14 -7.88
N LYS D 869 -15.71 -28.40 -8.10
CA LYS D 869 -14.80 -28.11 -6.99
C LYS D 869 -15.47 -27.28 -5.91
N LYS D 870 -16.29 -26.30 -6.31
CA LYS D 870 -17.02 -25.50 -5.33
C LYS D 870 -17.98 -26.35 -4.53
N ARG D 871 -18.68 -27.27 -5.19
CA ARG D 871 -19.62 -28.13 -4.49
C ARG D 871 -18.91 -29.13 -3.57
N LYS D 872 -17.74 -29.62 -3.99
CA LYS D 872 -17.02 -30.59 -3.18
C LYS D 872 -16.33 -29.94 -1.99
N ILE D 873 -15.91 -28.68 -2.12
CA ILE D 873 -15.21 -28.01 -1.02
C ILE D 873 -16.14 -27.85 0.18
N GLU D 874 -17.38 -27.43 -0.06
CA GLU D 874 -18.33 -27.26 1.03
C GLU D 874 -18.80 -28.60 1.59
N ALA D 875 -18.68 -29.68 0.82
CA ALA D 875 -19.12 -30.99 1.29
C ALA D 875 -17.98 -31.72 2.00
N THR D 908 -5.66 -36.01 -3.84
CA THR D 908 -6.68 -37.04 -3.62
C THR D 908 -7.66 -37.10 -4.79
N ASN D 909 -8.95 -36.99 -4.48
CA ASN D 909 -9.97 -37.01 -5.53
C ASN D 909 -9.85 -35.80 -6.44
N GLU D 910 -9.54 -34.64 -5.87
CA GLU D 910 -9.42 -33.42 -6.67
C GLU D 910 -8.28 -33.53 -7.67
N ASP D 911 -7.15 -34.10 -7.26
CA ASP D 911 -6.02 -34.26 -8.17
C ASP D 911 -6.38 -35.19 -9.33
N ASP D 912 -7.05 -36.31 -9.02
CA ASP D 912 -7.47 -37.23 -10.06
C ASP D 912 -8.46 -36.57 -11.02
N PHE D 913 -9.40 -35.78 -10.47
CA PHE D 913 -10.34 -35.07 -11.32
C PHE D 913 -9.63 -34.07 -12.23
N THR D 914 -8.66 -33.33 -11.69
CA THR D 914 -7.93 -32.37 -12.51
C THR D 914 -7.16 -33.08 -13.61
N ASP D 915 -6.52 -34.21 -13.29
CA ASP D 915 -5.80 -34.96 -14.31
C ASP D 915 -6.75 -35.48 -15.39
N ALA D 916 -7.92 -35.99 -14.98
CA ALA D 916 -8.89 -36.49 -15.95
C ALA D 916 -9.39 -35.38 -16.86
N ILE D 917 -9.70 -34.22 -16.29
CA ILE D 917 -10.19 -33.10 -17.11
C ILE D 917 -9.09 -32.61 -18.03
N GLN D 918 -7.84 -32.61 -17.56
CA GLN D 918 -6.73 -32.22 -18.43
C GLN D 918 -6.57 -33.19 -19.60
N PHE D 919 -6.72 -34.49 -19.33
CA PHE D 919 -6.66 -35.49 -20.39
C PHE D 919 -7.79 -35.29 -21.40
N VAL D 920 -9.00 -34.99 -20.90
CA VAL D 920 -10.12 -34.72 -21.79
C VAL D 920 -9.84 -33.48 -22.64
N LYS D 921 -9.27 -32.44 -22.01
CA LYS D 921 -8.98 -31.19 -22.72
C LYS D 921 -7.93 -31.38 -23.81
N GLU D 922 -6.90 -32.17 -23.53
CA GLU D 922 -5.77 -32.25 -24.45
C GLU D 922 -6.01 -33.24 -25.58
N ASN D 923 -6.31 -34.50 -25.24
CA ASN D 923 -6.25 -35.57 -26.22
C ASN D 923 -7.53 -35.74 -27.02
N GLU D 924 -8.65 -36.03 -26.35
CA GLU D 924 -9.83 -36.51 -27.06
C GLU D 924 -10.55 -35.41 -27.84
N LEU D 925 -10.33 -34.13 -27.50
CA LEU D 925 -11.07 -33.07 -28.16
C LEU D 925 -10.73 -32.97 -29.64
N LEU D 926 -9.43 -33.04 -29.97
CA LEU D 926 -9.00 -32.89 -31.36
C LEU D 926 -7.97 -33.92 -31.79
N PHE D 927 -7.63 -34.89 -30.95
CA PHE D 927 -6.70 -35.94 -31.33
C PHE D 927 -7.23 -37.34 -31.10
N GLY D 928 -8.48 -37.48 -30.64
CA GLY D 928 -9.05 -38.78 -30.41
C GLY D 928 -9.43 -39.49 -31.70
N GLU D 929 -9.70 -40.80 -31.57
CA GLU D 929 -10.08 -41.60 -32.72
C GLU D 929 -11.41 -41.16 -33.30
N LYS D 930 -12.37 -40.82 -32.42
CA LYS D 930 -13.72 -40.43 -32.83
C LYS D 930 -13.96 -39.00 -32.39
N SER D 931 -13.75 -38.05 -33.29
CA SER D 931 -13.93 -36.63 -32.99
C SER D 931 -14.18 -35.88 -34.28
N ILE D 932 -14.65 -34.65 -34.15
CA ILE D 932 -14.98 -33.80 -35.29
C ILE D 932 -13.93 -32.72 -35.51
N LEU D 933 -13.46 -32.09 -34.43
CA LEU D 933 -12.48 -31.01 -34.57
C LEU D 933 -11.18 -31.54 -35.16
N GLY D 934 -10.75 -32.73 -34.76
CA GLY D 934 -9.58 -33.34 -35.37
C GLY D 934 -9.76 -33.59 -36.85
N LYS D 935 -10.98 -33.91 -37.27
CA LYS D 935 -11.25 -34.05 -38.71
C LYS D 935 -11.18 -32.71 -39.42
N PHE D 936 -11.55 -31.62 -38.75
CA PHE D 936 -11.53 -30.30 -39.36
C PHE D 936 -10.14 -29.67 -39.33
N CYS D 937 -9.22 -30.20 -38.53
CA CYS D 937 -7.87 -29.64 -38.47
C CYS D 937 -7.15 -29.68 -39.81
N PRO D 938 -7.07 -30.81 -40.52
CA PRO D 938 -6.37 -30.79 -41.82
C PRO D 938 -6.99 -29.86 -42.85
N ILE D 939 -8.33 -29.71 -42.84
CA ILE D 939 -8.97 -28.81 -43.78
C ILE D 939 -8.51 -27.37 -43.54
N VAL D 940 -8.51 -26.96 -42.27
CA VAL D 940 -8.06 -25.61 -41.93
C VAL D 940 -6.59 -25.46 -42.26
N GLU D 941 -5.79 -26.50 -42.02
CA GLU D 941 -4.36 -26.43 -42.34
C GLU D 941 -4.15 -26.23 -43.84
N GLU D 942 -4.88 -26.95 -44.67
CA GLU D 942 -4.75 -26.78 -46.12
C GLU D 942 -5.22 -25.39 -46.55
N ILE D 943 -6.33 -24.91 -45.99
CA ILE D 943 -6.85 -23.61 -46.39
C ILE D 943 -5.86 -22.50 -46.02
N VAL D 944 -5.29 -22.59 -44.82
CA VAL D 944 -4.34 -21.57 -44.38
C VAL D 944 -3.04 -21.64 -45.17
N SER D 945 -2.51 -22.86 -45.36
CA SER D 945 -1.24 -23.02 -46.05
C SER D 945 -1.35 -22.62 -47.51
N ASN D 946 -2.41 -23.03 -48.19
CA ASN D 946 -2.59 -22.73 -49.61
C ASN D 946 -3.40 -21.46 -49.80
N SER D 947 -2.82 -20.34 -49.36
CA SER D 947 -3.48 -19.06 -49.49
C SER D 947 -3.66 -18.67 -50.96
N SER D 948 -2.64 -18.93 -51.79
CA SER D 948 -2.72 -18.55 -53.19
C SER D 948 -3.78 -19.37 -53.93
N ARG D 949 -3.95 -20.64 -53.56
CA ARG D 949 -4.94 -21.48 -54.24
C ARG D 949 -6.36 -20.97 -54.01
N PHE D 950 -6.66 -20.53 -52.78
CA PHE D 950 -7.99 -20.01 -52.46
C PHE D 950 -8.10 -18.53 -52.78
N SER D 951 -7.23 -17.71 -52.18
CA SER D 951 -7.20 -16.26 -52.40
C SER D 951 -8.54 -15.62 -52.07
N ASP D 952 -9.20 -16.13 -51.03
CA ASP D 952 -10.45 -15.55 -50.54
C ASP D 952 -10.20 -14.92 -49.18
N PRO D 953 -10.19 -13.58 -49.07
CA PRO D 953 -9.86 -12.96 -47.78
C PRO D 953 -10.79 -13.37 -46.65
N MET D 954 -12.09 -13.51 -46.92
CA MET D 954 -13.03 -13.88 -45.87
C MET D 954 -12.77 -15.30 -45.39
N LEU D 955 -12.60 -16.23 -46.34
CA LEU D 955 -12.31 -17.61 -45.97
C LEU D 955 -10.97 -17.73 -45.27
N GLN D 956 -9.98 -16.98 -45.72
CA GLN D 956 -8.68 -17.00 -45.05
C GLN D 956 -8.78 -16.49 -43.62
N ARG D 957 -9.51 -15.40 -43.41
CA ARG D 957 -9.70 -14.87 -42.06
C ARG D 957 -10.39 -15.89 -41.17
N THR D 958 -11.47 -16.49 -41.67
CA THR D 958 -12.21 -17.45 -40.86
C THR D 958 -11.37 -18.68 -40.56
N ALA D 959 -10.60 -19.16 -41.54
CA ALA D 959 -9.75 -20.33 -41.31
C ALA D 959 -8.66 -20.02 -40.28
N THR D 960 -8.05 -18.83 -40.36
CA THR D 960 -7.05 -18.47 -39.38
C THR D 960 -7.65 -18.39 -37.98
N LEU D 961 -8.84 -17.80 -37.86
CA LEU D 961 -9.50 -17.72 -36.56
C LEU D 961 -9.83 -19.10 -36.03
N CYS D 962 -10.33 -19.99 -36.88
CA CYS D 962 -10.65 -21.35 -36.46
C CYS D 962 -9.40 -22.10 -36.02
N LEU D 963 -8.30 -21.94 -36.76
CA LEU D 963 -7.05 -22.57 -36.38
C LEU D 963 -6.58 -22.08 -35.02
N GLU D 964 -6.62 -20.76 -34.80
CA GLU D 964 -6.17 -20.21 -33.53
C GLU D 964 -7.04 -20.68 -32.38
N LYS D 965 -8.36 -20.77 -32.60
CA LYS D 965 -9.25 -21.26 -31.55
C LYS D 965 -9.03 -22.74 -31.28
N LEU D 966 -8.70 -23.53 -32.30
CA LEU D 966 -8.49 -24.96 -32.11
C LEU D 966 -7.17 -25.23 -31.39
N MET D 967 -6.13 -24.47 -31.70
CA MET D 967 -4.82 -24.70 -31.10
C MET D 967 -4.80 -24.38 -29.61
N CYS D 968 -5.77 -23.60 -29.12
CA CYS D 968 -5.81 -23.29 -27.70
C CYS D 968 -6.27 -24.47 -26.87
N LEU D 969 -6.84 -25.50 -27.50
CA LEU D 969 -7.38 -26.63 -26.74
C LEU D 969 -6.26 -27.53 -26.21
N SER D 970 -5.25 -27.81 -27.04
CA SER D 970 -4.21 -28.76 -26.69
C SER D 970 -2.83 -28.18 -26.98
N SER D 971 -1.84 -28.63 -26.20
CA SER D 971 -0.47 -28.16 -26.38
C SER D 971 0.21 -28.80 -27.58
N LYS D 972 -0.10 -30.08 -27.85
CA LYS D 972 0.53 -30.77 -28.98
C LYS D 972 0.16 -30.11 -30.30
N TYR D 973 -1.12 -29.79 -30.47
CA TYR D 973 -1.55 -29.09 -31.68
C TYR D 973 -0.91 -27.71 -31.76
N CYS D 974 -0.81 -27.01 -30.62
CA CYS D 974 -0.15 -25.72 -30.60
C CYS D 974 1.28 -25.81 -31.10
N GLU D 975 2.03 -26.81 -30.61
CA GLU D 975 3.42 -26.95 -31.07
C GLU D 975 3.49 -27.35 -32.54
N LYS D 976 2.61 -28.24 -32.99
CA LYS D 976 2.73 -28.71 -34.37
C LYS D 976 2.24 -27.68 -35.38
N SER D 977 1.46 -26.69 -34.95
CA SER D 977 0.95 -25.68 -35.86
C SER D 977 1.45 -24.27 -35.56
N LEU D 978 2.33 -24.11 -34.56
CA LEU D 978 2.87 -22.78 -34.28
C LEU D 978 3.66 -22.20 -35.45
N PRO D 979 4.56 -22.93 -36.13
CA PRO D 979 5.26 -22.32 -37.26
C PRO D 979 4.34 -21.82 -38.35
N LEU D 980 3.23 -22.52 -38.62
CA LEU D 980 2.28 -22.04 -39.62
C LEU D 980 1.68 -20.71 -39.23
N LEU D 981 1.25 -20.58 -37.97
CA LEU D 981 0.73 -19.30 -37.50
C LEU D 981 1.79 -18.22 -37.55
N ILE D 982 3.04 -18.55 -37.22
CA ILE D 982 4.10 -17.55 -37.25
C ILE D 982 4.35 -17.06 -38.67
N THR D 983 4.39 -17.98 -39.64
CA THR D 983 4.69 -17.56 -41.01
C THR D 983 3.51 -16.82 -41.63
N VAL D 984 2.28 -17.15 -41.22
CA VAL D 984 1.13 -16.37 -41.66
C VAL D 984 1.18 -14.97 -41.06
N MET D 985 1.56 -14.89 -39.78
CA MET D 985 1.72 -13.59 -39.13
C MET D 985 2.80 -12.76 -39.80
N GLU D 986 3.89 -13.39 -40.23
CA GLU D 986 4.97 -12.68 -40.92
C GLU D 986 4.51 -12.12 -42.26
N LYS D 987 3.79 -12.91 -43.04
CA LYS D 987 3.37 -12.53 -44.39
C LYS D 987 1.86 -12.70 -44.50
N SER D 988 1.15 -11.58 -44.51
CA SER D 988 -0.30 -11.60 -44.67
C SER D 988 -0.79 -10.28 -45.26
N PRO D 989 -1.33 -10.28 -46.48
CA PRO D 989 -1.85 -9.04 -47.06
C PRO D 989 -3.02 -8.45 -46.28
N ASP D 990 -3.73 -9.24 -45.49
CA ASP D 990 -4.88 -8.75 -44.75
C ASP D 990 -4.44 -8.31 -43.36
N PRO D 991 -4.58 -7.03 -43.01
CA PRO D 991 -4.23 -6.61 -41.64
C PRO D 991 -5.07 -7.27 -40.56
N THR D 992 -6.32 -7.62 -40.87
CA THR D 992 -7.17 -8.30 -39.90
C THR D 992 -6.59 -9.66 -39.54
N ILE D 993 -6.05 -10.38 -40.52
CA ILE D 993 -5.39 -11.66 -40.24
C ILE D 993 -4.21 -11.46 -39.30
N ARG D 994 -3.43 -10.41 -39.52
CA ARG D 994 -2.29 -10.14 -38.64
C ARG D 994 -2.74 -9.80 -37.23
N SER D 995 -3.82 -9.02 -37.10
CA SER D 995 -4.33 -8.70 -35.77
C SER D 995 -4.84 -9.95 -35.06
N ASN D 996 -5.55 -10.82 -35.78
CA ASN D 996 -6.01 -12.07 -35.20
C ASN D 996 -4.84 -12.95 -34.80
N ALA D 997 -3.77 -12.96 -35.60
CA ALA D 997 -2.58 -13.72 -35.26
C ALA D 997 -1.91 -13.17 -34.00
N VAL D 998 -1.87 -11.84 -33.86
CA VAL D 998 -1.33 -11.24 -32.65
C VAL D 998 -2.16 -11.66 -31.43
N LEU D 999 -3.48 -11.61 -31.57
CA LEU D 999 -4.35 -12.02 -30.47
C LEU D 999 -4.14 -13.48 -30.11
N GLY D 1000 -3.98 -14.35 -31.12
CA GLY D 1000 -3.74 -15.76 -30.84
C GLY D 1000 -2.40 -16.01 -30.17
N LEU D 1001 -1.36 -15.31 -30.61
CA LEU D 1001 -0.06 -15.45 -29.95
C LEU D 1001 -0.14 -14.97 -28.51
N GLY D 1002 -0.86 -13.87 -28.26
CA GLY D 1002 -1.03 -13.43 -26.89
C GLY D 1002 -1.78 -14.45 -26.03
N ASP D 1003 -2.87 -14.99 -26.56
CA ASP D 1003 -3.69 -15.89 -25.76
C ASP D 1003 -3.01 -17.25 -25.57
N MET D 1004 -2.12 -17.63 -26.48
CA MET D 1004 -1.28 -18.80 -26.27
C MET D 1004 -0.08 -18.51 -25.39
N ALA D 1005 0.26 -17.24 -25.20
CA ALA D 1005 1.22 -16.88 -24.16
C ALA D 1005 0.57 -16.91 -22.78
N VAL D 1006 -0.71 -16.57 -22.69
CA VAL D 1006 -1.40 -16.61 -21.40
C VAL D 1006 -1.49 -18.04 -20.88
N CYS D 1007 -1.98 -18.96 -21.71
CA CYS D 1007 -2.11 -20.36 -21.35
C CYS D 1007 -1.15 -21.19 -22.18
N PHE D 1008 -0.53 -22.18 -21.54
CA PHE D 1008 0.56 -22.96 -22.15
C PHE D 1008 1.72 -22.04 -22.49
N ASN D 1009 2.17 -21.27 -21.50
CA ASN D 1009 3.22 -20.27 -21.71
C ASN D 1009 4.57 -20.90 -22.04
N ASN D 1010 4.74 -22.20 -21.78
CA ASN D 1010 6.01 -22.85 -22.07
C ASN D 1010 6.33 -22.84 -23.56
N LEU D 1011 5.32 -23.07 -24.40
CA LEU D 1011 5.54 -23.18 -25.84
C LEU D 1011 5.72 -21.82 -26.51
N VAL D 1012 5.29 -20.74 -25.86
CA VAL D 1012 5.28 -19.40 -26.47
C VAL D 1012 6.27 -18.45 -25.80
N ASP D 1013 6.88 -18.85 -24.68
CA ASP D 1013 7.81 -17.96 -23.98
C ASP D 1013 9.00 -17.60 -24.87
N GLU D 1014 9.52 -18.58 -25.62
CA GLU D 1014 10.67 -18.32 -26.48
C GLU D 1014 10.29 -17.50 -27.71
N ASN D 1015 9.09 -17.70 -28.25
CA ASN D 1015 8.65 -17.05 -29.48
C ASN D 1015 7.90 -15.75 -29.21
N THR D 1016 7.80 -15.32 -27.96
CA THR D 1016 7.16 -14.04 -27.64
C THR D 1016 7.78 -12.88 -28.41
N ASP D 1017 9.08 -12.98 -28.74
CA ASP D 1017 9.74 -11.91 -29.49
C ASP D 1017 9.11 -11.68 -30.86
N TYR D 1018 8.36 -12.65 -31.38
CA TYR D 1018 7.66 -12.46 -32.64
C TYR D 1018 6.62 -11.35 -32.54
N LEU D 1019 5.91 -11.29 -31.41
CA LEU D 1019 4.97 -10.19 -31.18
C LEU D 1019 5.69 -8.84 -31.16
N TYR D 1020 6.85 -8.78 -30.51
CA TYR D 1020 7.61 -7.54 -30.45
C TYR D 1020 8.08 -7.11 -31.83
N ARG D 1021 8.59 -8.04 -32.62
CA ARG D 1021 9.05 -7.69 -33.96
C ARG D 1021 7.90 -7.39 -34.91
N ARG D 1022 6.69 -7.91 -34.62
CA ARG D 1022 5.51 -7.56 -35.40
C ARG D 1022 4.89 -6.24 -34.93
N LEU D 1023 5.30 -5.74 -33.76
CA LEU D 1023 4.79 -4.45 -33.30
C LEU D 1023 5.11 -3.32 -34.26
N HIS D 1024 6.13 -3.50 -35.11
CA HIS D 1024 6.45 -2.53 -36.16
C HIS D 1024 5.71 -2.96 -37.42
N ASP D 1025 4.63 -2.24 -37.75
CA ASP D 1025 3.80 -2.59 -38.90
C ASP D 1025 3.44 -1.32 -39.67
N GLU D 1026 2.97 -1.52 -40.90
CA GLU D 1026 2.54 -0.43 -41.76
C GLU D 1026 1.08 -0.04 -41.53
N ASN D 1027 0.35 -0.77 -40.68
CA ASN D 1027 -1.04 -0.48 -40.38
C ASN D 1027 -1.17 -0.14 -38.91
N LEU D 1028 -1.91 0.93 -38.61
CA LEU D 1028 -2.03 1.38 -37.23
C LEU D 1028 -2.94 0.47 -36.41
N MET D 1029 -3.90 -0.20 -37.05
CA MET D 1029 -4.79 -1.09 -36.33
C MET D 1029 -4.04 -2.29 -35.74
N VAL D 1030 -3.21 -2.92 -36.56
CA VAL D 1030 -2.42 -4.06 -36.08
C VAL D 1030 -1.46 -3.62 -34.99
N GLN D 1031 -0.85 -2.45 -35.16
CA GLN D 1031 0.05 -1.93 -34.14
C GLN D 1031 -0.68 -1.67 -32.83
N ARG D 1032 -1.88 -1.11 -32.90
CA ARG D 1032 -2.67 -0.85 -31.69
C ARG D 1032 -3.05 -2.15 -30.99
N THR D 1033 -3.48 -3.14 -31.76
CA THR D 1033 -3.83 -4.43 -31.16
C THR D 1033 -2.62 -5.09 -30.52
N CYS D 1034 -1.47 -5.03 -31.19
CA CYS D 1034 -0.25 -5.60 -30.63
C CYS D 1034 0.17 -4.89 -29.36
N LEU D 1035 0.05 -3.57 -29.33
CA LEU D 1035 0.40 -2.81 -28.12
C LEU D 1035 -0.54 -3.16 -26.97
N MET D 1036 -1.84 -3.28 -27.26
CA MET D 1036 -2.78 -3.65 -26.20
C MET D 1036 -2.49 -5.05 -25.66
N THR D 1037 -2.22 -6.01 -26.56
CA THR D 1037 -1.90 -7.36 -26.12
C THR D 1037 -0.62 -7.40 -25.30
N VAL D 1038 0.40 -6.67 -25.74
CA VAL D 1038 1.66 -6.63 -25.00
C VAL D 1038 1.47 -5.98 -23.64
N THR D 1039 0.64 -4.93 -23.58
CA THR D 1039 0.36 -4.28 -22.31
C THR D 1039 -0.33 -5.22 -21.34
N PHE D 1040 -1.34 -5.96 -21.80
CA PHE D 1040 -2.00 -6.92 -20.91
C PHE D 1040 -1.04 -8.01 -20.47
N LEU D 1041 -0.21 -8.52 -21.40
CA LEU D 1041 0.73 -9.58 -21.04
C LEU D 1041 1.75 -9.09 -20.01
N ILE D 1042 2.24 -7.86 -20.16
CA ILE D 1042 3.22 -7.33 -19.23
C ILE D 1042 2.59 -7.06 -17.87
N LEU D 1043 1.41 -6.45 -17.87
CA LEU D 1043 0.76 -6.12 -16.60
C LEU D 1043 0.34 -7.37 -15.84
N ALA D 1044 -0.06 -8.43 -16.56
CA ALA D 1044 -0.39 -9.68 -15.88
C ALA D 1044 0.83 -10.44 -15.41
N GLY D 1045 2.04 -10.03 -15.82
CA GLY D 1045 3.25 -10.72 -15.43
C GLY D 1045 3.59 -11.94 -16.24
N GLN D 1046 2.83 -12.23 -17.31
CA GLN D 1046 3.09 -13.43 -18.11
C GLN D 1046 4.38 -13.28 -18.92
N VAL D 1047 4.67 -12.07 -19.40
CA VAL D 1047 5.81 -11.81 -20.27
C VAL D 1047 6.70 -10.75 -19.63
N LYS D 1048 7.99 -11.02 -19.56
CA LYS D 1048 8.95 -10.09 -18.99
C LYS D 1048 9.24 -8.95 -19.97
N VAL D 1049 9.86 -7.89 -19.44
CA VAL D 1049 10.11 -6.68 -20.22
C VAL D 1049 11.58 -6.51 -20.58
N LYS D 1050 12.50 -7.15 -19.84
CA LYS D 1050 13.93 -6.90 -20.04
C LYS D 1050 14.37 -7.28 -21.45
N GLY D 1051 13.91 -8.41 -21.96
CA GLY D 1051 14.33 -8.85 -23.27
C GLY D 1051 13.74 -8.01 -24.38
N GLN D 1052 14.45 -7.99 -25.51
CA GLN D 1052 14.04 -7.30 -26.74
C GLN D 1052 13.80 -5.81 -26.53
N LEU D 1053 14.54 -5.18 -25.62
CA LEU D 1053 14.39 -3.75 -25.41
C LEU D 1053 15.06 -2.95 -26.53
N GLY D 1054 16.18 -3.46 -27.06
CA GLY D 1054 16.85 -2.75 -28.13
C GLY D 1054 16.02 -2.64 -29.39
N GLU D 1055 15.32 -3.72 -29.74
CA GLU D 1055 14.43 -3.66 -30.90
C GLU D 1055 13.32 -2.64 -30.69
N MET D 1056 12.81 -2.54 -29.46
CA MET D 1056 11.78 -1.56 -29.16
C MET D 1056 12.32 -0.14 -29.25
N ALA D 1057 13.58 0.06 -28.88
CA ALA D 1057 14.20 1.38 -29.02
C ALA D 1057 14.57 1.70 -30.46
N LYS D 1058 14.68 0.67 -31.31
CA LYS D 1058 15.08 0.90 -32.70
C LYS D 1058 14.07 1.78 -33.44
N CYS D 1059 12.77 1.54 -33.22
CA CYS D 1059 11.74 2.25 -33.98
C CYS D 1059 11.60 3.71 -33.58
N LEU D 1060 12.46 4.23 -32.71
CA LEU D 1060 12.39 5.63 -32.30
C LEU D 1060 12.89 6.59 -33.37
N ASP D 1061 13.52 6.09 -34.42
CA ASP D 1061 14.10 6.94 -35.46
C ASP D 1061 13.22 7.06 -36.69
N ASN D 1062 11.97 6.61 -36.62
CA ASN D 1062 11.08 6.69 -37.77
C ASN D 1062 10.71 8.14 -38.05
N PRO D 1063 10.98 8.66 -39.25
CA PRO D 1063 10.62 10.05 -39.54
C PRO D 1063 9.12 10.32 -39.45
N ASP D 1064 8.28 9.35 -39.79
CA ASP D 1064 6.84 9.54 -39.73
C ASP D 1064 6.37 9.55 -38.28
N GLN D 1065 5.57 10.56 -37.91
CA GLN D 1065 5.08 10.65 -36.55
C GLN D 1065 4.10 9.52 -36.23
N GLY D 1066 3.23 9.18 -37.17
CA GLY D 1066 2.22 8.16 -36.91
C GLY D 1066 2.82 6.80 -36.66
N ILE D 1067 3.85 6.43 -37.43
CA ILE D 1067 4.49 5.13 -37.24
C ILE D 1067 5.15 5.06 -35.87
N SER D 1068 5.84 6.13 -35.47
CA SER D 1068 6.56 6.16 -34.20
C SER D 1068 5.65 6.43 -33.00
N ASP D 1069 4.39 6.78 -33.22
CA ASP D 1069 3.49 7.06 -32.10
C ASP D 1069 3.30 5.83 -31.22
N MET D 1070 3.20 4.64 -31.83
CA MET D 1070 3.03 3.43 -31.05
C MET D 1070 4.23 3.17 -30.16
N CYS D 1071 5.45 3.34 -30.70
CA CYS D 1071 6.65 3.18 -29.89
C CYS D 1071 6.72 4.24 -28.79
N ARG D 1072 6.34 5.48 -29.09
CA ARG D 1072 6.34 6.52 -28.08
C ARG D 1072 5.40 6.18 -26.94
N LEU D 1073 4.18 5.73 -27.25
CA LEU D 1073 3.24 5.36 -26.20
C LEU D 1073 3.75 4.15 -25.41
N PHE D 1074 4.35 3.17 -26.11
CA PHE D 1074 4.93 2.02 -25.43
C PHE D 1074 5.99 2.44 -24.42
N PHE D 1075 6.87 3.37 -24.81
CA PHE D 1075 7.94 3.78 -23.92
C PHE D 1075 7.44 4.70 -22.80
N THR D 1076 6.43 5.53 -23.06
CA THR D 1076 5.98 6.49 -22.05
C THR D 1076 4.98 5.90 -21.07
N GLU D 1077 4.29 4.81 -21.41
CA GLU D 1077 3.29 4.27 -20.50
C GLU D 1077 3.65 2.88 -19.99
N LEU D 1078 4.06 1.97 -20.87
CA LEU D 1078 4.38 0.61 -20.43
C LEU D 1078 5.73 0.56 -19.73
N ALA D 1079 6.79 0.91 -20.45
CA ALA D 1079 8.15 0.78 -19.93
C ALA D 1079 8.56 1.89 -18.98
N SER D 1080 7.79 2.99 -18.92
CA SER D 1080 8.16 4.08 -18.02
C SER D 1080 8.10 3.66 -16.57
N LYS D 1081 7.08 2.89 -16.19
CA LYS D 1081 6.95 2.42 -14.81
C LYS D 1081 7.89 1.25 -14.56
N ASP D 1082 8.07 0.94 -13.27
CA ASP D 1082 8.88 -0.14 -12.73
C ASP D 1082 10.38 0.07 -12.96
N ASN D 1083 10.78 1.14 -13.66
CA ASN D 1083 12.17 1.51 -13.90
C ASN D 1083 12.98 0.42 -14.59
N ALA D 1084 12.30 -0.58 -15.18
CA ALA D 1084 13.01 -1.69 -15.82
C ALA D 1084 13.92 -1.20 -16.94
N ILE D 1085 13.57 -0.07 -17.57
CA ILE D 1085 14.41 0.50 -18.61
C ILE D 1085 15.82 0.73 -18.08
N TYR D 1086 15.92 1.28 -16.86
CA TYR D 1086 17.23 1.47 -16.24
C TYR D 1086 17.98 0.14 -16.18
N ASN D 1087 17.31 -0.93 -15.73
CA ASN D 1087 17.96 -2.22 -15.61
C ASN D 1087 18.45 -2.74 -16.96
N GLY D 1088 17.91 -2.23 -18.05
CA GLY D 1088 18.38 -2.62 -19.37
C GLY D 1088 18.99 -1.47 -20.14
N PHE D 1089 19.08 -0.29 -19.50
CA PHE D 1089 19.52 0.92 -20.20
C PHE D 1089 20.84 0.69 -20.91
N ILE D 1090 21.88 0.34 -20.14
CA ILE D 1090 23.18 0.06 -20.74
C ILE D 1090 23.05 -1.05 -21.77
N ASP D 1091 22.26 -2.08 -21.45
CA ASP D 1091 22.02 -3.15 -22.42
C ASP D 1091 21.44 -2.59 -23.72
N ILE D 1092 20.46 -1.68 -23.59
CA ILE D 1092 19.94 -1.01 -24.78
C ILE D 1092 21.07 -0.32 -25.53
N PHE D 1093 21.91 0.42 -24.81
CA PHE D 1093 23.07 1.03 -25.44
C PHE D 1093 23.96 -0.03 -26.06
N SER D 1094 24.14 -1.15 -25.37
CA SER D 1094 24.89 -2.26 -25.94
C SER D 1094 24.30 -2.70 -27.27
N ASN D 1095 22.97 -2.78 -27.34
CA ASN D 1095 22.32 -3.12 -28.60
C ASN D 1095 22.69 -2.11 -29.69
N LEU D 1096 22.72 -0.83 -29.33
CA LEU D 1096 23.17 0.18 -30.28
C LEU D 1096 24.61 -0.09 -30.72
N SER D 1097 25.48 -0.45 -29.78
CA SER D 1097 26.84 -0.78 -30.13
C SER D 1097 26.92 -2.01 -31.03
N SER D 1098 25.87 -2.82 -31.06
CA SER D 1098 25.83 -3.96 -31.96
C SER D 1098 25.26 -3.62 -33.32
N ASP D 1099 24.62 -2.46 -33.49
CA ASP D 1099 24.02 -2.09 -34.76
C ASP D 1099 24.94 -1.21 -35.60
N ASP D 1100 25.30 -0.03 -35.09
CA ASP D 1100 26.13 0.93 -35.80
C ASP D 1100 25.56 1.25 -37.18
N LEU D 1101 24.24 1.35 -37.26
CA LEU D 1101 23.55 1.62 -38.52
C LEU D 1101 22.49 2.70 -38.45
N LEU D 1102 22.00 3.06 -37.27
CA LEU D 1102 20.94 4.06 -37.18
C LEU D 1102 21.42 5.43 -37.65
N GLY D 1103 22.65 5.80 -37.31
CA GLY D 1103 23.17 7.09 -37.65
C GLY D 1103 23.22 8.01 -36.45
N LYS D 1104 24.18 8.94 -36.47
CA LYS D 1104 24.39 9.82 -35.33
C LYS D 1104 23.20 10.75 -35.09
N GLU D 1105 22.59 11.25 -36.17
CA GLU D 1105 21.49 12.19 -36.03
C GLU D 1105 20.31 11.54 -35.31
N SER D 1106 20.00 10.28 -35.63
CA SER D 1106 18.98 9.56 -34.90
C SER D 1106 19.49 9.08 -33.55
N PHE D 1107 20.78 8.78 -33.45
CA PHE D 1107 21.35 8.29 -32.20
C PHE D 1107 21.21 9.31 -31.09
N LYS D 1108 21.47 10.59 -31.40
CA LYS D 1108 21.40 11.63 -30.37
C LYS D 1108 19.99 11.76 -29.81
N LYS D 1109 18.99 11.79 -30.69
CA LYS D 1109 17.60 11.93 -30.22
C LYS D 1109 17.13 10.67 -29.51
N ILE D 1110 17.57 9.49 -29.95
CA ILE D 1110 17.21 8.26 -29.25
C ILE D 1110 17.78 8.27 -27.85
N ILE D 1111 19.05 8.67 -27.72
CA ILE D 1111 19.69 8.75 -26.41
C ILE D 1111 18.98 9.76 -25.51
N LYS D 1112 18.61 10.91 -26.07
CA LYS D 1112 17.91 11.91 -25.27
C LYS D 1112 16.56 11.40 -24.78
N PHE D 1113 15.81 10.75 -25.67
CA PHE D 1113 14.49 10.26 -25.31
C PHE D 1113 14.58 9.10 -24.33
N LEU D 1114 15.68 8.34 -24.37
CA LEU D 1114 15.86 7.27 -23.40
C LEU D 1114 16.29 7.83 -22.04
N LEU D 1115 17.14 8.87 -22.04
CA LEU D 1115 17.64 9.41 -20.79
C LEU D 1115 16.60 10.26 -20.08
N THR D 1116 15.65 10.85 -20.81
CA THR D 1116 14.63 11.67 -20.17
C THR D 1116 13.67 10.86 -19.31
N PHE D 1117 13.71 9.52 -19.42
CA PHE D 1117 12.80 8.67 -18.67
C PHE D 1117 13.28 8.36 -17.25
N ILE D 1118 14.52 8.71 -16.90
CA ILE D 1118 15.06 8.30 -15.61
C ILE D 1118 14.33 9.01 -14.47
N ASP D 1119 14.49 10.34 -14.40
CA ASP D 1119 13.82 11.17 -13.40
C ASP D 1119 14.03 10.63 -11.99
N LYS D 1120 15.25 10.17 -11.70
CA LYS D 1120 15.60 9.61 -10.41
C LYS D 1120 16.78 10.36 -9.81
N GLU D 1121 16.71 10.63 -8.51
CA GLU D 1121 17.75 11.40 -7.85
C GLU D 1121 19.01 10.61 -7.58
N ARG D 1122 18.95 9.27 -7.64
CA ARG D 1122 20.11 8.44 -7.31
C ARG D 1122 20.62 7.62 -8.50
N HIS D 1123 19.73 7.22 -9.42
CA HIS D 1123 20.15 6.31 -10.48
C HIS D 1123 21.01 7.00 -11.53
N GLN D 1124 20.82 8.31 -11.74
CA GLN D 1124 21.66 9.02 -12.68
C GLN D 1124 23.12 9.04 -12.23
N LYS D 1125 23.34 9.18 -10.92
CA LYS D 1125 24.71 9.14 -10.40
C LYS D 1125 25.37 7.79 -10.69
N GLN D 1126 24.67 6.69 -10.39
CA GLN D 1126 25.22 5.37 -10.62
C GLN D 1126 25.48 5.14 -12.11
N LEU D 1127 24.56 5.60 -12.96
CA LEU D 1127 24.81 5.55 -14.40
C LEU D 1127 26.04 6.37 -14.78
N ASN D 1128 26.29 7.46 -14.05
CA ASN D 1128 27.48 8.27 -14.31
C ASN D 1128 28.75 7.50 -13.98
N GLU D 1129 28.80 6.81 -12.83
CA GLU D 1129 29.99 5.99 -12.57
C GLU D 1129 30.10 4.83 -13.55
N LYS D 1130 28.97 4.30 -14.02
CA LYS D 1130 29.03 3.26 -15.05
C LYS D 1130 29.66 3.80 -16.33
N LEU D 1131 29.27 5.01 -16.74
CA LEU D 1131 29.89 5.64 -17.91
C LEU D 1131 31.38 5.90 -17.67
N VAL D 1132 31.73 6.33 -16.46
CA VAL D 1132 33.13 6.57 -16.13
C VAL D 1132 33.95 5.28 -16.27
N GLY D 1133 33.40 4.18 -15.75
CA GLY D 1133 34.10 2.90 -15.88
C GLY D 1133 34.20 2.44 -17.32
N ARG D 1134 33.16 2.69 -18.12
CA ARG D 1134 33.20 2.30 -19.52
C ARG D 1134 34.16 3.17 -20.33
N LEU D 1135 34.40 4.41 -19.88
CA LEU D 1135 35.29 5.31 -20.59
C LEU D 1135 36.72 4.81 -20.64
N ARG D 1136 37.10 3.90 -19.74
CA ARG D 1136 38.48 3.41 -19.72
C ARG D 1136 38.81 2.59 -20.96
N LYS D 1137 37.80 2.01 -21.61
CA LYS D 1137 38.07 1.19 -22.79
C LYS D 1137 38.64 2.03 -23.93
N CYS D 1138 37.97 3.14 -24.27
CA CYS D 1138 38.37 4.09 -25.31
C CYS D 1138 38.90 3.40 -26.56
N GLU D 1139 38.28 2.28 -26.95
CA GLU D 1139 38.77 1.52 -28.10
C GLU D 1139 38.49 2.23 -29.41
N THR D 1140 37.31 2.84 -29.54
CA THR D 1140 36.89 3.47 -30.78
C THR D 1140 36.44 4.90 -30.52
N GLN D 1141 36.76 5.80 -31.45
CA GLN D 1141 36.31 7.19 -31.32
C GLN D 1141 34.80 7.28 -31.35
N LYS D 1142 34.15 6.48 -32.19
CA LYS D 1142 32.69 6.44 -32.19
C LYS D 1142 32.16 5.96 -30.85
N GLN D 1143 32.78 4.92 -30.28
CA GLN D 1143 32.41 4.48 -28.95
C GLN D 1143 32.71 5.55 -27.91
N TRP D 1144 33.76 6.34 -28.12
CA TRP D 1144 34.09 7.41 -27.18
C TRP D 1144 33.00 8.48 -27.17
N ASP D 1145 32.57 8.93 -28.35
CA ASP D 1145 31.54 9.95 -28.42
C ASP D 1145 30.14 9.41 -28.12
N ASP D 1146 29.95 8.10 -28.22
CA ASP D 1146 28.65 7.52 -27.87
C ASP D 1146 28.38 7.62 -26.37
N ILE D 1147 29.43 7.64 -25.55
CA ILE D 1147 29.29 7.77 -24.11
C ILE D 1147 29.69 9.17 -23.64
N ALA D 1148 29.65 10.15 -24.55
CA ALA D 1148 29.97 11.54 -24.22
C ALA D 1148 28.75 12.44 -24.26
N PHE D 1149 27.88 12.30 -25.26
CA PHE D 1149 26.67 13.10 -25.34
C PHE D 1149 25.67 12.74 -24.25
N VAL D 1150 25.80 11.57 -23.64
CA VAL D 1150 24.92 11.17 -22.55
C VAL D 1150 25.08 12.12 -21.36
N LEU D 1151 26.33 12.48 -21.04
CA LEU D 1151 26.55 13.41 -19.94
C LEU D 1151 26.01 14.80 -20.27
N ASN D 1152 26.11 15.21 -21.54
CA ASN D 1152 25.51 16.47 -21.95
C ASN D 1152 24.00 16.44 -21.76
N ASN D 1153 23.37 15.30 -22.09
CA ASN D 1153 21.96 15.13 -21.78
C ASN D 1153 21.72 15.05 -20.29
N LEU D 1154 22.63 14.42 -19.56
CA LEU D 1154 22.45 14.18 -18.14
C LEU D 1154 22.57 15.48 -17.36
N PRO D 1155 21.55 15.87 -16.58
CA PRO D 1155 21.66 17.11 -15.78
C PRO D 1155 22.71 17.05 -14.69
N TYR D 1156 23.11 15.86 -14.25
CA TYR D 1156 24.07 15.71 -13.16
C TYR D 1156 25.46 15.49 -13.72
N LYS D 1157 26.44 16.20 -13.17
CA LYS D 1157 27.82 16.10 -13.62
C LYS D 1157 28.75 16.29 -12.44
N ASN D 1158 29.99 15.85 -12.60
CA ASN D 1158 31.01 15.95 -11.57
C ASN D 1158 32.25 16.62 -12.15
N GLU D 1159 32.98 17.33 -11.29
CA GLU D 1159 34.18 18.03 -11.72
C GLU D 1159 35.26 17.05 -12.21
N ASP D 1160 35.45 15.95 -11.49
CA ASP D 1160 36.45 14.97 -11.91
C ASP D 1160 36.08 14.34 -13.25
N VAL D 1161 34.80 14.02 -13.45
CA VAL D 1161 34.37 13.45 -14.72
C VAL D 1161 34.50 14.47 -15.84
N THR D 1162 34.22 15.74 -15.55
CA THR D 1162 34.41 16.78 -16.56
C THR D 1162 35.87 16.92 -16.94
N ALA D 1163 36.77 16.84 -15.95
CA ALA D 1163 38.20 16.88 -16.25
C ALA D 1163 38.62 15.67 -17.08
N LEU D 1164 38.08 14.49 -16.76
CA LEU D 1164 38.39 13.30 -17.55
C LEU D 1164 37.92 13.45 -19.00
N LEU D 1165 36.73 14.02 -19.20
CA LEU D 1165 36.25 14.27 -20.55
C LEU D 1165 37.15 15.28 -21.26
N GLU D 1166 37.56 16.33 -20.56
CA GLU D 1166 38.43 17.34 -21.18
C GLU D 1166 39.79 16.75 -21.54
N GLN D 1167 40.25 15.75 -20.80
CA GLN D 1167 41.52 15.09 -21.13
C GLN D 1167 41.45 14.42 -22.49
N GLY D 1168 40.34 13.74 -22.78
CA GLY D 1168 40.16 13.07 -24.05
C GLY D 1168 40.72 11.65 -24.07
PB ADP G . 4.18 -20.98 2.65
O1B ADP G . 3.23 -20.74 3.81
O2B ADP G . 5.58 -20.46 2.87
O3B ADP G . 4.12 -22.38 2.09
PA ADP G . 3.35 -18.49 1.70
O1A ADP G . 2.15 -18.33 2.61
O2A ADP G . 4.66 -17.84 2.05
O3A ADP G . 3.59 -20.06 1.48
O5' ADP G . 2.93 -17.99 0.23
C5' ADP G . 2.68 -16.61 -0.02
C4' ADP G . 2.17 -16.45 -1.45
O4' ADP G . 1.77 -15.10 -1.67
C3' ADP G . 3.26 -16.78 -2.47
O3' ADP G . 2.93 -17.98 -3.16
C2' ADP G . 3.28 -15.61 -3.43
O2' ADP G . 3.03 -16.06 -4.76
C1' ADP G . 2.18 -14.67 -2.97
N9 ADP G . 2.68 -13.28 -2.91
C8 ADP G . 3.42 -12.75 -1.92
N7 ADP G . 3.72 -11.44 -2.18
C5 ADP G . 3.16 -11.14 -3.37
C6 ADP G . 3.09 -9.94 -4.25
N6 ADP G . 3.68 -8.78 -3.89
N1 ADP G . 2.41 -10.05 -5.40
C2 ADP G . 1.82 -11.20 -5.77
N3 ADP G . 1.85 -12.33 -5.03
C4 ADP G . 2.49 -12.35 -3.85
BE BEF H . 6.49 -23.01 3.15
F1 BEF H . 7.61 -23.67 3.97
F2 BEF H . 6.97 -22.46 1.77
F3 BEF H . 5.34 -24.00 2.87
MG MG I . 5.85 -19.68 4.76
PB ADP J . 21.11 -34.20 14.55
O1B ADP J . 20.43 -32.92 14.96
O2B ADP J . 20.30 -35.45 14.82
O3B ADP J . 21.77 -34.16 13.19
PA ADP J . 23.62 -33.34 15.50
O1A ADP J . 23.10 -31.92 15.39
O2A ADP J . 24.60 -33.88 14.48
O3A ADP J . 22.35 -34.33 15.57
O5' ADP J . 24.24 -33.53 16.97
C5' ADP J . 24.83 -32.44 17.68
C4' ADP J . 25.20 -32.91 19.08
O4' ADP J . 26.52 -33.46 19.08
C3' ADP J . 25.19 -31.77 20.08
O3' ADP J . 24.05 -31.89 20.94
C2' ADP J . 26.47 -31.93 20.89
O2' ADP J . 26.15 -32.18 22.26
C1' ADP J . 27.18 -33.13 20.30
N9 ADP J . 28.61 -32.78 20.04
C8 ADP J . 29.07 -32.05 19.00
N7 ADP J . 30.42 -31.92 19.05
C5 ADP J . 30.84 -32.56 20.16
C6 ADP J . 32.15 -32.81 20.82
N6 ADP J . 33.30 -32.32 20.29
N1 ADP J . 32.15 -33.54 21.95
C2 ADP J . 31.01 -34.02 22.49
N3 ADP J . 29.80 -33.83 21.95
C4 ADP J . 29.64 -33.13 20.81
BE BEF K . 18.63 -32.29 13.38
F1 BEF K . 19.86 -31.43 13.05
F2 BEF K . 17.40 -32.00 12.48
F3 BEF K . 18.19 -32.09 14.84
MG MG L . 21.36 -31.95 11.78
#